data_8QAJ
#
_entry.id   8QAJ
#
_entity_poly.entity_id   1
_entity_poly.type   'polypeptide(L)'
_entity_poly.pdbx_seq_one_letter_code
;GSHMKYEKTLDLASVDLRKMRVAELKQILHSWGEECRACAEKTDYVNLIQELAPKYAATHPKTEL
;
_entity_poly.pdbx_strand_id   A
#
# COMPACT_ATOMS: atom_id res chain seq x y z
N GLY A 1 8.60 -7.15 -26.66
CA GLY A 1 8.20 -6.12 -27.62
C GLY A 1 9.06 -4.89 -27.44
N SER A 2 8.44 -3.72 -27.19
CA SER A 2 9.14 -2.44 -26.95
C SER A 2 8.52 -1.59 -25.84
N HIS A 3 7.27 -1.83 -25.45
CA HIS A 3 6.60 -1.11 -24.34
C HIS A 3 5.45 -1.93 -23.74
N MET A 4 5.33 -1.92 -22.42
CA MET A 4 4.18 -2.43 -21.66
C MET A 4 3.92 -1.58 -20.39
N LYS A 5 2.64 -1.47 -20.01
CA LYS A 5 2.17 -0.70 -18.84
C LYS A 5 2.43 -1.38 -17.49
N TYR A 6 2.46 -0.58 -16.42
CA TYR A 6 2.45 -1.00 -15.02
C TYR A 6 1.51 -0.12 -14.18
N GLU A 7 0.97 -0.66 -13.08
CA GLU A 7 0.16 0.10 -12.13
C GLU A 7 0.98 0.93 -11.13
N LYS A 8 0.46 2.09 -10.73
CA LYS A 8 1.11 3.08 -9.85
C LYS A 8 0.16 3.65 -8.77
N THR A 9 -0.86 2.85 -8.42
CA THR A 9 -1.85 3.11 -7.36
C THR A 9 -1.18 3.19 -5.99
N LEU A 10 -1.20 4.37 -5.37
CA LEU A 10 -0.81 4.62 -3.96
C LEU A 10 -1.80 5.54 -3.22
N ASP A 11 -2.88 5.99 -3.85
CA ASP A 11 -4.00 6.66 -3.19
C ASP A 11 -4.91 5.61 -2.52
N LEU A 12 -4.61 5.22 -1.28
CA LEU A 12 -5.26 4.09 -0.60
C LEU A 12 -6.78 4.26 -0.43
N ALA A 13 -7.30 5.49 -0.33
CA ALA A 13 -8.75 5.73 -0.20
C ALA A 13 -9.56 5.35 -1.46
N SER A 14 -8.90 5.20 -2.60
CA SER A 14 -9.49 4.87 -3.91
C SER A 14 -9.82 3.38 -4.09
N VAL A 15 -9.10 2.46 -3.42
CA VAL A 15 -9.13 1.02 -3.70
C VAL A 15 -9.09 0.14 -2.43
N ASP A 16 -9.98 -0.85 -2.33
CA ASP A 16 -10.02 -1.75 -1.18
C ASP A 16 -8.92 -2.82 -1.22
N LEU A 17 -7.97 -2.73 -0.28
CA LEU A 17 -6.86 -3.66 -0.09
C LEU A 17 -7.32 -5.13 0.03
N ARG A 18 -8.56 -5.38 0.51
CA ARG A 18 -9.15 -6.72 0.62
C ARG A 18 -9.50 -7.35 -0.74
N LYS A 19 -9.82 -6.53 -1.76
CA LYS A 19 -10.30 -6.98 -3.08
C LYS A 19 -9.17 -7.06 -4.11
N MET A 20 -8.11 -6.31 -3.90
CA MET A 20 -6.83 -6.41 -4.61
C MET A 20 -6.22 -7.83 -4.51
N ARG A 21 -5.32 -8.19 -5.43
CA ARG A 21 -4.51 -9.41 -5.38
C ARG A 21 -3.19 -9.21 -4.63
N VAL A 22 -2.59 -10.27 -4.08
CA VAL A 22 -1.33 -10.15 -3.33
C VAL A 22 -0.18 -9.59 -4.18
N ALA A 23 -0.14 -9.94 -5.47
CA ALA A 23 0.82 -9.37 -6.42
C ALA A 23 0.73 -7.84 -6.55
N GLU A 24 -0.50 -7.30 -6.53
CA GLU A 24 -0.77 -5.85 -6.64
C GLU A 24 -0.37 -5.12 -5.35
N LEU A 25 -0.69 -5.73 -4.21
CA LEU A 25 -0.38 -5.23 -2.87
C LEU A 25 1.14 -5.26 -2.58
N LYS A 26 1.88 -6.28 -3.02
CA LYS A 26 3.35 -6.34 -2.92
C LYS A 26 4.02 -5.12 -3.55
N GLN A 27 3.50 -4.65 -4.69
CA GLN A 27 4.04 -3.46 -5.37
C GLN A 27 3.86 -2.14 -4.58
N ILE A 28 2.87 -2.07 -3.67
CA ILE A 28 2.75 -0.95 -2.72
C ILE A 28 3.97 -0.96 -1.77
N LEU A 29 4.28 -2.11 -1.16
CA LEU A 29 5.46 -2.27 -0.29
C LEU A 29 6.77 -2.00 -1.03
N HIS A 30 6.95 -2.52 -2.25
CA HIS A 30 8.12 -2.23 -3.11
C HIS A 30 8.30 -0.74 -3.41
N SER A 31 7.20 0.01 -3.59
CA SER A 31 7.25 1.46 -3.81
C SER A 31 7.68 2.23 -2.54
N TRP A 32 7.38 1.69 -1.35
CA TRP A 32 7.81 2.21 -0.05
C TRP A 32 9.14 1.61 0.48
N GLY A 33 9.79 0.73 -0.29
CA GLY A 33 11.05 0.08 0.09
C GLY A 33 10.91 -0.95 1.23
N GLU A 34 9.70 -1.46 1.46
CA GLU A 34 9.36 -2.40 2.54
C GLU A 34 9.19 -3.85 2.05
N GLU A 35 9.28 -4.79 2.99
CA GLU A 35 8.94 -6.20 2.81
C GLU A 35 8.39 -6.78 4.12
N CYS A 36 7.81 -7.98 4.08
CA CYS A 36 7.33 -8.70 5.25
C CYS A 36 7.57 -10.21 5.14
N ARG A 37 8.73 -10.64 5.64
CA ARG A 37 9.19 -12.04 5.57
C ARG A 37 8.26 -13.00 6.34
N ALA A 38 7.60 -12.51 7.39
CA ALA A 38 6.58 -13.23 8.15
C ALA A 38 5.19 -13.31 7.48
N CYS A 39 4.93 -12.57 6.39
CA CYS A 39 3.64 -12.64 5.69
C CYS A 39 3.44 -14.02 5.05
N ALA A 40 2.38 -14.72 5.44
CA ALA A 40 2.03 -16.04 4.90
C ALA A 40 0.85 -15.99 3.90
N GLU A 41 -0.07 -15.02 4.08
CA GLU A 41 -1.30 -14.85 3.31
C GLU A 41 -1.51 -13.39 2.88
N LYS A 42 -2.39 -13.14 1.90
CA LYS A 42 -2.68 -11.78 1.40
C LYS A 42 -3.02 -10.79 2.52
N THR A 43 -3.84 -11.22 3.47
CA THR A 43 -4.29 -10.38 4.60
C THR A 43 -3.14 -9.86 5.46
N ASP A 44 -2.02 -10.57 5.54
CA ASP A 44 -0.83 -10.07 6.25
C ASP A 44 -0.20 -8.83 5.58
N TYR A 45 -0.18 -8.78 4.25
CA TYR A 45 0.22 -7.59 3.49
C TYR A 45 -0.80 -6.46 3.69
N VAL A 46 -2.10 -6.78 3.65
CA VAL A 46 -3.20 -5.81 3.90
C VAL A 46 -3.05 -5.15 5.27
N ASN A 47 -2.94 -5.95 6.33
CA ASN A 47 -2.77 -5.46 7.71
C ASN A 47 -1.54 -4.56 7.88
N LEU A 48 -0.46 -4.85 7.15
CA LEU A 48 0.71 -3.99 7.10
C LEU A 48 0.38 -2.66 6.44
N ILE A 49 -0.07 -2.69 5.19
CA ILE A 49 -0.36 -1.49 4.41
C ILE A 49 -1.29 -0.56 5.18
N GLN A 50 -2.26 -1.12 5.90
CA GLN A 50 -3.23 -0.32 6.64
C GLN A 50 -2.57 0.59 7.70
N GLU A 51 -1.44 0.17 8.29
CA GLU A 51 -0.62 0.97 9.21
C GLU A 51 0.46 1.80 8.52
N LEU A 52 0.93 1.36 7.34
CA LEU A 52 1.89 2.10 6.53
C LEU A 52 1.22 3.23 5.72
N ALA A 53 -0.10 3.17 5.50
CA ALA A 53 -0.85 4.22 4.83
C ALA A 53 -0.72 5.59 5.53
N PRO A 54 -1.04 5.75 6.83
CA PRO A 54 -0.86 7.04 7.51
C PRO A 54 0.63 7.41 7.69
N LYS A 55 1.55 6.47 7.47
CA LYS A 55 3.00 6.65 7.50
C LYS A 55 3.52 7.33 6.22
N TYR A 56 3.04 6.92 5.05
CA TYR A 56 3.55 7.35 3.73
C TYR A 56 2.57 8.15 2.84
N ALA A 57 1.29 8.28 3.22
CA ALA A 57 0.24 8.93 2.42
C ALA A 57 -0.35 10.22 3.04
N ALA A 58 -0.29 10.35 4.37
CA ALA A 58 -0.77 11.53 5.09
C ALA A 58 0.13 12.77 4.82
N THR A 59 -0.39 13.99 4.93
CA THR A 59 0.42 15.22 4.88
C THR A 59 0.95 15.62 6.26
N HIS A 60 0.24 15.23 7.33
CA HIS A 60 0.68 15.38 8.72
C HIS A 60 1.30 14.07 9.26
N PRO A 61 2.21 14.11 10.24
CA PRO A 61 2.74 12.91 10.90
C PRO A 61 1.65 12.15 11.68
N LYS A 62 1.87 10.85 11.92
CA LYS A 62 1.03 10.02 12.81
C LYS A 62 1.47 10.10 14.27
N THR A 63 0.58 9.73 15.20
CA THR A 63 0.86 9.64 16.65
C THR A 63 0.26 8.39 17.28
N GLU A 64 0.99 7.77 18.21
CA GLU A 64 0.66 6.50 18.87
C GLU A 64 1.45 6.31 20.19
N LEU A 65 1.34 5.11 20.79
CA LEU A 65 2.15 4.63 21.92
C LEU A 65 2.54 3.15 21.77
N GLY A 1 19.88 -1.06 -9.35
CA GLY A 1 18.61 -1.76 -9.60
C GLY A 1 18.01 -1.32 -10.92
N SER A 2 17.16 -0.28 -10.93
CA SER A 2 16.52 0.27 -12.14
C SER A 2 15.99 1.70 -11.95
N HIS A 3 15.94 2.49 -13.03
CA HIS A 3 15.45 3.88 -13.05
C HIS A 3 13.94 3.97 -12.75
N MET A 4 13.49 5.08 -12.14
CA MET A 4 12.10 5.30 -11.73
C MET A 4 11.55 6.69 -12.12
N LYS A 5 10.24 6.76 -12.37
CA LYS A 5 9.51 8.00 -12.74
C LYS A 5 9.61 9.10 -11.69
N TYR A 6 9.34 10.35 -12.10
CA TYR A 6 9.60 11.56 -11.31
C TYR A 6 8.62 11.79 -10.14
N GLU A 7 7.39 11.28 -10.23
CA GLU A 7 6.34 11.41 -9.21
C GLU A 7 5.34 10.22 -9.23
N LYS A 8 5.08 9.62 -8.06
CA LYS A 8 4.13 8.52 -7.86
C LYS A 8 3.42 8.61 -6.49
N THR A 9 2.21 8.07 -6.37
CA THR A 9 1.34 8.21 -5.20
C THR A 9 0.44 6.98 -5.00
N LEU A 10 -0.13 6.84 -3.79
CA LEU A 10 -1.00 5.75 -3.38
C LEU A 10 -2.27 6.31 -2.71
N ASP A 11 -3.45 5.85 -3.09
CA ASP A 11 -4.75 6.26 -2.55
C ASP A 11 -5.46 5.11 -1.80
N LEU A 12 -4.94 4.75 -0.62
CA LEU A 12 -5.32 3.54 0.14
C LEU A 12 -6.79 3.53 0.63
N ALA A 13 -7.48 4.67 0.65
CA ALA A 13 -8.92 4.75 0.91
C ALA A 13 -9.77 4.53 -0.36
N SER A 14 -9.21 4.73 -1.55
CA SER A 14 -9.92 4.66 -2.84
C SER A 14 -9.94 3.24 -3.42
N VAL A 15 -8.79 2.56 -3.41
CA VAL A 15 -8.68 1.14 -3.81
C VAL A 15 -8.90 0.20 -2.62
N ASP A 16 -9.69 -0.86 -2.77
CA ASP A 16 -9.95 -1.83 -1.69
C ASP A 16 -8.80 -2.86 -1.58
N LEU A 17 -8.01 -2.72 -0.51
CA LEU A 17 -6.86 -3.59 -0.21
C LEU A 17 -7.25 -5.08 -0.18
N ARG A 18 -8.48 -5.39 0.21
CA ARG A 18 -9.02 -6.77 0.29
C ARG A 18 -9.31 -7.39 -1.09
N LYS A 19 -9.52 -6.59 -2.14
CA LYS A 19 -9.95 -7.02 -3.48
C LYS A 19 -8.82 -7.05 -4.51
N MET A 20 -7.79 -6.24 -4.29
CA MET A 20 -6.51 -6.31 -5.01
C MET A 20 -5.94 -7.74 -5.02
N ARG A 21 -5.12 -8.11 -6.02
CA ARG A 21 -4.34 -9.37 -5.99
C ARG A 21 -3.08 -9.19 -5.14
N VAL A 22 -2.50 -10.25 -4.58
CA VAL A 22 -1.35 -10.09 -3.65
C VAL A 22 -0.13 -9.43 -4.31
N ALA A 23 0.08 -9.66 -5.61
CA ALA A 23 1.10 -8.96 -6.39
C ALA A 23 0.89 -7.44 -6.44
N GLU A 24 -0.36 -6.99 -6.58
CA GLU A 24 -0.73 -5.58 -6.65
C GLU A 24 -0.49 -4.88 -5.30
N LEU A 25 -0.77 -5.59 -4.20
CA LEU A 25 -0.51 -5.17 -2.83
C LEU A 25 0.98 -5.18 -2.48
N LYS A 26 1.72 -6.23 -2.86
CA LYS A 26 3.18 -6.30 -2.72
C LYS A 26 3.87 -5.15 -3.46
N GLN A 27 3.36 -4.75 -4.63
CA GLN A 27 3.85 -3.57 -5.35
C GLN A 27 3.65 -2.22 -4.61
N ILE A 28 2.75 -2.14 -3.61
CA ILE A 28 2.69 -0.98 -2.73
C ILE A 28 3.93 -0.98 -1.82
N LEU A 29 4.23 -2.12 -1.17
CA LEU A 29 5.42 -2.28 -0.34
C LEU A 29 6.72 -2.11 -1.14
N HIS A 30 6.80 -2.65 -2.36
CA HIS A 30 8.00 -2.55 -3.21
C HIS A 30 8.29 -1.11 -3.64
N SER A 31 7.24 -0.32 -3.90
CA SER A 31 7.35 1.13 -4.16
C SER A 31 7.77 1.92 -2.90
N TRP A 32 7.30 1.51 -1.73
CA TRP A 32 7.68 2.07 -0.42
C TRP A 32 9.04 1.58 0.13
N GLY A 33 9.66 0.58 -0.48
CA GLY A 33 10.90 -0.04 0.04
C GLY A 33 10.65 -0.85 1.33
N GLU A 34 9.58 -1.64 1.37
CA GLU A 34 9.12 -2.42 2.53
C GLU A 34 9.01 -3.92 2.24
N GLU A 35 9.07 -4.74 3.29
CA GLU A 35 8.96 -6.20 3.24
C GLU A 35 8.50 -6.78 4.59
N CYS A 36 8.00 -8.02 4.60
CA CYS A 36 7.51 -8.73 5.79
C CYS A 36 7.70 -10.26 5.71
N ARG A 37 8.74 -10.77 6.38
CA ARG A 37 9.09 -12.20 6.47
C ARG A 37 8.01 -13.06 7.13
N ALA A 38 7.26 -12.49 8.07
CA ALA A 38 6.10 -13.13 8.72
C ALA A 38 4.82 -13.16 7.86
N CYS A 39 4.75 -12.43 6.73
CA CYS A 39 3.58 -12.45 5.87
C CYS A 39 3.43 -13.81 5.14
N ALA A 40 2.26 -14.42 5.28
CA ALA A 40 1.96 -15.76 4.76
C ALA A 40 0.69 -15.82 3.88
N GLU A 41 -0.16 -14.80 3.90
CA GLU A 41 -1.40 -14.70 3.12
C GLU A 41 -1.64 -13.25 2.66
N LYS A 42 -2.56 -13.04 1.71
CA LYS A 42 -2.92 -11.71 1.19
C LYS A 42 -3.27 -10.71 2.31
N THR A 43 -4.04 -11.12 3.32
CA THR A 43 -4.42 -10.23 4.43
C THR A 43 -3.22 -9.81 5.30
N ASP A 44 -2.13 -10.61 5.39
CA ASP A 44 -0.94 -10.17 6.12
C ASP A 44 -0.25 -8.97 5.45
N TYR A 45 -0.35 -8.84 4.12
CA TYR A 45 0.07 -7.64 3.39
C TYR A 45 -0.91 -6.47 3.60
N VAL A 46 -2.23 -6.73 3.57
CA VAL A 46 -3.25 -5.72 3.88
C VAL A 46 -3.03 -5.11 5.27
N ASN A 47 -2.85 -5.95 6.29
CA ASN A 47 -2.55 -5.56 7.67
C ASN A 47 -1.30 -4.68 7.80
N LEU A 48 -0.27 -4.92 6.97
CA LEU A 48 0.92 -4.08 6.91
C LEU A 48 0.58 -2.72 6.31
N ILE A 49 0.05 -2.73 5.08
CA ILE A 49 -0.28 -1.50 4.35
C ILE A 49 -1.16 -0.59 5.20
N GLN A 50 -2.11 -1.15 5.95
CA GLN A 50 -3.03 -0.35 6.76
C GLN A 50 -2.33 0.52 7.82
N GLU A 51 -1.16 0.11 8.32
CA GLU A 51 -0.33 0.84 9.31
C GLU A 51 0.72 1.75 8.65
N LEU A 52 1.16 1.38 7.44
CA LEU A 52 2.14 2.12 6.64
C LEU A 52 1.47 3.17 5.74
N ALA A 53 0.17 3.08 5.51
CA ALA A 53 -0.61 4.07 4.77
C ALA A 53 -0.48 5.50 5.34
N PRO A 54 -0.77 5.76 6.63
CA PRO A 54 -0.60 7.09 7.21
C PRO A 54 0.87 7.56 7.30
N LYS A 55 1.81 6.63 7.12
CA LYS A 55 3.27 6.82 7.14
C LYS A 55 3.76 7.42 5.81
N TYR A 56 3.33 6.85 4.68
CA TYR A 56 3.77 7.23 3.32
C TYR A 56 2.74 8.06 2.52
N ALA A 57 1.46 8.07 2.89
CA ALA A 57 0.43 8.97 2.38
C ALA A 57 0.11 10.08 3.41
N ALA A 58 -0.64 11.11 3.01
CA ALA A 58 -0.96 12.23 3.90
C ALA A 58 -1.94 11.85 5.04
N THR A 59 -2.81 10.85 4.83
CA THR A 59 -3.93 10.49 5.74
C THR A 59 -4.09 8.98 5.94
N HIS A 60 -4.85 8.57 6.97
CA HIS A 60 -5.24 7.17 7.22
C HIS A 60 -6.32 6.66 6.23
N PRO A 61 -6.39 5.34 5.95
CA PRO A 61 -7.38 4.78 5.00
C PRO A 61 -8.80 4.62 5.58
N LYS A 62 -8.95 4.46 6.91
CA LYS A 62 -10.22 4.43 7.66
C LYS A 62 -11.28 3.44 7.11
N THR A 63 -10.80 2.34 6.52
CA THR A 63 -11.62 1.28 5.91
C THR A 63 -12.06 0.20 6.92
N GLU A 64 -11.41 0.14 8.10
CA GLU A 64 -11.82 -0.70 9.24
C GLU A 64 -12.86 0.00 10.15
N LEU A 65 -13.66 -0.79 10.87
CA LEU A 65 -14.75 -0.32 11.74
C LEU A 65 -14.87 -1.12 13.05
N GLY A 1 11.99 -3.35 -23.25
CA GLY A 1 11.58 -2.91 -21.92
C GLY A 1 12.56 -1.90 -21.36
N SER A 2 12.21 -0.62 -21.44
CA SER A 2 13.03 0.51 -21.00
C SER A 2 13.19 0.62 -19.47
N HIS A 3 14.07 1.55 -19.05
CA HIS A 3 14.27 1.95 -17.66
C HIS A 3 13.35 3.10 -17.21
N MET A 4 12.45 3.62 -18.06
CA MET A 4 11.63 4.80 -17.76
C MET A 4 10.63 4.58 -16.61
N LYS A 5 10.52 5.56 -15.69
CA LYS A 5 9.59 5.57 -14.54
C LYS A 5 9.03 6.97 -14.27
N TYR A 6 7.72 7.09 -14.06
CA TYR A 6 7.06 8.33 -13.62
C TYR A 6 6.33 8.13 -12.28
N GLU A 7 6.42 9.12 -11.40
CA GLU A 7 5.96 9.05 -10.01
C GLU A 7 4.46 9.38 -9.86
N LYS A 8 3.79 8.75 -8.88
CA LYS A 8 2.40 9.06 -8.48
C LYS A 8 2.12 8.77 -7.00
N THR A 9 1.11 9.43 -6.43
CA THR A 9 0.59 9.09 -5.09
C THR A 9 -0.14 7.74 -5.10
N LEU A 10 -0.08 7.01 -3.99
CA LEU A 10 -0.85 5.78 -3.74
C LEU A 10 -2.31 6.10 -3.36
N ASP A 11 -3.26 5.28 -3.82
CA ASP A 11 -4.71 5.54 -3.73
C ASP A 11 -5.39 4.79 -2.56
N LEU A 12 -4.73 4.61 -1.40
CA LEU A 12 -5.21 3.71 -0.32
C LEU A 12 -6.64 4.01 0.18
N ALA A 13 -7.08 5.28 0.14
CA ALA A 13 -8.44 5.67 0.52
C ALA A 13 -9.53 5.30 -0.51
N SER A 14 -9.13 4.88 -1.71
CA SER A 14 -9.99 4.60 -2.87
C SER A 14 -9.92 3.14 -3.33
N VAL A 15 -8.73 2.53 -3.38
CA VAL A 15 -8.57 1.13 -3.79
C VAL A 15 -8.88 0.16 -2.64
N ASP A 16 -9.58 -0.94 -2.92
CA ASP A 16 -9.85 -1.96 -1.90
C ASP A 16 -8.70 -2.97 -1.79
N LEU A 17 -7.89 -2.82 -0.72
CA LEU A 17 -6.78 -3.70 -0.37
C LEU A 17 -7.19 -5.18 -0.26
N ARG A 18 -8.39 -5.47 0.25
CA ARG A 18 -8.91 -6.83 0.45
C ARG A 18 -9.31 -7.53 -0.85
N LYS A 19 -9.49 -6.76 -1.94
CA LYS A 19 -9.92 -7.27 -3.26
C LYS A 19 -8.80 -7.24 -4.31
N MET A 20 -7.80 -6.38 -4.13
CA MET A 20 -6.54 -6.39 -4.89
C MET A 20 -5.84 -7.75 -4.81
N ARG A 21 -5.10 -8.14 -5.86
CA ARG A 21 -4.31 -9.39 -5.86
C ARG A 21 -3.06 -9.24 -4.98
N VAL A 22 -2.56 -10.33 -4.36
CA VAL A 22 -1.43 -10.22 -3.39
C VAL A 22 -0.16 -9.68 -4.04
N ALA A 23 0.10 -9.99 -5.31
CA ALA A 23 1.17 -9.39 -6.09
C ALA A 23 1.05 -7.85 -6.18
N GLU A 24 -0.15 -7.33 -6.43
CA GLU A 24 -0.38 -5.88 -6.54
C GLU A 24 -0.24 -5.17 -5.18
N LEU A 25 -0.57 -5.88 -4.09
CA LEU A 25 -0.30 -5.44 -2.72
C LEU A 25 1.21 -5.43 -2.38
N LYS A 26 1.97 -6.45 -2.81
CA LYS A 26 3.44 -6.48 -2.70
C LYS A 26 4.10 -5.32 -3.47
N GLN A 27 3.54 -4.94 -4.62
CA GLN A 27 3.97 -3.76 -5.39
C GLN A 27 3.77 -2.42 -4.64
N ILE A 28 2.94 -2.37 -3.58
CA ILE A 28 2.88 -1.20 -2.69
C ILE A 28 4.09 -1.20 -1.74
N LEU A 29 4.38 -2.32 -1.07
CA LEU A 29 5.53 -2.42 -0.15
C LEU A 29 6.88 -2.20 -0.87
N HIS A 30 7.04 -2.76 -2.07
CA HIS A 30 8.18 -2.55 -2.97
C HIS A 30 8.48 -1.05 -3.20
N SER A 31 7.42 -0.24 -3.30
CA SER A 31 7.48 1.21 -3.52
C SER A 31 7.84 2.00 -2.26
N TRP A 32 7.61 1.44 -1.06
CA TRP A 32 8.08 1.98 0.22
C TRP A 32 9.45 1.44 0.68
N GLY A 33 10.08 0.56 -0.12
CA GLY A 33 11.34 -0.10 0.25
C GLY A 33 11.17 -1.21 1.30
N GLU A 34 9.95 -1.70 1.48
CA GLU A 34 9.52 -2.66 2.49
C GLU A 34 9.25 -4.06 1.92
N GLU A 35 9.23 -5.06 2.81
CA GLU A 35 8.74 -6.43 2.58
C GLU A 35 8.35 -7.07 3.93
N CYS A 36 7.78 -8.28 3.91
CA CYS A 36 7.50 -9.07 5.11
C CYS A 36 7.67 -10.58 4.90
N ARG A 37 8.81 -11.11 5.35
CA ARG A 37 9.17 -12.55 5.29
C ARG A 37 8.44 -13.42 6.33
N ALA A 38 7.61 -12.81 7.19
CA ALA A 38 6.67 -13.49 8.08
C ALA A 38 5.20 -13.47 7.59
N CYS A 39 4.84 -12.56 6.66
CA CYS A 39 3.53 -12.57 6.00
C CYS A 39 3.34 -13.89 5.24
N ALA A 40 2.17 -14.52 5.38
CA ALA A 40 1.87 -15.85 4.86
C ALA A 40 0.51 -15.95 4.14
N GLU A 41 -0.23 -14.84 4.02
CA GLU A 41 -1.50 -14.74 3.30
C GLU A 41 -1.80 -13.28 2.91
N LYS A 42 -2.72 -13.07 1.96
CA LYS A 42 -3.10 -11.75 1.43
C LYS A 42 -3.45 -10.74 2.53
N THR A 43 -4.22 -11.14 3.55
CA THR A 43 -4.64 -10.25 4.65
C THR A 43 -3.46 -9.76 5.51
N ASP A 44 -2.35 -10.51 5.59
CA ASP A 44 -1.15 -10.02 6.31
C ASP A 44 -0.55 -8.78 5.63
N TYR A 45 -0.58 -8.71 4.29
CA TYR A 45 -0.16 -7.54 3.52
C TYR A 45 -1.15 -6.38 3.69
N VAL A 46 -2.48 -6.66 3.66
CA VAL A 46 -3.52 -5.66 3.93
C VAL A 46 -3.29 -4.99 5.29
N ASN A 47 -3.14 -5.80 6.34
CA ASN A 47 -2.89 -5.33 7.70
C ASN A 47 -1.60 -4.50 7.84
N LEU A 48 -0.56 -4.82 7.07
CA LEU A 48 0.67 -4.04 7.01
C LEU A 48 0.41 -2.69 6.37
N ILE A 49 -0.09 -2.68 5.13
CA ILE A 49 -0.26 -1.46 4.35
C ILE A 49 -1.13 -0.47 5.12
N GLN A 50 -2.16 -0.97 5.80
CA GLN A 50 -3.07 -0.13 6.56
C GLN A 50 -2.36 0.71 7.65
N GLU A 51 -1.27 0.21 8.25
CA GLU A 51 -0.44 0.95 9.23
C GLU A 51 0.65 1.82 8.59
N LEU A 52 1.10 1.48 7.38
CA LEU A 52 2.09 2.23 6.61
C LEU A 52 1.46 3.40 5.82
N ALA A 53 0.17 3.30 5.50
CA ALA A 53 -0.55 4.32 4.74
C ALA A 53 -0.55 5.70 5.42
N PRO A 54 -1.05 5.84 6.67
CA PRO A 54 -1.02 7.11 7.40
C PRO A 54 0.39 7.53 7.85
N LYS A 55 1.37 6.64 7.65
CA LYS A 55 2.79 6.88 7.90
C LYS A 55 3.44 7.64 6.75
N TYR A 56 3.35 7.12 5.53
CA TYR A 56 4.06 7.67 4.36
C TYR A 56 3.20 8.60 3.49
N ALA A 57 1.87 8.45 3.45
CA ALA A 57 0.95 9.35 2.75
C ALA A 57 0.48 10.51 3.64
N ALA A 58 -0.04 11.57 3.01
CA ALA A 58 -0.72 12.70 3.65
C ALA A 58 0.09 13.38 4.78
N THR A 59 1.39 13.62 4.56
CA THR A 59 2.31 14.19 5.56
C THR A 59 1.93 15.62 5.98
N HIS A 60 2.17 15.98 7.24
CA HIS A 60 1.84 17.30 7.80
C HIS A 60 2.85 17.71 8.91
N PRO A 61 3.19 19.02 9.08
CA PRO A 61 4.05 19.47 10.18
C PRO A 61 3.43 19.21 11.57
N LYS A 62 4.18 18.51 12.43
CA LYS A 62 3.75 18.09 13.78
C LYS A 62 4.88 18.24 14.80
N THR A 63 4.54 18.72 16.00
CA THR A 63 5.50 19.09 17.06
C THR A 63 4.97 18.69 18.43
N GLU A 64 5.14 17.41 18.77
CA GLU A 64 4.71 16.78 20.03
C GLU A 64 5.46 17.30 21.28
N LEU A 65 6.67 17.84 21.06
CA LEU A 65 7.65 18.29 22.06
C LEU A 65 7.23 19.55 22.82
N GLY A 1 16.00 -7.77 -15.11
CA GLY A 1 15.32 -6.63 -14.46
C GLY A 1 13.87 -6.97 -14.15
N SER A 2 13.04 -5.95 -13.91
CA SER A 2 11.68 -6.12 -13.36
C SER A 2 10.63 -6.71 -14.33
N HIS A 3 10.81 -6.56 -15.64
CA HIS A 3 9.79 -6.82 -16.68
C HIS A 3 8.52 -5.94 -16.48
N MET A 4 8.61 -4.82 -15.75
CA MET A 4 7.51 -3.90 -15.47
C MET A 4 7.00 -3.21 -16.74
N LYS A 5 5.67 -3.01 -16.84
CA LYS A 5 4.98 -2.42 -18.02
C LYS A 5 3.80 -1.50 -17.65
N TYR A 6 3.09 -1.78 -16.56
CA TYR A 6 1.86 -1.08 -16.14
C TYR A 6 1.86 -0.71 -14.65
N GLU A 7 1.66 0.58 -14.35
CA GLU A 7 1.64 1.16 -13.00
C GLU A 7 0.25 1.19 -12.35
N LYS A 8 0.22 1.36 -11.02
CA LYS A 8 -0.99 1.43 -10.18
C LYS A 8 -0.78 2.40 -9.00
N THR A 9 -1.69 3.36 -8.80
CA THR A 9 -1.53 4.50 -7.88
C THR A 9 -1.69 4.16 -6.39
N LEU A 10 -0.91 4.86 -5.55
CA LEU A 10 -0.80 4.68 -4.08
C LEU A 10 -1.92 5.38 -3.26
N ASP A 11 -3.08 5.60 -3.88
CA ASP A 11 -4.31 6.04 -3.22
C ASP A 11 -4.98 4.85 -2.50
N LEU A 12 -4.82 4.75 -1.17
CA LEU A 12 -5.38 3.67 -0.35
C LEU A 12 -6.91 3.76 -0.14
N ALA A 13 -7.64 4.68 -0.80
CA ALA A 13 -9.10 4.76 -0.77
C ALA A 13 -9.73 4.46 -2.14
N SER A 14 -9.08 4.84 -3.23
CA SER A 14 -9.45 4.52 -4.62
C SER A 14 -9.28 3.03 -4.98
N VAL A 15 -8.79 2.20 -4.07
CA VAL A 15 -8.73 0.74 -4.18
C VAL A 15 -8.89 0.09 -2.80
N ASP A 16 -9.69 -0.98 -2.69
CA ASP A 16 -9.82 -1.77 -1.45
C ASP A 16 -8.71 -2.83 -1.36
N LEU A 17 -7.82 -2.70 -0.36
CA LEU A 17 -6.74 -3.64 -0.05
C LEU A 17 -7.24 -5.10 0.08
N ARG A 18 -8.50 -5.29 0.52
CA ARG A 18 -9.15 -6.60 0.66
C ARG A 18 -9.48 -7.26 -0.68
N LYS A 19 -9.70 -6.48 -1.75
CA LYS A 19 -10.10 -6.95 -3.09
C LYS A 19 -8.91 -7.19 -4.00
N MET A 20 -7.86 -6.39 -3.83
CA MET A 20 -6.57 -6.52 -4.51
C MET A 20 -5.96 -7.93 -4.39
N ARG A 21 -5.22 -8.35 -5.43
CA ARG A 21 -4.37 -9.56 -5.35
C ARG A 21 -3.19 -9.32 -4.43
N VAL A 22 -2.57 -10.37 -3.89
CA VAL A 22 -1.33 -10.23 -3.12
C VAL A 22 -0.20 -9.58 -3.94
N ALA A 23 -0.11 -9.88 -5.24
CA ALA A 23 0.80 -9.21 -6.16
C ALA A 23 0.56 -7.69 -6.28
N GLU A 24 -0.70 -7.25 -6.26
CA GLU A 24 -1.04 -5.82 -6.34
C GLU A 24 -0.66 -5.08 -5.06
N LEU A 25 -0.85 -5.73 -3.91
CA LEU A 25 -0.42 -5.22 -2.61
C LEU A 25 1.12 -5.16 -2.48
N LYS A 26 1.86 -6.15 -2.99
CA LYS A 26 3.35 -6.13 -3.03
C LYS A 26 3.91 -4.93 -3.80
N GLN A 27 3.26 -4.53 -4.90
CA GLN A 27 3.65 -3.36 -5.69
C GLN A 27 3.49 -2.01 -4.93
N ILE A 28 2.63 -1.94 -3.90
CA ILE A 28 2.55 -0.77 -3.00
C ILE A 28 3.85 -0.65 -2.19
N LEU A 29 4.28 -1.76 -1.56
CA LEU A 29 5.46 -1.78 -0.68
C LEU A 29 6.74 -1.41 -1.43
N HIS A 30 6.90 -1.87 -2.68
CA HIS A 30 8.12 -1.63 -3.46
C HIS A 30 8.43 -0.14 -3.66
N SER A 31 7.41 0.68 -3.92
CA SER A 31 7.53 2.13 -4.07
C SER A 31 7.86 2.86 -2.75
N TRP A 32 7.44 2.31 -1.61
CA TRP A 32 7.77 2.82 -0.27
C TRP A 32 9.13 2.36 0.26
N GLY A 33 9.76 1.36 -0.36
CA GLY A 33 11.00 0.74 0.12
C GLY A 33 10.78 -0.39 1.14
N GLU A 34 9.63 -1.07 1.08
CA GLU A 34 9.17 -2.03 2.09
C GLU A 34 9.11 -3.49 1.58
N GLU A 35 8.95 -4.41 2.54
CA GLU A 35 8.88 -5.87 2.36
C GLU A 35 8.25 -6.55 3.60
N CYS A 36 7.89 -7.83 3.49
CA CYS A 36 7.42 -8.68 4.60
C CYS A 36 7.96 -10.12 4.51
N ARG A 37 8.51 -10.63 5.62
CA ARG A 37 8.91 -12.04 5.79
C ARG A 37 7.84 -12.83 6.54
N ALA A 38 7.25 -12.24 7.58
CA ALA A 38 6.16 -12.79 8.39
C ALA A 38 4.75 -12.59 7.77
N CYS A 39 4.58 -12.96 6.50
CA CYS A 39 3.31 -12.89 5.77
C CYS A 39 3.02 -14.22 5.06
N ALA A 40 1.95 -14.92 5.45
CA ALA A 40 1.61 -16.26 4.94
C ALA A 40 0.38 -16.28 3.99
N GLU A 41 -0.35 -15.17 3.92
CA GLU A 41 -1.61 -14.99 3.19
C GLU A 41 -1.83 -13.50 2.82
N LYS A 42 -2.73 -13.21 1.88
CA LYS A 42 -2.99 -11.85 1.37
C LYS A 42 -3.34 -10.85 2.48
N THR A 43 -4.14 -11.25 3.46
CA THR A 43 -4.54 -10.38 4.58
C THR A 43 -3.36 -9.96 5.46
N ASP A 44 -2.30 -10.76 5.57
CA ASP A 44 -1.11 -10.37 6.34
C ASP A 44 -0.41 -9.14 5.74
N TYR A 45 -0.44 -8.96 4.41
CA TYR A 45 -0.02 -7.74 3.74
C TYR A 45 -1.00 -6.58 3.98
N VAL A 46 -2.32 -6.82 3.93
CA VAL A 46 -3.36 -5.80 4.18
C VAL A 46 -3.21 -5.18 5.57
N ASN A 47 -3.16 -6.02 6.61
CA ASN A 47 -3.00 -5.60 8.01
C ASN A 47 -1.68 -4.84 8.27
N LEU A 48 -0.65 -5.13 7.47
CA LEU A 48 0.59 -4.37 7.45
C LEU A 48 0.39 -3.00 6.83
N ILE A 49 -0.04 -2.96 5.57
CA ILE A 49 -0.18 -1.72 4.79
C ILE A 49 -1.05 -0.72 5.53
N GLN A 50 -2.08 -1.20 6.22
CA GLN A 50 -2.99 -0.32 6.94
C GLN A 50 -2.28 0.52 8.03
N GLU A 51 -1.19 0.03 8.64
CA GLU A 51 -0.31 0.79 9.55
C GLU A 51 0.75 1.62 8.80
N LEU A 52 1.19 1.16 7.63
CA LEU A 52 2.18 1.85 6.80
C LEU A 52 1.58 3.04 6.03
N ALA A 53 0.27 3.03 5.78
CA ALA A 53 -0.42 4.13 5.10
C ALA A 53 -0.31 5.48 5.85
N PRO A 54 -0.70 5.61 7.14
CA PRO A 54 -0.55 6.86 7.88
C PRO A 54 0.92 7.27 8.12
N LYS A 55 1.85 6.34 7.89
CA LYS A 55 3.31 6.50 7.97
C LYS A 55 3.85 7.20 6.72
N TYR A 56 3.71 6.56 5.56
CA TYR A 56 4.30 7.02 4.30
C TYR A 56 3.47 8.10 3.60
N ALA A 57 2.14 8.13 3.77
CA ALA A 57 1.28 9.14 3.13
C ALA A 57 1.67 10.57 3.52
N ALA A 58 1.79 11.44 2.51
CA ALA A 58 2.10 12.87 2.66
C ALA A 58 0.93 13.77 2.26
N THR A 59 0.02 13.29 1.42
CA THR A 59 -1.09 14.07 0.83
C THR A 59 -2.43 13.33 0.90
N HIS A 60 -2.44 11.99 0.90
CA HIS A 60 -3.66 11.20 1.11
C HIS A 60 -4.23 11.40 2.53
N PRO A 61 -5.53 11.67 2.72
CA PRO A 61 -6.09 11.96 4.05
C PRO A 61 -6.18 10.73 4.98
N LYS A 62 -6.46 9.55 4.43
CA LYS A 62 -6.72 8.26 5.13
C LYS A 62 -7.88 8.34 6.14
N THR A 63 -8.99 8.95 5.73
CA THR A 63 -10.18 9.24 6.57
C THR A 63 -11.53 8.97 5.91
N GLU A 64 -11.58 8.58 4.64
CA GLU A 64 -12.84 8.46 3.87
C GLU A 64 -13.67 7.22 4.20
N LEU A 65 -13.00 6.09 4.48
CA LEU A 65 -13.60 4.75 4.64
C LEU A 65 -12.65 3.84 5.42
N GLY A 1 17.58 1.61 -21.84
CA GLY A 1 17.30 2.88 -21.16
C GLY A 1 16.38 2.67 -19.97
N SER A 2 15.69 3.74 -19.55
CA SER A 2 14.79 3.75 -18.38
C SER A 2 13.41 3.16 -18.69
N HIS A 3 12.93 2.26 -17.83
CA HIS A 3 11.69 1.49 -18.03
C HIS A 3 10.42 2.36 -18.07
N MET A 4 9.40 1.92 -18.83
CA MET A 4 8.06 2.52 -18.81
C MET A 4 7.33 2.21 -17.48
N LYS A 5 6.40 3.08 -17.09
CA LYS A 5 5.70 3.02 -15.79
C LYS A 5 4.37 2.26 -15.85
N TYR A 6 4.07 1.48 -14.82
CA TYR A 6 2.77 0.83 -14.65
C TYR A 6 1.68 1.81 -14.19
N GLU A 7 0.42 1.57 -14.54
CA GLU A 7 -0.75 2.31 -14.00
C GLU A 7 -1.14 1.84 -12.58
N LYS A 8 -0.14 1.58 -11.72
CA LYS A 8 -0.30 1.04 -10.35
C LYS A 8 -0.81 2.09 -9.35
N THR A 9 -1.53 1.64 -8.32
CA THR A 9 -2.31 2.49 -7.37
C THR A 9 -1.65 2.69 -6.00
N LEU A 10 -1.84 3.87 -5.39
CA LEU A 10 -1.38 4.24 -4.03
C LEU A 10 -2.36 5.12 -3.23
N ASP A 11 -3.50 5.56 -3.78
CA ASP A 11 -4.54 6.24 -3.00
C ASP A 11 -5.40 5.18 -2.26
N LEU A 12 -4.95 4.77 -1.08
CA LEU A 12 -5.47 3.60 -0.33
C LEU A 12 -6.99 3.55 -0.11
N ALA A 13 -7.68 4.69 0.01
CA ALA A 13 -9.13 4.74 0.14
C ALA A 13 -9.90 4.66 -1.20
N SER A 14 -9.24 4.95 -2.34
CA SER A 14 -9.84 4.87 -3.68
C SER A 14 -9.85 3.44 -4.21
N VAL A 15 -8.72 2.74 -4.07
CA VAL A 15 -8.59 1.29 -4.29
C VAL A 15 -9.11 0.53 -3.06
N ASP A 16 -9.19 -0.80 -3.11
CA ASP A 16 -9.47 -1.61 -1.93
C ASP A 16 -8.46 -2.75 -1.77
N LEU A 17 -7.67 -2.69 -0.69
CA LEU A 17 -6.62 -3.64 -0.35
C LEU A 17 -7.13 -5.09 -0.27
N ARG A 18 -8.39 -5.29 0.12
CA ARG A 18 -9.02 -6.62 0.20
C ARG A 18 -9.49 -7.16 -1.16
N LYS A 19 -9.77 -6.27 -2.13
CA LYS A 19 -10.17 -6.62 -3.51
C LYS A 19 -8.96 -6.89 -4.40
N MET A 20 -7.87 -6.18 -4.15
CA MET A 20 -6.55 -6.34 -4.77
C MET A 20 -5.98 -7.76 -4.63
N ARG A 21 -5.12 -8.19 -5.57
CA ARG A 21 -4.35 -9.46 -5.47
C ARG A 21 -3.06 -9.27 -4.67
N VAL A 22 -2.47 -10.33 -4.11
CA VAL A 22 -1.27 -10.23 -3.25
C VAL A 22 -0.07 -9.60 -3.96
N ALA A 23 0.12 -9.86 -5.25
CA ALA A 23 1.17 -9.22 -6.07
C ALA A 23 0.98 -7.69 -6.19
N GLU A 24 -0.27 -7.23 -6.21
CA GLU A 24 -0.64 -5.82 -6.36
C GLU A 24 -0.42 -5.06 -5.03
N LEU A 25 -0.62 -5.77 -3.92
CA LEU A 25 -0.28 -5.33 -2.56
C LEU A 25 1.25 -5.31 -2.32
N LYS A 26 1.99 -6.30 -2.83
CA LYS A 26 3.46 -6.29 -2.87
C LYS A 26 4.00 -5.09 -3.63
N GLN A 27 3.36 -4.69 -4.75
CA GLN A 27 3.71 -3.47 -5.48
C GLN A 27 3.58 -2.20 -4.61
N ILE A 28 2.61 -2.11 -3.69
CA ILE A 28 2.52 -0.98 -2.75
C ILE A 28 3.77 -0.94 -1.86
N LEU A 29 4.13 -2.06 -1.21
CA LEU A 29 5.33 -2.13 -0.37
C LEU A 29 6.62 -1.81 -1.15
N HIS A 30 6.77 -2.39 -2.34
CA HIS A 30 7.98 -2.23 -3.16
C HIS A 30 8.09 -0.83 -3.79
N SER A 31 6.97 -0.12 -3.95
CA SER A 31 6.94 1.31 -4.29
C SER A 31 7.36 2.21 -3.12
N TRP A 32 7.10 1.76 -1.88
CA TRP A 32 7.54 2.37 -0.62
C TRP A 32 8.93 1.90 -0.13
N GLY A 33 9.58 0.96 -0.81
CA GLY A 33 10.88 0.37 -0.42
C GLY A 33 10.82 -0.58 0.78
N GLU A 34 9.62 -1.02 1.19
CA GLU A 34 9.36 -1.96 2.28
C GLU A 34 9.43 -3.43 1.83
N GLU A 35 9.37 -4.35 2.80
CA GLU A 35 9.34 -5.81 2.61
C GLU A 35 8.46 -6.48 3.69
N CYS A 36 8.21 -7.78 3.54
CA CYS A 36 7.61 -8.62 4.59
C CYS A 36 8.21 -10.04 4.60
N ARG A 37 8.30 -10.64 5.80
CA ARG A 37 8.76 -12.01 6.07
C ARG A 37 7.77 -12.79 6.96
N ALA A 38 6.93 -12.09 7.72
CA ALA A 38 5.83 -12.63 8.52
C ALA A 38 4.52 -12.82 7.74
N CYS A 39 4.43 -12.39 6.48
CA CYS A 39 3.19 -12.40 5.71
C CYS A 39 2.97 -13.77 5.05
N ALA A 40 2.17 -14.64 5.68
CA ALA A 40 1.88 -15.99 5.20
C ALA A 40 0.59 -16.09 4.34
N GLU A 41 -0.16 -15.00 4.22
CA GLU A 41 -1.42 -14.87 3.50
C GLU A 41 -1.66 -13.42 3.04
N LYS A 42 -2.58 -13.21 2.09
CA LYS A 42 -2.88 -11.87 1.54
C LYS A 42 -3.24 -10.84 2.60
N THR A 43 -4.07 -11.18 3.58
CA THR A 43 -4.48 -10.23 4.64
C THR A 43 -3.30 -9.78 5.51
N ASP A 44 -2.24 -10.58 5.66
CA ASP A 44 -1.05 -10.11 6.38
C ASP A 44 -0.36 -8.93 5.68
N TYR A 45 -0.37 -8.86 4.34
CA TYR A 45 0.06 -7.67 3.59
C TYR A 45 -0.94 -6.52 3.74
N VAL A 46 -2.26 -6.79 3.67
CA VAL A 46 -3.31 -5.76 3.87
C VAL A 46 -3.14 -5.07 5.22
N ASN A 47 -3.00 -5.85 6.30
CA ASN A 47 -2.78 -5.39 7.65
C ASN A 47 -1.49 -4.58 7.80
N LEU A 48 -0.41 -5.00 7.13
CA LEU A 48 0.84 -4.23 7.06
C LEU A 48 0.57 -2.86 6.45
N ILE A 49 0.04 -2.83 5.23
CA ILE A 49 -0.19 -1.59 4.49
C ILE A 49 -1.06 -0.65 5.31
N GLN A 50 -2.06 -1.16 6.02
CA GLN A 50 -2.96 -0.30 6.79
C GLN A 50 -2.25 0.46 7.95
N GLU A 51 -1.11 -0.04 8.46
CA GLU A 51 -0.24 0.67 9.41
C GLU A 51 0.76 1.62 8.72
N LEU A 52 1.24 1.25 7.53
CA LEU A 52 2.20 2.01 6.74
C LEU A 52 1.54 3.15 5.94
N ALA A 53 0.23 3.05 5.67
CA ALA A 53 -0.54 4.07 4.95
C ALA A 53 -0.53 5.45 5.63
N PRO A 54 -0.93 5.59 6.93
CA PRO A 54 -0.84 6.88 7.61
C PRO A 54 0.61 7.33 7.85
N LYS A 55 1.59 6.42 7.67
CA LYS A 55 3.02 6.68 7.78
C LYS A 55 3.57 7.36 6.52
N TYR A 56 3.30 6.80 5.33
CA TYR A 56 3.84 7.29 4.06
C TYR A 56 2.93 8.28 3.30
N ALA A 57 1.60 8.16 3.40
CA ALA A 57 0.66 8.98 2.63
C ALA A 57 0.31 10.34 3.29
N ALA A 58 0.34 10.43 4.63
CA ALA A 58 -0.13 11.60 5.37
C ALA A 58 0.67 12.87 5.05
N THR A 59 -0.04 13.95 4.67
CA THR A 59 0.51 15.28 4.33
C THR A 59 -0.59 16.34 4.46
N HIS A 60 -0.28 17.47 5.11
CA HIS A 60 -1.27 18.48 5.51
C HIS A 60 -0.73 19.93 5.37
N PRO A 61 -1.58 20.94 5.06
CA PRO A 61 -1.18 22.35 4.93
C PRO A 61 -0.47 22.96 6.16
N LYS A 62 -0.74 22.44 7.36
CA LYS A 62 0.00 22.71 8.61
C LYS A 62 0.02 21.47 9.52
N THR A 63 1.01 21.41 10.40
CA THR A 63 1.11 20.44 11.50
C THR A 63 -0.04 20.61 12.49
N GLU A 64 -0.55 19.51 13.06
CA GLU A 64 -1.63 19.54 14.05
C GLU A 64 -1.19 20.19 15.38
N LEU A 65 -2.13 20.84 16.06
CA LEU A 65 -1.92 21.52 17.35
C LEU A 65 -2.03 20.53 18.52
N GLY A 1 -24.20 3.07 -11.55
CA GLY A 1 -23.43 2.43 -12.62
C GLY A 1 -22.07 1.95 -12.15
N SER A 2 -21.16 1.74 -13.10
CA SER A 2 -19.76 1.32 -12.87
C SER A 2 -18.90 2.39 -12.20
N HIS A 3 -17.68 2.04 -11.79
CA HIS A 3 -16.66 2.98 -11.28
C HIS A 3 -15.24 2.53 -11.59
N MET A 4 -14.30 3.48 -11.63
CA MET A 4 -12.90 3.26 -12.05
C MET A 4 -11.92 3.47 -10.88
N LYS A 5 -10.97 2.54 -10.70
CA LYS A 5 -9.94 2.59 -9.65
C LYS A 5 -8.58 2.94 -10.26
N TYR A 6 -8.27 4.22 -10.32
CA TYR A 6 -7.06 4.79 -10.93
C TYR A 6 -5.79 4.46 -10.14
N GLU A 7 -4.66 4.34 -10.85
CA GLU A 7 -3.38 3.85 -10.29
C GLU A 7 -2.16 4.70 -10.71
N LYS A 8 -2.39 5.90 -11.28
CA LYS A 8 -1.38 6.94 -11.55
C LYS A 8 -0.63 7.37 -10.27
N THR A 9 -1.29 7.25 -9.11
CA THR A 9 -0.66 7.35 -7.78
C THR A 9 -1.37 6.50 -6.72
N LEU A 10 -0.64 6.08 -5.68
CA LEU A 10 -1.14 5.25 -4.58
C LEU A 10 -2.25 5.93 -3.77
N ASP A 11 -3.38 5.25 -3.58
CA ASP A 11 -4.51 5.75 -2.80
C ASP A 11 -5.23 4.62 -2.06
N LEU A 12 -4.72 4.31 -0.85
CA LEU A 12 -5.11 3.16 -0.03
C LEU A 12 -6.56 3.26 0.47
N ALA A 13 -7.12 4.46 0.54
CA ALA A 13 -8.54 4.68 0.79
C ALA A 13 -9.40 4.53 -0.47
N SER A 14 -8.85 4.77 -1.66
CA SER A 14 -9.59 4.64 -2.93
C SER A 14 -9.85 3.18 -3.32
N VAL A 15 -8.83 2.32 -3.22
CA VAL A 15 -8.93 0.89 -3.57
C VAL A 15 -9.05 0.01 -2.32
N ASP A 16 -9.99 -0.94 -2.29
CA ASP A 16 -10.11 -1.85 -1.14
C ASP A 16 -9.01 -2.92 -1.17
N LEU A 17 -8.05 -2.78 -0.26
CA LEU A 17 -6.91 -3.68 -0.03
C LEU A 17 -7.38 -5.14 0.14
N ARG A 18 -8.54 -5.36 0.76
CA ARG A 18 -9.14 -6.70 0.97
C ARG A 18 -9.44 -7.46 -0.33
N LYS A 19 -9.67 -6.75 -1.44
CA LYS A 19 -10.19 -7.28 -2.71
C LYS A 19 -9.15 -7.30 -3.84
N MET A 20 -7.94 -6.82 -3.54
CA MET A 20 -6.78 -6.77 -4.44
C MET A 20 -6.04 -8.12 -4.53
N ARG A 21 -5.28 -8.31 -5.61
CA ARG A 21 -4.31 -9.42 -5.78
C ARG A 21 -3.05 -9.14 -4.95
N VAL A 22 -2.40 -10.18 -4.41
CA VAL A 22 -1.19 -9.98 -3.57
C VAL A 22 -0.06 -9.29 -4.34
N ALA A 23 0.08 -9.57 -5.63
CA ALA A 23 1.04 -8.90 -6.51
C ALA A 23 0.82 -7.38 -6.61
N GLU A 24 -0.44 -6.94 -6.71
CA GLU A 24 -0.79 -5.52 -6.82
C GLU A 24 -0.58 -4.79 -5.49
N LEU A 25 -0.79 -5.47 -4.35
CA LEU A 25 -0.49 -4.97 -3.00
C LEU A 25 1.03 -4.92 -2.72
N LYS A 26 1.81 -5.92 -3.17
CA LYS A 26 3.28 -5.98 -3.00
C LYS A 26 4.02 -4.81 -3.67
N GLN A 27 3.48 -4.29 -4.77
CA GLN A 27 4.00 -3.09 -5.44
C GLN A 27 3.97 -1.85 -4.53
N ILE A 28 3.00 -1.77 -3.60
CA ILE A 28 2.87 -0.68 -2.63
C ILE A 28 4.07 -0.70 -1.67
N LEU A 29 4.37 -1.87 -1.07
CA LEU A 29 5.56 -2.02 -0.21
C LEU A 29 6.86 -1.75 -0.97
N HIS A 30 6.94 -2.20 -2.24
CA HIS A 30 8.11 -1.99 -3.11
C HIS A 30 8.38 -0.51 -3.42
N SER A 31 7.31 0.29 -3.62
CA SER A 31 7.43 1.75 -3.73
C SER A 31 8.00 2.36 -2.44
N TRP A 32 7.55 1.88 -1.27
CA TRP A 32 8.01 2.29 0.06
C TRP A 32 9.38 1.71 0.48
N GLY A 33 9.96 0.78 -0.29
CA GLY A 33 11.24 0.13 0.02
C GLY A 33 11.16 -0.89 1.16
N GLU A 34 9.95 -1.41 1.45
CA GLU A 34 9.60 -2.20 2.60
C GLU A 34 9.41 -3.70 2.28
N GLU A 35 9.28 -4.54 3.33
CA GLU A 35 9.21 -6.01 3.26
C GLU A 35 8.14 -6.59 4.21
N CYS A 36 7.48 -7.67 3.77
CA CYS A 36 6.60 -8.49 4.62
C CYS A 36 7.37 -9.17 5.77
N ARG A 37 6.65 -9.59 6.81
CA ARG A 37 7.22 -10.17 8.05
C ARG A 37 6.67 -11.59 8.30
N ALA A 38 5.35 -11.72 8.49
CA ALA A 38 4.67 -13.01 8.58
C ALA A 38 4.52 -13.71 7.21
N CYS A 39 4.22 -12.95 6.14
CA CYS A 39 4.25 -13.38 4.73
C CYS A 39 3.40 -14.64 4.37
N ALA A 40 2.40 -15.02 5.18
CA ALA A 40 1.70 -16.30 5.04
C ALA A 40 0.44 -16.26 4.15
N GLU A 41 -0.22 -15.11 4.03
CA GLU A 41 -1.41 -14.88 3.19
C GLU A 41 -1.54 -13.42 2.73
N LYS A 42 -2.36 -13.17 1.70
CA LYS A 42 -2.68 -11.83 1.16
C LYS A 42 -3.09 -10.84 2.25
N THR A 43 -3.86 -11.27 3.25
CA THR A 43 -4.30 -10.42 4.36
C THR A 43 -3.14 -9.94 5.24
N ASP A 44 -2.04 -10.69 5.37
CA ASP A 44 -0.86 -10.23 6.13
C ASP A 44 -0.25 -8.96 5.52
N TYR A 45 -0.23 -8.85 4.18
CA TYR A 45 0.15 -7.62 3.47
C TYR A 45 -0.86 -6.49 3.72
N VAL A 46 -2.17 -6.78 3.63
CA VAL A 46 -3.25 -5.81 3.88
C VAL A 46 -3.12 -5.15 5.26
N ASN A 47 -2.99 -5.97 6.32
CA ASN A 47 -2.85 -5.51 7.69
C ASN A 47 -1.63 -4.61 7.91
N LEU A 48 -0.53 -4.87 7.19
CA LEU A 48 0.64 -4.00 7.20
C LEU A 48 0.31 -2.67 6.54
N ILE A 49 -0.10 -2.71 5.27
CA ILE A 49 -0.34 -1.50 4.47
C ILE A 49 -1.30 -0.56 5.20
N GLN A 50 -2.32 -1.09 5.87
CA GLN A 50 -3.32 -0.28 6.56
C GLN A 50 -2.68 0.73 7.56
N GLU A 51 -1.65 0.29 8.30
CA GLU A 51 -0.91 1.09 9.29
C GLU A 51 0.21 1.94 8.66
N LEU A 52 0.75 1.48 7.53
CA LEU A 52 1.83 2.14 6.78
C LEU A 52 1.28 3.21 5.82
N ALA A 53 -0.01 3.17 5.48
CA ALA A 53 -0.67 4.17 4.63
C ALA A 53 -0.52 5.61 5.15
N PRO A 54 -0.91 5.95 6.40
CA PRO A 54 -0.71 7.30 6.94
C PRO A 54 0.78 7.68 7.06
N LYS A 55 1.66 6.67 7.18
CA LYS A 55 3.11 6.82 7.36
C LYS A 55 3.79 7.36 6.11
N TYR A 56 3.58 6.70 4.96
CA TYR A 56 4.28 7.03 3.70
C TYR A 56 3.51 7.99 2.77
N ALA A 57 2.18 8.11 2.87
CA ALA A 57 1.38 8.95 1.97
C ALA A 57 1.47 10.46 2.23
N ALA A 58 1.99 10.89 3.39
CA ALA A 58 2.13 12.31 3.73
C ALA A 58 3.23 13.04 2.93
N THR A 59 3.14 14.38 2.85
CA THR A 59 4.15 15.27 2.25
C THR A 59 4.27 16.59 3.02
N HIS A 60 5.44 17.22 2.96
CA HIS A 60 5.73 18.54 3.53
C HIS A 60 5.22 19.71 2.63
N PRO A 61 5.15 20.96 3.13
CA PRO A 61 4.58 22.10 2.39
C PRO A 61 5.30 22.53 1.10
N LYS A 62 6.48 21.97 0.79
CA LYS A 62 7.20 22.19 -0.47
C LYS A 62 6.46 21.51 -1.64
N THR A 63 6.19 22.27 -2.71
CA THR A 63 5.49 21.84 -3.93
C THR A 63 4.19 21.07 -3.63
N GLU A 64 3.17 21.81 -3.19
CA GLU A 64 1.83 21.36 -2.79
C GLU A 64 1.07 20.56 -3.88
N LEU A 65 0.29 19.55 -3.45
CA LEU A 65 -0.40 18.57 -4.32
C LEU A 65 -1.88 18.36 -3.97
N GLY A 1 -0.68 14.55 -10.37
CA GLY A 1 -2.01 14.98 -10.84
C GLY A 1 -1.88 16.00 -11.96
N SER A 2 -2.87 16.05 -12.85
CA SER A 2 -3.01 17.04 -13.92
C SER A 2 -4.49 17.41 -14.12
N HIS A 3 -4.75 18.63 -14.61
CA HIS A 3 -6.07 19.07 -15.06
C HIS A 3 -6.56 18.30 -16.30
N MET A 4 -5.65 17.83 -17.15
CA MET A 4 -5.95 16.94 -18.28
C MET A 4 -6.08 15.45 -17.87
N LYS A 5 -5.50 15.06 -16.72
CA LYS A 5 -5.42 13.66 -16.28
C LYS A 5 -5.30 13.57 -14.75
N TYR A 6 -6.39 13.24 -14.07
CA TYR A 6 -6.47 13.23 -12.60
C TYR A 6 -5.91 11.93 -11.99
N GLU A 7 -4.66 11.60 -12.33
CA GLU A 7 -3.89 10.52 -11.72
C GLU A 7 -3.66 10.76 -10.21
N LYS A 8 -3.55 9.69 -9.44
CA LYS A 8 -3.25 9.70 -8.00
C LYS A 8 -1.87 9.12 -7.68
N THR A 9 -1.43 9.34 -6.44
CA THR A 9 -0.19 8.85 -5.84
C THR A 9 -0.49 8.31 -4.44
N LEU A 10 -0.25 7.01 -4.21
CA LEU A 10 -0.57 6.26 -2.98
C LEU A 10 -2.05 6.36 -2.56
N ASP A 11 -2.86 5.70 -3.34
CA ASP A 11 -4.33 5.76 -3.34
C ASP A 11 -5.04 4.77 -2.40
N LEU A 12 -4.47 4.48 -1.22
CA LEU A 12 -5.00 3.50 -0.24
C LEU A 12 -6.44 3.79 0.21
N ALA A 13 -6.83 5.06 0.28
CA ALA A 13 -8.21 5.45 0.63
C ALA A 13 -9.24 5.02 -0.44
N SER A 14 -8.80 4.85 -1.69
CA SER A 14 -9.61 4.47 -2.84
C SER A 14 -9.59 2.97 -3.11
N VAL A 15 -8.41 2.35 -3.23
CA VAL A 15 -8.28 0.95 -3.66
C VAL A 15 -8.61 -0.04 -2.53
N ASP A 16 -9.41 -1.06 -2.82
CA ASP A 16 -9.91 -2.01 -1.83
C ASP A 16 -8.89 -3.12 -1.55
N LEU A 17 -8.04 -2.88 -0.54
CA LEU A 17 -6.95 -3.76 -0.10
C LEU A 17 -7.44 -5.20 0.17
N ARG A 18 -8.60 -5.36 0.81
CA ARG A 18 -9.24 -6.67 1.08
C ARG A 18 -9.60 -7.47 -0.18
N LYS A 19 -9.72 -6.84 -1.35
CA LYS A 19 -10.13 -7.46 -2.62
C LYS A 19 -9.02 -7.52 -3.67
N MET A 20 -7.94 -6.78 -3.48
CA MET A 20 -6.72 -6.80 -4.31
C MET A 20 -6.06 -8.20 -4.35
N ARG A 21 -5.27 -8.48 -5.39
CA ARG A 21 -4.37 -9.65 -5.45
C ARG A 21 -3.06 -9.32 -4.73
N VAL A 22 -2.39 -10.30 -4.12
CA VAL A 22 -1.18 -10.05 -3.31
C VAL A 22 -0.05 -9.39 -4.11
N ALA A 23 0.09 -9.73 -5.39
CA ALA A 23 1.04 -9.10 -6.30
C ALA A 23 0.84 -7.57 -6.42
N GLU A 24 -0.42 -7.12 -6.44
CA GLU A 24 -0.77 -5.70 -6.57
C GLU A 24 -0.44 -4.92 -5.29
N LEU A 25 -0.60 -5.57 -4.13
CA LEU A 25 -0.27 -5.03 -2.80
C LEU A 25 1.25 -5.06 -2.54
N LYS A 26 1.97 -6.06 -3.07
CA LYS A 26 3.44 -6.12 -3.06
C LYS A 26 4.07 -4.97 -3.84
N GLN A 27 3.48 -4.54 -4.96
CA GLN A 27 3.93 -3.33 -5.67
C GLN A 27 3.81 -2.05 -4.79
N ILE A 28 2.83 -1.98 -3.88
CA ILE A 28 2.72 -0.89 -2.89
C ILE A 28 3.85 -0.99 -1.85
N LEU A 29 4.10 -2.16 -1.25
CA LEU A 29 5.23 -2.30 -0.32
C LEU A 29 6.59 -2.01 -0.99
N HIS A 30 6.80 -2.45 -2.24
CA HIS A 30 8.01 -2.14 -3.01
C HIS A 30 8.15 -0.65 -3.30
N SER A 31 7.03 0.07 -3.51
CA SER A 31 7.02 1.54 -3.63
C SER A 31 7.55 2.25 -2.38
N TRP A 32 7.51 1.58 -1.22
CA TRP A 32 7.95 2.05 0.09
C TRP A 32 9.23 1.36 0.61
N GLY A 33 9.81 0.45 -0.17
CA GLY A 33 10.94 -0.40 0.25
C GLY A 33 10.65 -1.34 1.44
N GLU A 34 9.38 -1.53 1.78
CA GLU A 34 8.93 -2.30 2.95
C GLU A 34 8.91 -3.82 2.68
N GLU A 35 9.22 -4.58 3.72
CA GLU A 35 9.19 -6.04 3.77
C GLU A 35 8.04 -6.55 4.65
N CYS A 36 7.41 -7.66 4.26
CA CYS A 36 6.30 -8.28 5.00
C CYS A 36 6.76 -9.02 6.27
N ARG A 37 5.83 -9.32 7.18
CA ARG A 37 6.13 -9.85 8.52
C ARG A 37 6.04 -11.37 8.58
N ALA A 38 4.87 -11.95 8.36
CA ALA A 38 4.69 -13.40 8.24
C ALA A 38 4.72 -13.88 6.77
N CYS A 39 4.31 -13.03 5.82
CA CYS A 39 4.32 -13.27 4.37
C CYS A 39 3.57 -14.53 3.91
N ALA A 40 2.68 -15.09 4.75
CA ALA A 40 2.01 -16.38 4.54
C ALA A 40 0.62 -16.28 3.88
N GLU A 41 0.07 -15.08 3.73
CA GLU A 41 -1.28 -14.81 3.20
C GLU A 41 -1.41 -13.36 2.70
N LYS A 42 -2.32 -13.10 1.74
CA LYS A 42 -2.61 -11.75 1.21
C LYS A 42 -2.95 -10.76 2.32
N THR A 43 -3.69 -11.21 3.34
CA THR A 43 -4.09 -10.37 4.48
C THR A 43 -2.89 -9.80 5.25
N ASP A 44 -1.73 -10.48 5.27
CA ASP A 44 -0.53 -9.99 5.97
C ASP A 44 -0.06 -8.65 5.41
N TYR A 45 -0.13 -8.50 4.09
CA TYR A 45 0.21 -7.29 3.34
C TYR A 45 -0.85 -6.20 3.51
N VAL A 46 -2.15 -6.57 3.48
CA VAL A 46 -3.26 -5.64 3.75
C VAL A 46 -3.10 -4.98 5.13
N ASN A 47 -2.88 -5.79 6.15
CA ASN A 47 -2.71 -5.33 7.53
C ASN A 47 -1.47 -4.45 7.71
N LEU A 48 -0.38 -4.79 7.01
CA LEU A 48 0.80 -3.93 6.93
C LEU A 48 0.42 -2.59 6.33
N ILE A 49 -0.10 -2.59 5.11
CA ILE A 49 -0.41 -1.35 4.39
C ILE A 49 -1.35 -0.48 5.23
N GLN A 50 -2.30 -1.06 5.95
CA GLN A 50 -3.24 -0.24 6.69
C GLN A 50 -2.59 0.55 7.86
N GLU A 51 -1.44 0.11 8.39
CA GLU A 51 -0.61 0.87 9.33
C GLU A 51 0.40 1.80 8.66
N LEU A 52 0.80 1.46 7.44
CA LEU A 52 1.86 2.12 6.67
C LEU A 52 1.28 3.19 5.73
N ALA A 53 -0.04 3.19 5.49
CA ALA A 53 -0.71 4.20 4.68
C ALA A 53 -0.50 5.63 5.22
N PRO A 54 -0.82 5.95 6.50
CA PRO A 54 -0.56 7.28 7.04
C PRO A 54 0.95 7.58 7.15
N LYS A 55 1.78 6.53 7.26
CA LYS A 55 3.25 6.57 7.38
C LYS A 55 3.93 7.09 6.10
N TYR A 56 3.41 6.75 4.92
CA TYR A 56 4.05 7.08 3.63
C TYR A 56 3.23 7.98 2.70
N ALA A 57 1.89 7.92 2.72
CA ALA A 57 1.04 8.77 1.90
C ALA A 57 1.05 10.23 2.41
N ALA A 58 0.87 11.16 1.48
CA ALA A 58 0.72 12.58 1.77
C ALA A 58 -0.59 12.87 2.54
N THR A 59 -0.64 14.02 3.22
CA THR A 59 -1.87 14.55 3.81
C THR A 59 -1.83 16.07 3.96
N HIS A 60 -2.97 16.73 3.73
CA HIS A 60 -3.16 18.18 3.92
C HIS A 60 -3.32 18.55 5.42
N PRO A 61 -3.00 19.80 5.82
CA PRO A 61 -3.13 20.24 7.21
C PRO A 61 -4.59 20.38 7.66
N LYS A 62 -4.83 20.22 8.97
CA LYS A 62 -6.12 20.40 9.65
C LYS A 62 -5.99 21.19 10.96
N THR A 63 -7.10 21.68 11.50
CA THR A 63 -7.14 22.54 12.70
C THR A 63 -6.71 21.81 13.99
N GLU A 64 -6.02 22.53 14.88
CA GLU A 64 -5.61 22.08 16.22
C GLU A 64 -5.28 23.25 17.16
N LEU A 65 -5.23 23.01 18.48
CA LEU A 65 -4.99 24.02 19.52
C LEU A 65 -4.40 23.42 20.80
N GLY A 1 4.12 0.27 -30.86
CA GLY A 1 2.87 0.10 -30.10
C GLY A 1 3.12 -0.73 -28.86
N SER A 2 2.14 -0.74 -27.95
CA SER A 2 2.11 -1.64 -26.78
C SER A 2 0.67 -1.86 -26.31
N HIS A 3 0.37 -3.04 -25.78
CA HIS A 3 -1.01 -3.46 -25.46
C HIS A 3 -1.28 -3.65 -23.97
N MET A 4 -0.23 -3.70 -23.15
CA MET A 4 -0.35 -3.80 -21.69
C MET A 4 -0.84 -2.50 -21.04
N LYS A 5 -1.37 -2.63 -19.82
CA LYS A 5 -1.86 -1.53 -18.96
C LYS A 5 -1.55 -1.78 -17.48
N TYR A 6 -0.98 -0.79 -16.80
CA TYR A 6 -0.75 -0.81 -15.35
C TYR A 6 -2.00 -0.39 -14.57
N GLU A 7 -2.19 -0.93 -13.37
CA GLU A 7 -3.31 -0.60 -12.47
C GLU A 7 -2.83 -0.27 -11.03
N LYS A 8 -1.52 -0.05 -10.85
CA LYS A 8 -0.89 0.44 -9.62
C LYS A 8 -1.52 1.76 -9.17
N THR A 9 -1.79 1.89 -7.87
CA THR A 9 -2.31 3.11 -7.24
C THR A 9 -1.92 3.17 -5.77
N LEU A 10 -1.22 4.23 -5.37
CA LEU A 10 -0.92 4.50 -3.96
C LEU A 10 -2.07 5.18 -3.18
N ASP A 11 -3.23 5.45 -3.80
CA ASP A 11 -4.43 5.93 -3.09
C ASP A 11 -5.17 4.81 -2.34
N LEU A 12 -4.81 4.58 -1.07
CA LEU A 12 -5.31 3.46 -0.26
C LEU A 12 -6.82 3.54 0.07
N ALA A 13 -7.43 4.72 -0.06
CA ALA A 13 -8.87 4.91 0.13
C ALA A 13 -9.70 4.61 -1.14
N SER A 14 -9.11 4.64 -2.33
CA SER A 14 -9.83 4.47 -3.61
C SER A 14 -9.89 3.03 -4.10
N VAL A 15 -8.94 2.17 -3.68
CA VAL A 15 -8.88 0.73 -3.97
C VAL A 15 -8.98 -0.09 -2.68
N ASP A 16 -9.75 -1.19 -2.68
CA ASP A 16 -9.94 -2.06 -1.52
C ASP A 16 -8.80 -3.07 -1.38
N LEU A 17 -7.90 -2.85 -0.41
CA LEU A 17 -6.77 -3.75 -0.09
C LEU A 17 -7.24 -5.20 0.14
N ARG A 18 -8.42 -5.41 0.73
CA ARG A 18 -9.00 -6.74 0.99
C ARG A 18 -9.35 -7.54 -0.27
N LYS A 19 -9.58 -6.87 -1.40
CA LYS A 19 -10.00 -7.45 -2.69
C LYS A 19 -8.95 -7.36 -3.80
N MET A 20 -7.87 -6.61 -3.55
CA MET A 20 -6.66 -6.56 -4.37
C MET A 20 -5.97 -7.93 -4.47
N ARG A 21 -5.31 -8.19 -5.60
CA ARG A 21 -4.39 -9.34 -5.75
C ARG A 21 -3.11 -9.06 -4.96
N VAL A 22 -2.47 -10.10 -4.40
CA VAL A 22 -1.28 -9.92 -3.56
C VAL A 22 -0.11 -9.28 -4.31
N ALA A 23 0.00 -9.52 -5.63
CA ALA A 23 0.95 -8.80 -6.49
C ALA A 23 0.72 -7.27 -6.50
N GLU A 24 -0.53 -6.82 -6.56
CA GLU A 24 -0.85 -5.38 -6.57
C GLU A 24 -0.56 -4.74 -5.20
N LEU A 25 -0.80 -5.48 -4.10
CA LEU A 25 -0.38 -5.07 -2.75
C LEU A 25 1.16 -5.08 -2.57
N LYS A 26 1.87 -6.05 -3.15
CA LYS A 26 3.34 -6.09 -3.16
C LYS A 26 3.94 -4.86 -3.84
N GLN A 27 3.32 -4.35 -4.91
CA GLN A 27 3.75 -3.10 -5.56
C GLN A 27 3.60 -1.87 -4.65
N ILE A 28 2.64 -1.84 -3.71
CA ILE A 28 2.52 -0.78 -2.70
C ILE A 28 3.71 -0.86 -1.71
N LEU A 29 3.99 -2.03 -1.14
CA LEU A 29 5.15 -2.21 -0.24
C LEU A 29 6.48 -1.94 -0.95
N HIS A 30 6.64 -2.41 -2.19
CA HIS A 30 7.84 -2.20 -3.02
C HIS A 30 8.09 -0.71 -3.33
N SER A 31 7.02 0.08 -3.46
CA SER A 31 7.09 1.56 -3.56
C SER A 31 7.64 2.23 -2.31
N TRP A 32 7.59 1.55 -1.17
CA TRP A 32 8.12 1.99 0.14
C TRP A 32 9.40 1.24 0.55
N GLY A 33 9.89 0.31 -0.27
CA GLY A 33 11.02 -0.59 0.02
C GLY A 33 10.75 -1.63 1.12
N GLU A 34 9.48 -1.80 1.52
CA GLU A 34 9.03 -2.66 2.61
C GLU A 34 8.88 -4.12 2.16
N GLU A 35 8.99 -5.04 3.11
CA GLU A 35 8.85 -6.49 2.93
C GLU A 35 7.82 -7.07 3.91
N CYS A 36 7.14 -8.16 3.53
CA CYS A 36 6.15 -8.85 4.38
C CYS A 36 6.76 -9.50 5.63
N ARG A 37 5.94 -9.64 6.69
CA ARG A 37 6.35 -10.07 8.04
C ARG A 37 6.47 -11.59 8.17
N ALA A 38 5.37 -12.28 7.85
CA ALA A 38 5.26 -13.73 7.78
C ALA A 38 5.02 -14.24 6.34
N CYS A 39 4.50 -13.36 5.47
CA CYS A 39 4.23 -13.57 4.04
C CYS A 39 3.24 -14.70 3.70
N ALA A 40 2.63 -15.34 4.71
CA ALA A 40 1.85 -16.57 4.57
C ALA A 40 0.51 -16.40 3.82
N GLU A 41 -0.05 -15.18 3.76
CA GLU A 41 -1.25 -14.85 2.99
C GLU A 41 -1.36 -13.36 2.62
N LYS A 42 -2.28 -13.04 1.70
CA LYS A 42 -2.58 -11.68 1.22
C LYS A 42 -2.89 -10.70 2.37
N THR A 43 -3.56 -11.17 3.43
CA THR A 43 -3.87 -10.36 4.62
C THR A 43 -2.61 -9.86 5.33
N ASP A 44 -1.48 -10.60 5.30
CA ASP A 44 -0.24 -10.10 5.94
C ASP A 44 0.26 -8.78 5.33
N TYR A 45 0.02 -8.59 4.03
CA TYR A 45 0.29 -7.34 3.30
C TYR A 45 -0.74 -6.25 3.63
N VAL A 46 -2.04 -6.58 3.67
CA VAL A 46 -3.11 -5.63 4.07
C VAL A 46 -2.83 -5.03 5.45
N ASN A 47 -2.56 -5.89 6.44
CA ASN A 47 -2.27 -5.47 7.81
C ASN A 47 -1.06 -4.52 7.91
N LEU A 48 -0.05 -4.71 7.06
CA LEU A 48 1.11 -3.82 6.96
C LEU A 48 0.71 -2.47 6.38
N ILE A 49 0.20 -2.47 5.14
CA ILE A 49 -0.12 -1.24 4.40
C ILE A 49 -1.04 -0.35 5.24
N GLN A 50 -1.99 -0.95 5.95
CA GLN A 50 -2.94 -0.20 6.75
C GLN A 50 -2.29 0.69 7.84
N GLU A 51 -1.18 0.26 8.44
CA GLU A 51 -0.38 1.04 9.41
C GLU A 51 0.58 2.03 8.75
N LEU A 52 1.12 1.65 7.59
CA LEU A 52 2.11 2.41 6.82
C LEU A 52 1.44 3.53 6.00
N ALA A 53 0.15 3.39 5.70
CA ALA A 53 -0.62 4.40 4.97
C ALA A 53 -0.64 5.77 5.67
N PRO A 54 -1.11 5.91 6.93
CA PRO A 54 -1.08 7.19 7.64
C PRO A 54 0.36 7.67 7.93
N LYS A 55 1.33 6.75 7.90
CA LYS A 55 2.76 7.01 8.12
C LYS A 55 3.40 7.76 6.95
N TYR A 56 3.21 7.29 5.71
CA TYR A 56 3.86 7.82 4.52
C TYR A 56 2.96 8.72 3.64
N ALA A 57 1.66 8.45 3.55
CA ALA A 57 0.75 9.19 2.68
C ALA A 57 0.42 10.59 3.22
N ALA A 58 0.02 11.48 2.31
CA ALA A 58 -0.50 12.81 2.61
C ALA A 58 -1.85 12.74 3.36
N THR A 59 -2.05 13.63 4.33
CA THR A 59 -3.20 13.61 5.26
C THR A 59 -3.83 15.00 5.43
N HIS A 60 -5.12 15.02 5.75
CA HIS A 60 -5.83 16.25 6.18
C HIS A 60 -5.24 16.77 7.50
N PRO A 61 -5.41 18.07 7.83
CA PRO A 61 -4.91 18.62 9.10
C PRO A 61 -5.40 17.85 10.33
N LYS A 62 -4.50 17.62 11.29
CA LYS A 62 -4.73 16.70 12.42
C LYS A 62 -4.34 17.29 13.77
N THR A 63 -5.10 16.98 14.83
CA THR A 63 -4.84 17.46 16.19
C THR A 63 -3.73 16.72 16.93
N GLU A 64 -3.51 15.42 16.67
CA GLU A 64 -2.49 14.61 17.36
C GLU A 64 -1.23 14.36 16.52
N LEU A 65 -0.13 13.95 17.17
CA LEU A 65 1.18 13.65 16.57
C LEU A 65 1.79 12.36 17.09
N GLY A 1 7.47 -0.26 -24.70
CA GLY A 1 7.40 0.48 -23.43
C GLY A 1 6.02 1.03 -23.20
N SER A 2 5.91 2.36 -23.06
CA SER A 2 4.67 3.09 -22.78
C SER A 2 3.94 2.67 -21.49
N HIS A 3 4.67 2.06 -20.55
CA HIS A 3 4.14 1.66 -19.24
C HIS A 3 3.88 2.91 -18.38
N MET A 4 2.61 3.33 -18.29
CA MET A 4 2.19 4.61 -17.69
C MET A 4 0.79 4.59 -17.07
N LYS A 5 0.15 3.41 -16.93
CA LYS A 5 -1.19 3.25 -16.34
C LYS A 5 -1.21 3.34 -14.80
N TYR A 6 -0.05 3.44 -14.16
CA TYR A 6 0.14 3.57 -12.71
C TYR A 6 -0.22 4.97 -12.17
N GLU A 7 -0.39 5.07 -10.86
CA GLU A 7 -0.84 6.28 -10.15
C GLU A 7 0.33 7.22 -9.78
N LYS A 8 0.09 8.54 -9.79
CA LYS A 8 1.07 9.55 -9.31
C LYS A 8 1.08 9.70 -7.78
N THR A 9 0.05 9.16 -7.11
CA THR A 9 -0.15 9.16 -5.65
C THR A 9 -0.91 7.89 -5.24
N LEU A 10 -0.38 7.10 -4.32
CA LEU A 10 -1.08 5.95 -3.74
C LEU A 10 -2.16 6.42 -2.77
N ASP A 11 -3.42 6.20 -3.12
CA ASP A 11 -4.60 6.46 -2.28
C ASP A 11 -5.20 5.14 -1.80
N LEU A 12 -4.82 4.70 -0.59
CA LEU A 12 -5.31 3.46 0.02
C LEU A 12 -6.82 3.49 0.31
N ALA A 13 -7.43 4.68 0.35
CA ALA A 13 -8.88 4.87 0.36
C ALA A 13 -9.53 4.52 -0.99
N SER A 14 -8.87 4.85 -2.11
CA SER A 14 -9.41 4.72 -3.46
C SER A 14 -9.58 3.27 -3.88
N VAL A 15 -8.55 2.44 -3.63
CA VAL A 15 -8.52 1.01 -3.96
C VAL A 15 -8.83 0.13 -2.74
N ASP A 16 -9.56 -0.97 -2.91
CA ASP A 16 -9.81 -1.94 -1.83
C ASP A 16 -8.67 -2.97 -1.71
N LEU A 17 -7.86 -2.84 -0.65
CA LEU A 17 -6.76 -3.75 -0.31
C LEU A 17 -7.19 -5.22 -0.24
N ARG A 18 -8.42 -5.52 0.21
CA ARG A 18 -8.95 -6.90 0.32
C ARG A 18 -9.43 -7.49 -1.01
N LYS A 19 -9.75 -6.66 -2.02
CA LYS A 19 -10.18 -7.12 -3.37
C LYS A 19 -9.00 -7.27 -4.34
N MET A 20 -7.95 -6.46 -4.14
CA MET A 20 -6.67 -6.56 -4.82
C MET A 20 -6.02 -7.94 -4.70
N ARG A 21 -5.16 -8.30 -5.66
CA ARG A 21 -4.31 -9.50 -5.62
C ARG A 21 -3.09 -9.28 -4.72
N VAL A 22 -2.49 -10.34 -4.17
CA VAL A 22 -1.24 -10.22 -3.38
C VAL A 22 -0.10 -9.60 -4.21
N ALA A 23 -0.01 -9.91 -5.51
CA ALA A 23 0.93 -9.28 -6.42
C ALA A 23 0.77 -7.75 -6.54
N GLU A 24 -0.46 -7.24 -6.53
CA GLU A 24 -0.75 -5.81 -6.60
C GLU A 24 -0.39 -5.11 -5.27
N LEU A 25 -0.71 -5.76 -4.16
CA LEU A 25 -0.40 -5.28 -2.80
C LEU A 25 1.11 -5.22 -2.53
N LYS A 26 1.88 -6.21 -2.98
CA LYS A 26 3.36 -6.22 -2.92
C LYS A 26 3.96 -4.98 -3.59
N GLN A 27 3.42 -4.57 -4.74
CA GLN A 27 3.91 -3.40 -5.47
C GLN A 27 3.74 -2.07 -4.71
N ILE A 28 2.82 -1.99 -3.74
CA ILE A 28 2.72 -0.86 -2.80
C ILE A 28 3.98 -0.84 -1.91
N LEU A 29 4.34 -1.97 -1.29
CA LEU A 29 5.57 -2.07 -0.49
C LEU A 29 6.84 -1.83 -1.33
N HIS A 30 6.88 -2.28 -2.59
CA HIS A 30 7.98 -2.00 -3.54
C HIS A 30 8.16 -0.49 -3.80
N SER A 31 7.07 0.29 -3.71
CA SER A 31 7.11 1.76 -3.87
C SER A 31 7.72 2.43 -2.63
N TRP A 32 7.35 1.95 -1.43
CA TRP A 32 7.81 2.47 -0.14
C TRP A 32 9.20 1.97 0.29
N GLY A 33 9.71 0.90 -0.33
CA GLY A 33 10.98 0.26 0.04
C GLY A 33 10.85 -0.68 1.26
N GLU A 34 9.67 -1.24 1.49
CA GLU A 34 9.32 -2.06 2.65
C GLU A 34 9.11 -3.53 2.26
N GLU A 35 8.93 -4.41 3.25
CA GLU A 35 8.60 -5.83 3.04
C GLU A 35 7.78 -6.47 4.19
N CYS A 36 7.10 -7.57 3.87
CA CYS A 36 6.29 -8.35 4.81
C CYS A 36 7.12 -9.04 5.91
N ARG A 37 6.44 -9.49 6.97
CA ARG A 37 7.05 -10.11 8.17
C ARG A 37 6.77 -11.61 8.23
N ALA A 38 5.58 -12.03 8.67
CA ALA A 38 5.19 -13.45 8.68
C ALA A 38 4.85 -13.99 7.28
N CYS A 39 4.21 -13.18 6.43
CA CYS A 39 3.96 -13.41 4.99
C CYS A 39 3.10 -14.65 4.65
N ALA A 40 2.33 -15.18 5.62
CA ALA A 40 1.64 -16.46 5.50
C ALA A 40 0.41 -16.46 4.55
N GLU A 41 -0.21 -15.29 4.33
CA GLU A 41 -1.40 -15.09 3.50
C GLU A 41 -1.51 -13.62 3.01
N LYS A 42 -2.34 -13.35 2.00
CA LYS A 42 -2.60 -12.01 1.43
C LYS A 42 -2.97 -10.98 2.51
N THR A 43 -3.80 -11.37 3.49
CA THR A 43 -4.21 -10.48 4.58
C THR A 43 -3.03 -10.03 5.45
N ASP A 44 -1.93 -10.80 5.51
CA ASP A 44 -0.70 -10.39 6.21
C ASP A 44 0.03 -9.21 5.52
N TYR A 45 -0.22 -8.98 4.23
CA TYR A 45 0.20 -7.76 3.53
C TYR A 45 -0.79 -6.62 3.82
N VAL A 46 -2.11 -6.89 3.73
CA VAL A 46 -3.18 -5.90 3.96
C VAL A 46 -3.06 -5.26 5.35
N ASN A 47 -2.97 -6.07 6.41
CA ASN A 47 -2.83 -5.62 7.79
C ASN A 47 -1.57 -4.76 8.03
N LEU A 48 -0.50 -5.02 7.28
CA LEU A 48 0.73 -4.23 7.31
C LEU A 48 0.53 -2.88 6.63
N ILE A 49 0.08 -2.91 5.38
CA ILE A 49 -0.12 -1.70 4.58
C ILE A 49 -0.99 -0.71 5.34
N GLN A 50 -2.02 -1.21 6.03
CA GLN A 50 -2.94 -0.37 6.76
C GLN A 50 -2.27 0.49 7.86
N GLU A 51 -1.17 0.01 8.45
CA GLU A 51 -0.33 0.77 9.41
C GLU A 51 0.74 1.65 8.71
N LEU A 52 1.20 1.25 7.52
CA LEU A 52 2.17 2.01 6.71
C LEU A 52 1.49 3.14 5.90
N ALA A 53 0.18 3.07 5.67
CA ALA A 53 -0.59 4.08 4.96
C ALA A 53 -0.50 5.48 5.61
N PRO A 54 -0.80 5.66 6.91
CA PRO A 54 -0.65 6.96 7.59
C PRO A 54 0.82 7.39 7.73
N LYS A 55 1.75 6.47 7.47
CA LYS A 55 3.21 6.68 7.52
C LYS A 55 3.72 7.34 6.23
N TYR A 56 3.38 6.81 5.05
CA TYR A 56 3.93 7.24 3.75
C TYR A 56 2.99 8.13 2.91
N ALA A 57 1.70 8.23 3.24
CA ALA A 57 0.79 9.20 2.65
C ALA A 57 1.05 10.64 3.17
N ALA A 58 0.31 11.63 2.67
CA ALA A 58 0.45 13.04 3.01
C ALA A 58 -0.17 13.42 4.38
N THR A 59 0.06 12.59 5.39
CA THR A 59 -0.43 12.73 6.77
C THR A 59 0.60 12.21 7.80
N HIS A 60 0.30 12.33 9.09
CA HIS A 60 1.10 11.77 10.20
C HIS A 60 0.26 10.89 11.13
N PRO A 61 0.81 9.77 11.65
CA PRO A 61 0.08 8.80 12.47
C PRO A 61 -0.26 9.33 13.87
N LYS A 62 -1.42 8.95 14.43
CA LYS A 62 -1.98 9.54 15.67
C LYS A 62 -0.97 9.53 16.83
N THR A 63 -0.60 10.73 17.29
CA THR A 63 0.48 11.04 18.23
C THR A 63 0.27 12.45 18.84
N GLU A 64 0.69 12.70 20.07
CA GLU A 64 0.66 14.04 20.71
C GLU A 64 1.99 14.39 21.42
N LEU A 65 2.37 15.66 21.38
CA LEU A 65 3.58 16.23 22.01
C LEU A 65 3.45 16.40 23.53
N GLY A 1 -1.84 -0.31 -23.51
CA GLY A 1 -1.61 -0.41 -22.06
C GLY A 1 -2.60 0.43 -21.28
N SER A 2 -2.10 1.30 -20.40
CA SER A 2 -2.88 2.04 -19.39
C SER A 2 -2.86 3.57 -19.59
N HIS A 3 -3.71 4.30 -18.85
CA HIS A 3 -3.68 5.77 -18.76
C HIS A 3 -2.40 6.28 -18.08
N MET A 4 -2.11 7.58 -18.21
CA MET A 4 -1.08 8.25 -17.40
C MET A 4 -1.53 8.37 -15.93
N LYS A 5 -0.61 8.22 -14.97
CA LYS A 5 -0.89 8.19 -13.52
C LYS A 5 0.29 8.69 -12.70
N TYR A 6 0.10 9.80 -11.98
CA TYR A 6 1.15 10.49 -11.21
C TYR A 6 0.62 10.92 -9.82
N GLU A 7 1.37 10.62 -8.74
CA GLU A 7 1.00 10.98 -7.37
C GLU A 7 2.21 11.13 -6.43
N LYS A 8 2.06 11.91 -5.35
CA LYS A 8 3.03 11.95 -4.24
C LYS A 8 2.89 10.70 -3.35
N THR A 9 1.67 10.19 -3.18
CA THR A 9 1.39 8.96 -2.42
C THR A 9 0.17 8.20 -2.97
N LEU A 10 0.18 6.87 -2.79
CA LEU A 10 -0.87 5.94 -3.23
C LEU A 10 -2.23 6.25 -2.58
N ASP A 11 -3.32 5.88 -3.25
CA ASP A 11 -4.70 6.14 -2.85
C ASP A 11 -5.37 4.88 -2.27
N LEU A 12 -4.99 4.51 -1.05
CA LEU A 12 -5.45 3.28 -0.36
C LEU A 12 -6.96 3.29 -0.04
N ALA A 13 -7.64 4.44 -0.11
CA ALA A 13 -9.09 4.52 -0.03
C ALA A 13 -9.79 4.34 -1.40
N SER A 14 -9.11 4.64 -2.52
CA SER A 14 -9.66 4.49 -3.88
C SER A 14 -9.77 3.02 -4.30
N VAL A 15 -8.67 2.28 -4.11
CA VAL A 15 -8.55 0.85 -4.41
C VAL A 15 -8.66 0.03 -3.12
N ASP A 16 -9.49 -1.03 -3.11
CA ASP A 16 -9.75 -1.80 -1.90
C ASP A 16 -8.70 -2.90 -1.68
N LEU A 17 -7.82 -2.73 -0.69
CA LEU A 17 -6.72 -3.65 -0.36
C LEU A 17 -7.17 -5.11 -0.21
N ARG A 18 -8.38 -5.37 0.31
CA ARG A 18 -8.93 -6.74 0.37
C ARG A 18 -9.30 -7.33 -0.99
N LYS A 19 -9.65 -6.51 -2.00
CA LYS A 19 -10.02 -6.98 -3.36
C LYS A 19 -8.80 -7.22 -4.24
N MET A 20 -7.76 -6.41 -4.04
CA MET A 20 -6.47 -6.47 -4.72
C MET A 20 -5.82 -7.87 -4.64
N ARG A 21 -5.06 -8.23 -5.67
CA ARG A 21 -4.24 -9.46 -5.69
C ARG A 21 -3.04 -9.32 -4.75
N VAL A 22 -2.55 -10.41 -4.16
CA VAL A 22 -1.40 -10.31 -3.23
C VAL A 22 -0.14 -9.76 -3.91
N ALA A 23 0.04 -10.02 -5.21
CA ALA A 23 1.07 -9.39 -6.04
C ALA A 23 0.94 -7.85 -6.11
N GLU A 24 -0.29 -7.34 -6.22
CA GLU A 24 -0.58 -5.90 -6.28
C GLU A 24 -0.33 -5.21 -4.94
N LEU A 25 -0.68 -5.90 -3.84
CA LEU A 25 -0.35 -5.48 -2.47
C LEU A 25 1.18 -5.51 -2.21
N LYS A 26 1.90 -6.50 -2.73
CA LYS A 26 3.38 -6.53 -2.73
C LYS A 26 3.97 -5.38 -3.54
N GLN A 27 3.34 -4.97 -4.65
CA GLN A 27 3.74 -3.77 -5.41
C GLN A 27 3.57 -2.46 -4.60
N ILE A 28 2.59 -2.36 -3.69
CA ILE A 28 2.49 -1.21 -2.75
C ILE A 28 3.74 -1.15 -1.86
N LEU A 29 4.08 -2.26 -1.20
CA LEU A 29 5.26 -2.32 -0.33
C LEU A 29 6.55 -2.04 -1.11
N HIS A 30 6.71 -2.62 -2.30
CA HIS A 30 7.87 -2.38 -3.17
C HIS A 30 8.01 -0.90 -3.57
N SER A 31 6.90 -0.18 -3.80
CA SER A 31 6.90 1.26 -4.04
C SER A 31 7.37 2.08 -2.83
N TRP A 32 7.04 1.65 -1.60
CA TRP A 32 7.55 2.22 -0.34
C TRP A 32 8.95 1.73 0.07
N GLY A 33 9.58 0.83 -0.68
CA GLY A 33 10.84 0.18 -0.29
C GLY A 33 10.69 -0.79 0.89
N GLU A 34 9.47 -1.20 1.22
CA GLU A 34 9.13 -2.14 2.28
C GLU A 34 9.27 -3.60 1.81
N GLU A 35 9.64 -4.48 2.73
CA GLU A 35 9.66 -5.93 2.54
C GLU A 35 9.14 -6.68 3.77
N CYS A 36 8.75 -7.94 3.59
CA CYS A 36 8.26 -8.84 4.64
C CYS A 36 8.64 -10.31 4.36
N ARG A 37 8.90 -11.08 5.42
CA ARG A 37 9.23 -12.52 5.38
C ARG A 37 8.32 -13.37 6.28
N ALA A 38 7.64 -12.74 7.24
CA ALA A 38 6.56 -13.30 8.06
C ALA A 38 5.21 -13.43 7.32
N CYS A 39 4.92 -12.53 6.38
CA CYS A 39 3.60 -12.36 5.74
C CYS A 39 3.19 -13.60 4.91
N ALA A 40 2.23 -14.37 5.42
CA ALA A 40 1.86 -15.69 4.89
C ALA A 40 0.60 -15.71 3.99
N GLU A 41 -0.25 -14.68 4.05
CA GLU A 41 -1.54 -14.60 3.35
C GLU A 41 -1.88 -13.16 2.95
N LYS A 42 -2.83 -12.96 2.01
CA LYS A 42 -3.22 -11.65 1.47
C LYS A 42 -3.58 -10.65 2.56
N THR A 43 -4.31 -11.09 3.59
CA THR A 43 -4.73 -10.26 4.72
C THR A 43 -3.55 -9.76 5.57
N ASP A 44 -2.46 -10.53 5.69
CA ASP A 44 -1.25 -10.07 6.38
C ASP A 44 -0.60 -8.86 5.69
N TYR A 45 -0.75 -8.73 4.35
CA TYR A 45 -0.35 -7.53 3.61
C TYR A 45 -1.34 -6.37 3.80
N VAL A 46 -2.65 -6.60 3.71
CA VAL A 46 -3.68 -5.57 4.02
C VAL A 46 -3.41 -4.93 5.38
N ASN A 47 -3.30 -5.75 6.43
CA ASN A 47 -3.08 -5.29 7.80
C ASN A 47 -1.77 -4.51 7.99
N LEU A 48 -0.73 -4.85 7.22
CA LEU A 48 0.52 -4.09 7.20
C LEU A 48 0.31 -2.73 6.56
N ILE A 49 -0.13 -2.71 5.29
CA ILE A 49 -0.26 -1.49 4.50
C ILE A 49 -1.13 -0.48 5.23
N GLN A 50 -2.19 -0.95 5.89
CA GLN A 50 -3.12 -0.06 6.59
C GLN A 50 -2.46 0.76 7.72
N GLU A 51 -1.37 0.27 8.33
CA GLU A 51 -0.53 1.00 9.29
C GLU A 51 0.56 1.85 8.64
N LEU A 52 1.06 1.42 7.47
CA LEU A 52 2.10 2.10 6.71
C LEU A 52 1.53 3.26 5.87
N ALA A 53 0.23 3.24 5.55
CA ALA A 53 -0.45 4.29 4.81
C ALA A 53 -0.35 5.67 5.50
N PRO A 54 -0.81 5.85 6.76
CA PRO A 54 -0.66 7.14 7.46
C PRO A 54 0.81 7.48 7.76
N LYS A 55 1.69 6.47 7.77
CA LYS A 55 3.14 6.59 8.02
C LYS A 55 3.86 7.33 6.88
N TYR A 56 3.59 6.91 5.64
CA TYR A 56 4.20 7.50 4.44
C TYR A 56 3.40 8.66 3.82
N ALA A 57 2.08 8.69 4.00
CA ALA A 57 1.22 9.80 3.58
C ALA A 57 1.46 11.09 4.40
N ALA A 58 0.73 12.16 4.09
CA ALA A 58 0.73 13.42 4.84
C ALA A 58 -0.04 13.37 6.18
N THR A 59 -0.65 12.22 6.51
CA THR A 59 -1.50 12.02 7.68
C THR A 59 -0.80 12.25 9.02
N HIS A 60 -1.50 12.89 9.97
CA HIS A 60 -1.00 13.19 11.32
C HIS A 60 -1.12 11.99 12.29
N PRO A 61 -0.31 11.92 13.36
CA PRO A 61 -0.15 10.74 14.23
C PRO A 61 -1.43 10.18 14.90
N LYS A 62 -1.42 8.86 15.13
CA LYS A 62 -2.57 8.08 15.63
C LYS A 62 -2.18 7.12 16.78
N THR A 63 -1.73 5.89 16.49
CA THR A 63 -1.38 4.89 17.53
C THR A 63 -0.32 3.87 17.09
N GLU A 64 -0.19 3.61 15.80
CA GLU A 64 0.91 2.86 15.17
C GLU A 64 2.22 3.67 15.18
N LEU A 65 3.37 3.01 14.98
CA LEU A 65 4.71 3.63 14.99
C LEU A 65 4.93 4.64 13.84
N GLY A 1 9.87 -1.33 -18.29
CA GLY A 1 8.56 -1.31 -17.63
C GLY A 1 8.67 -0.88 -16.18
N SER A 2 7.55 -0.48 -15.58
CA SER A 2 7.46 0.02 -14.20
C SER A 2 6.01 -0.02 -13.70
N HIS A 3 5.81 -0.35 -12.42
CA HIS A 3 4.50 -0.31 -11.77
C HIS A 3 4.18 1.04 -11.09
N MET A 4 5.20 1.86 -10.82
CA MET A 4 5.16 3.08 -10.01
C MET A 4 4.55 4.29 -10.73
N LYS A 5 3.80 5.12 -10.01
CA LYS A 5 3.20 6.39 -10.47
C LYS A 5 3.79 7.61 -9.73
N TYR A 6 4.32 8.57 -10.49
CA TYR A 6 4.74 9.89 -10.01
C TYR A 6 3.65 10.96 -10.22
N GLU A 7 2.66 10.71 -11.07
CA GLU A 7 1.59 11.66 -11.43
C GLU A 7 0.69 12.05 -10.23
N LYS A 8 0.43 11.13 -9.29
CA LYS A 8 -0.50 11.30 -8.15
C LYS A 8 -0.17 10.32 -7.01
N THR A 9 -0.23 10.77 -5.76
CA THR A 9 0.01 9.93 -4.56
C THR A 9 -1.02 8.82 -4.35
N LEU A 10 -0.68 7.79 -3.56
CA LEU A 10 -1.51 6.59 -3.36
C LEU A 10 -2.78 6.87 -2.53
N ASP A 11 -3.92 6.34 -2.98
CA ASP A 11 -5.24 6.52 -2.37
C ASP A 11 -5.74 5.22 -1.68
N LEU A 12 -5.12 4.85 -0.55
CA LEU A 12 -5.31 3.55 0.12
C LEU A 12 -6.72 3.33 0.75
N ALA A 13 -7.62 4.31 0.64
CA ALA A 13 -9.04 4.15 0.96
C ALA A 13 -9.91 3.94 -0.30
N SER A 14 -9.57 4.58 -1.42
CA SER A 14 -10.36 4.57 -2.66
C SER A 14 -10.36 3.20 -3.36
N VAL A 15 -9.23 2.48 -3.32
CA VAL A 15 -9.13 1.07 -3.74
C VAL A 15 -9.23 0.13 -2.53
N ASP A 16 -9.93 -0.99 -2.66
CA ASP A 16 -10.01 -1.99 -1.57
C ASP A 16 -8.83 -2.98 -1.62
N LEU A 17 -7.91 -2.85 -0.66
CA LEU A 17 -6.77 -3.75 -0.44
C LEU A 17 -7.19 -5.24 -0.36
N ARG A 18 -8.43 -5.53 0.07
CA ARG A 18 -8.99 -6.90 0.16
C ARG A 18 -9.39 -7.48 -1.21
N LYS A 19 -9.65 -6.63 -2.21
CA LYS A 19 -10.03 -7.01 -3.59
C LYS A 19 -8.82 -7.09 -4.52
N MET A 20 -7.82 -6.25 -4.29
CA MET A 20 -6.51 -6.27 -4.98
C MET A 20 -5.84 -7.66 -4.90
N ARG A 21 -5.07 -8.06 -5.93
CA ARG A 21 -4.24 -9.29 -5.88
C ARG A 21 -3.02 -9.10 -4.98
N VAL A 22 -2.46 -10.17 -4.40
CA VAL A 22 -1.26 -10.04 -3.52
C VAL A 22 -0.09 -9.37 -4.25
N ALA A 23 0.05 -9.59 -5.56
CA ALA A 23 1.04 -8.91 -6.40
C ALA A 23 0.85 -7.38 -6.45
N GLU A 24 -0.40 -6.92 -6.53
CA GLU A 24 -0.75 -5.50 -6.56
C GLU A 24 -0.49 -4.82 -5.21
N LEU A 25 -0.70 -5.57 -4.13
CA LEU A 25 -0.34 -5.17 -2.76
C LEU A 25 1.19 -5.12 -2.57
N LYS A 26 1.93 -6.11 -3.10
CA LYS A 26 3.41 -6.16 -3.06
C LYS A 26 4.07 -5.01 -3.83
N GLN A 27 3.44 -4.49 -4.88
CA GLN A 27 3.89 -3.27 -5.58
C GLN A 27 3.90 -2.03 -4.65
N ILE A 28 2.97 -1.95 -3.69
CA ILE A 28 2.91 -0.86 -2.70
C ILE A 28 4.10 -0.98 -1.73
N LEU A 29 4.35 -2.17 -1.18
CA LEU A 29 5.54 -2.43 -0.34
C LEU A 29 6.85 -2.17 -1.10
N HIS A 30 6.93 -2.56 -2.38
CA HIS A 30 8.08 -2.30 -3.26
C HIS A 30 8.34 -0.79 -3.41
N SER A 31 7.28 -0.01 -3.62
CA SER A 31 7.32 1.46 -3.71
C SER A 31 7.87 2.09 -2.42
N TRP A 32 7.41 1.61 -1.25
CA TRP A 32 7.83 2.11 0.06
C TRP A 32 9.16 1.54 0.57
N GLY A 33 9.74 0.54 -0.10
CA GLY A 33 10.99 -0.11 0.31
C GLY A 33 10.80 -1.04 1.51
N GLU A 34 9.79 -1.91 1.45
CA GLU A 34 9.37 -2.80 2.55
C GLU A 34 9.26 -4.26 2.11
N GLU A 35 9.46 -5.18 3.06
CA GLU A 35 9.31 -6.64 2.94
C GLU A 35 8.72 -7.24 4.23
N CYS A 36 8.20 -8.48 4.19
CA CYS A 36 7.68 -9.15 5.39
C CYS A 36 7.89 -10.68 5.40
N ARG A 37 8.99 -11.13 6.02
CA ARG A 37 9.28 -12.54 6.33
C ARG A 37 8.18 -13.25 7.15
N ALA A 38 7.31 -12.50 7.83
CA ALA A 38 6.19 -13.00 8.64
C ALA A 38 4.84 -13.11 7.90
N CYS A 39 4.72 -12.55 6.69
CA CYS A 39 3.48 -12.58 5.91
C CYS A 39 3.18 -14.00 5.37
N ALA A 40 2.12 -14.63 5.87
CA ALA A 40 1.69 -15.98 5.49
C ALA A 40 0.55 -15.98 4.45
N GLU A 41 -0.20 -14.88 4.30
CA GLU A 41 -1.36 -14.76 3.41
C GLU A 41 -1.56 -13.34 2.87
N LYS A 42 -2.45 -13.17 1.86
CA LYS A 42 -2.82 -11.86 1.30
C LYS A 42 -3.22 -10.84 2.38
N THR A 43 -4.05 -11.25 3.34
CA THR A 43 -4.54 -10.37 4.42
C THR A 43 -3.41 -9.81 5.30
N ASP A 44 -2.28 -10.52 5.42
CA ASP A 44 -1.13 -10.00 6.17
C ASP A 44 -0.48 -8.78 5.51
N TYR A 45 -0.43 -8.75 4.17
CA TYR A 45 -0.02 -7.57 3.40
C TYR A 45 -1.02 -6.43 3.57
N VAL A 46 -2.34 -6.73 3.53
CA VAL A 46 -3.40 -5.73 3.76
C VAL A 46 -3.22 -5.04 5.11
N ASN A 47 -3.15 -5.81 6.20
CA ASN A 47 -2.99 -5.29 7.55
C ASN A 47 -1.70 -4.48 7.73
N LEU A 48 -0.60 -4.88 7.08
CA LEU A 48 0.65 -4.12 7.06
C LEU A 48 0.45 -2.78 6.37
N ILE A 49 -0.01 -2.79 5.11
CA ILE A 49 -0.15 -1.57 4.32
C ILE A 49 -1.01 -0.56 5.05
N GLN A 50 -2.06 -1.02 5.73
CA GLN A 50 -2.98 -0.13 6.40
C GLN A 50 -2.29 0.73 7.51
N GLU A 51 -1.25 0.23 8.17
CA GLU A 51 -0.44 1.00 9.14
C GLU A 51 0.58 1.93 8.47
N LEU A 52 1.11 1.52 7.30
CA LEU A 52 2.15 2.20 6.54
C LEU A 52 1.58 3.28 5.61
N ALA A 53 0.30 3.21 5.28
CA ALA A 53 -0.40 4.21 4.47
C ALA A 53 -0.31 5.63 5.05
N PRO A 54 -0.76 5.90 6.30
CA PRO A 54 -0.62 7.22 6.90
C PRO A 54 0.85 7.62 7.13
N LYS A 55 1.75 6.63 7.19
CA LYS A 55 3.21 6.78 7.38
C LYS A 55 3.91 7.36 6.14
N TYR A 56 3.44 7.07 4.92
CA TYR A 56 4.13 7.43 3.67
C TYR A 56 3.30 8.21 2.62
N ALA A 57 1.96 8.19 2.65
CA ALA A 57 1.10 8.72 1.58
C ALA A 57 0.84 10.25 1.58
N ALA A 58 1.20 10.99 2.66
CA ALA A 58 0.88 12.41 2.80
C ALA A 58 1.92 13.23 3.57
N THR A 59 2.04 14.52 3.23
CA THR A 59 2.95 15.49 3.85
C THR A 59 2.46 15.97 5.22
N HIS A 60 3.40 16.33 6.11
CA HIS A 60 3.12 16.90 7.43
C HIS A 60 3.55 18.38 7.52
N PRO A 61 2.67 19.33 7.91
CA PRO A 61 2.98 20.76 8.08
C PRO A 61 3.92 21.12 9.25
N LYS A 62 4.71 20.17 9.77
CA LYS A 62 5.61 20.30 10.93
C LYS A 62 6.91 19.51 10.71
N THR A 63 8.02 20.07 11.17
CA THR A 63 9.39 19.54 11.03
C THR A 63 10.17 19.53 12.36
N GLU A 64 9.85 20.43 13.29
CA GLU A 64 10.40 20.41 14.67
C GLU A 64 9.67 19.44 15.62
N LEU A 65 10.21 19.27 16.83
CA LEU A 65 9.63 18.50 17.95
C LEU A 65 8.31 19.08 18.47
N GLY A 1 -4.60 2.12 -29.16
CA GLY A 1 -4.14 0.99 -28.33
C GLY A 1 -5.31 0.26 -27.72
N SER A 2 -5.07 -0.95 -27.24
CA SER A 2 -6.08 -1.84 -26.64
C SER A 2 -6.77 -1.25 -25.39
N HIS A 3 -7.88 -1.89 -25.00
CA HIS A 3 -8.66 -1.57 -23.80
C HIS A 3 -7.87 -1.64 -22.48
N MET A 4 -6.72 -2.34 -22.47
CA MET A 4 -5.89 -2.54 -21.28
C MET A 4 -5.22 -1.23 -20.83
N LYS A 5 -5.65 -0.74 -19.67
CA LYS A 5 -5.24 0.55 -19.05
C LYS A 5 -5.27 0.43 -17.52
N TYR A 6 -4.11 0.48 -16.88
CA TYR A 6 -3.92 0.30 -15.44
C TYR A 6 -2.64 0.98 -14.93
N GLU A 7 -2.73 1.71 -13.81
CA GLU A 7 -1.65 2.47 -13.18
C GLU A 7 -1.45 2.06 -11.71
N LYS A 8 -0.39 2.53 -11.05
CA LYS A 8 -0.16 2.32 -9.62
C LYS A 8 -0.91 3.38 -8.80
N THR A 9 -2.05 3.00 -8.23
CA THR A 9 -2.82 3.81 -7.28
C THR A 9 -2.32 3.54 -5.87
N LEU A 10 -1.94 4.59 -5.14
CA LEU A 10 -1.49 4.55 -3.74
C LEU A 10 -2.45 5.29 -2.79
N ASP A 11 -3.58 5.81 -3.29
CA ASP A 11 -4.67 6.39 -2.50
C ASP A 11 -5.53 5.24 -1.92
N LEU A 12 -5.23 4.80 -0.69
CA LEU A 12 -5.77 3.57 -0.10
C LEU A 12 -7.30 3.54 0.06
N ALA A 13 -7.98 4.69 0.14
CA ALA A 13 -9.45 4.79 0.11
C ALA A 13 -10.07 4.66 -1.31
N SER A 14 -9.24 4.64 -2.35
CA SER A 14 -9.62 4.59 -3.77
C SER A 14 -9.35 3.23 -4.43
N VAL A 15 -8.63 2.33 -3.76
CA VAL A 15 -8.42 0.94 -4.18
C VAL A 15 -8.56 -0.01 -2.99
N ASP A 16 -9.53 -0.93 -3.05
CA ASP A 16 -9.85 -1.84 -1.96
C ASP A 16 -8.77 -2.93 -1.81
N LEU A 17 -7.92 -2.78 -0.78
CA LEU A 17 -6.84 -3.72 -0.42
C LEU A 17 -7.34 -5.18 -0.34
N ARG A 18 -8.58 -5.40 0.11
CA ARG A 18 -9.22 -6.72 0.25
C ARG A 18 -9.42 -7.45 -1.09
N LYS A 19 -9.64 -6.70 -2.18
CA LYS A 19 -10.04 -7.21 -3.50
C LYS A 19 -8.89 -7.21 -4.51
N MET A 20 -7.78 -6.58 -4.15
CA MET A 20 -6.50 -6.64 -4.86
C MET A 20 -5.87 -8.04 -4.77
N ARG A 21 -4.93 -8.33 -5.69
CA ARG A 21 -4.05 -9.51 -5.63
C ARG A 21 -2.84 -9.24 -4.73
N VAL A 22 -2.28 -10.27 -4.08
CA VAL A 22 -1.10 -10.12 -3.20
C VAL A 22 0.10 -9.48 -3.92
N ALA A 23 0.31 -9.78 -5.21
CA ALA A 23 1.36 -9.17 -6.03
C ALA A 23 1.21 -7.65 -6.18
N GLU A 24 -0.01 -7.14 -6.34
CA GLU A 24 -0.29 -5.71 -6.47
C GLU A 24 -0.13 -4.99 -5.12
N LEU A 25 -0.51 -5.67 -4.03
CA LEU A 25 -0.27 -5.21 -2.65
C LEU A 25 1.22 -5.16 -2.31
N LYS A 26 2.03 -6.14 -2.75
CA LYS A 26 3.50 -6.09 -2.67
C LYS A 26 4.09 -4.91 -3.45
N GLN A 27 3.50 -4.57 -4.60
CA GLN A 27 3.90 -3.41 -5.41
C GLN A 27 3.58 -2.05 -4.74
N ILE A 28 2.61 -1.98 -3.81
CA ILE A 28 2.42 -0.81 -2.93
C ILE A 28 3.63 -0.68 -1.98
N LEU A 29 4.03 -1.79 -1.34
CA LEU A 29 5.22 -1.80 -0.48
C LEU A 29 6.50 -1.45 -1.24
N HIS A 30 6.63 -1.84 -2.52
CA HIS A 30 7.78 -1.48 -3.37
C HIS A 30 7.93 0.04 -3.55
N SER A 31 6.83 0.81 -3.62
CA SER A 31 6.85 2.29 -3.65
C SER A 31 7.39 2.92 -2.36
N TRP A 32 7.40 2.17 -1.26
CA TRP A 32 7.91 2.54 0.07
C TRP A 32 9.25 1.86 0.42
N GLY A 33 9.80 1.06 -0.51
CA GLY A 33 11.02 0.29 -0.30
C GLY A 33 10.90 -0.81 0.75
N GLU A 34 9.70 -1.41 0.89
CA GLU A 34 9.36 -2.42 1.89
C GLU A 34 9.04 -3.80 1.27
N GLU A 35 9.23 -4.85 2.08
CA GLU A 35 8.85 -6.24 1.83
C GLU A 35 8.18 -6.87 3.07
N CYS A 36 7.58 -8.05 2.89
CA CYS A 36 7.15 -8.93 3.98
C CYS A 36 7.19 -10.40 3.55
N ARG A 37 7.89 -11.25 4.32
CA ARG A 37 8.02 -12.70 4.11
C ARG A 37 7.38 -13.52 5.23
N ALA A 38 7.38 -12.99 6.46
CA ALA A 38 6.67 -13.59 7.59
C ALA A 38 5.13 -13.56 7.43
N CYS A 39 4.61 -12.71 6.55
CA CYS A 39 3.20 -12.64 6.14
C CYS A 39 2.71 -14.01 5.59
N ALA A 40 1.76 -14.63 6.28
CA ALA A 40 1.28 -15.98 5.97
C ALA A 40 0.19 -16.02 4.88
N GLU A 41 -0.44 -14.88 4.59
CA GLU A 41 -1.60 -14.73 3.70
C GLU A 41 -1.74 -13.29 3.20
N LYS A 42 -2.58 -13.06 2.17
CA LYS A 42 -2.87 -11.73 1.62
C LYS A 42 -3.29 -10.73 2.72
N THR A 43 -4.14 -11.15 3.64
CA THR A 43 -4.64 -10.31 4.75
C THR A 43 -3.50 -9.80 5.65
N ASP A 44 -2.40 -10.55 5.81
CA ASP A 44 -1.23 -10.05 6.56
C ASP A 44 -0.55 -8.86 5.86
N TYR A 45 -0.49 -8.82 4.51
CA TYR A 45 -0.05 -7.65 3.76
C TYR A 45 -1.06 -6.50 3.82
N VAL A 46 -2.36 -6.78 3.69
CA VAL A 46 -3.43 -5.77 3.81
C VAL A 46 -3.34 -5.06 5.16
N ASN A 47 -3.25 -5.84 6.24
CA ASN A 47 -3.06 -5.34 7.60
C ASN A 47 -1.77 -4.54 7.77
N LEU A 48 -0.66 -4.97 7.15
CA LEU A 48 0.60 -4.23 7.17
C LEU A 48 0.43 -2.86 6.52
N ILE A 49 -0.05 -2.84 5.28
CA ILE A 49 -0.22 -1.60 4.51
C ILE A 49 -1.07 -0.62 5.29
N GLN A 50 -2.12 -1.09 5.95
CA GLN A 50 -3.02 -0.20 6.66
C GLN A 50 -2.33 0.59 7.81
N GLU A 51 -1.23 0.07 8.36
CA GLU A 51 -0.37 0.74 9.36
C GLU A 51 0.76 1.60 8.74
N LEU A 52 1.22 1.22 7.54
CA LEU A 52 2.25 1.95 6.78
C LEU A 52 1.64 3.13 5.99
N ALA A 53 0.34 3.09 5.70
CA ALA A 53 -0.37 4.17 5.01
C ALA A 53 -0.24 5.55 5.71
N PRO A 54 -0.58 5.70 7.01
CA PRO A 54 -0.40 6.98 7.71
C PRO A 54 1.07 7.38 7.87
N LYS A 55 1.99 6.42 7.66
CA LYS A 55 3.44 6.60 7.76
C LYS A 55 4.02 7.26 6.49
N TYR A 56 3.81 6.63 5.33
CA TYR A 56 4.46 7.03 4.07
C TYR A 56 3.61 7.94 3.14
N ALA A 57 2.36 8.28 3.47
CA ALA A 57 1.51 9.13 2.62
C ALA A 57 2.09 10.54 2.34
N ALA A 58 2.93 11.08 3.24
CA ALA A 58 3.53 12.41 3.12
C ALA A 58 4.37 12.61 1.85
N THR A 59 4.19 13.74 1.16
CA THR A 59 5.05 14.23 0.05
C THR A 59 4.71 15.69 -0.29
N HIS A 60 5.74 16.53 -0.40
CA HIS A 60 5.62 17.92 -0.89
C HIS A 60 5.03 18.00 -2.32
N PRO A 61 3.93 18.75 -2.58
CA PRO A 61 3.20 18.72 -3.85
C PRO A 61 3.83 19.62 -4.95
N LYS A 62 4.32 19.01 -6.04
CA LYS A 62 5.06 19.66 -7.15
C LYS A 62 4.16 20.37 -8.18
N THR A 63 3.52 21.46 -7.77
CA THR A 63 2.80 22.42 -8.63
C THR A 63 2.77 23.80 -7.96
N GLU A 64 2.79 24.88 -8.74
CA GLU A 64 2.76 26.27 -8.25
C GLU A 64 1.42 26.95 -8.55
N LEU A 65 0.90 27.73 -7.60
CA LEU A 65 -0.29 28.56 -7.77
C LEU A 65 0.03 29.81 -8.58
N GLY A 1 12.83 15.53 -22.95
CA GLY A 1 12.32 15.76 -24.30
C GLY A 1 10.84 16.03 -24.29
N SER A 2 10.16 15.75 -25.40
CA SER A 2 8.74 16.06 -25.65
C SER A 2 7.74 15.20 -24.86
N HIS A 3 8.17 14.04 -24.35
CA HIS A 3 7.36 13.02 -23.70
C HIS A 3 6.80 13.47 -22.34
N MET A 4 5.56 13.09 -22.02
CA MET A 4 4.81 13.56 -20.85
C MET A 4 4.74 12.54 -19.70
N LYS A 5 4.50 13.03 -18.48
CA LYS A 5 4.41 12.27 -17.22
C LYS A 5 3.35 12.84 -16.25
N TYR A 6 3.09 12.13 -15.15
CA TYR A 6 2.14 12.52 -14.08
C TYR A 6 2.65 12.03 -12.70
N GLU A 7 2.12 12.57 -11.59
CA GLU A 7 2.44 12.13 -10.21
C GLU A 7 1.48 11.03 -9.73
N LYS A 8 1.84 9.75 -9.96
CA LYS A 8 1.03 8.54 -9.72
C LYS A 8 0.98 8.12 -8.23
N THR A 9 0.69 9.08 -7.34
CA THR A 9 0.67 8.89 -5.88
C THR A 9 -0.45 7.97 -5.42
N LEU A 10 -0.19 7.17 -4.38
CA LEU A 10 -1.09 6.16 -3.82
C LEU A 10 -2.27 6.81 -3.07
N ASP A 11 -3.48 6.31 -3.31
CA ASP A 11 -4.74 6.67 -2.64
C ASP A 11 -5.37 5.41 -2.00
N LEU A 12 -4.93 5.06 -0.79
CA LEU A 12 -5.36 3.82 -0.13
C LEU A 12 -6.85 3.83 0.27
N ALA A 13 -7.53 4.98 0.30
CA ALA A 13 -8.98 5.05 0.45
C ALA A 13 -9.76 4.76 -0.86
N SER A 14 -9.09 4.78 -2.02
CA SER A 14 -9.73 4.50 -3.32
C SER A 14 -10.01 3.02 -3.52
N VAL A 15 -9.07 2.14 -3.14
CA VAL A 15 -9.07 0.72 -3.48
C VAL A 15 -9.12 -0.21 -2.25
N ASP A 16 -9.96 -1.26 -2.30
CA ASP A 16 -10.09 -2.27 -1.25
C ASP A 16 -8.95 -3.30 -1.34
N LEU A 17 -7.99 -3.21 -0.42
CA LEU A 17 -6.82 -4.07 -0.28
C LEU A 17 -7.19 -5.56 -0.20
N ARG A 18 -8.39 -5.89 0.32
CA ARG A 18 -8.88 -7.28 0.41
C ARG A 18 -9.42 -7.82 -0.92
N LYS A 19 -9.74 -6.97 -1.91
CA LYS A 19 -10.17 -7.38 -3.27
C LYS A 19 -8.99 -7.48 -4.24
N MET A 20 -7.95 -6.66 -4.03
CA MET A 20 -6.68 -6.72 -4.75
C MET A 20 -6.00 -8.10 -4.64
N ARG A 21 -5.20 -8.48 -5.64
CA ARG A 21 -4.34 -9.68 -5.60
C ARG A 21 -3.02 -9.38 -4.87
N VAL A 22 -2.34 -10.39 -4.29
CA VAL A 22 -1.15 -10.17 -3.45
C VAL A 22 0.00 -9.49 -4.19
N ALA A 23 0.15 -9.75 -5.49
CA ALA A 23 1.10 -9.03 -6.34
C ALA A 23 0.78 -7.53 -6.42
N GLU A 24 -0.49 -7.18 -6.60
CA GLU A 24 -0.96 -5.79 -6.69
C GLU A 24 -0.71 -5.01 -5.38
N LEU A 25 -0.78 -5.73 -4.25
CA LEU A 25 -0.41 -5.24 -2.92
C LEU A 25 1.12 -5.16 -2.70
N LYS A 26 1.91 -6.14 -3.15
CA LYS A 26 3.39 -6.10 -3.04
C LYS A 26 4.00 -4.91 -3.78
N GLN A 27 3.42 -4.50 -4.91
CA GLN A 27 3.84 -3.29 -5.62
C GLN A 27 3.65 -1.99 -4.81
N ILE A 28 2.84 -2.01 -3.74
CA ILE A 28 2.75 -0.90 -2.76
C ILE A 28 3.99 -0.94 -1.84
N LEU A 29 4.27 -2.09 -1.21
CA LEU A 29 5.42 -2.23 -0.29
C LEU A 29 6.77 -1.99 -0.98
N HIS A 30 6.93 -2.42 -2.24
CA HIS A 30 8.14 -2.17 -3.03
C HIS A 30 8.35 -0.68 -3.31
N SER A 31 7.29 0.12 -3.45
CA SER A 31 7.42 1.58 -3.58
C SER A 31 7.99 2.23 -2.32
N TRP A 32 7.66 1.68 -1.14
CA TRP A 32 8.13 2.12 0.18
C TRP A 32 9.48 1.49 0.60
N GLY A 33 9.90 0.39 -0.05
CA GLY A 33 11.18 -0.32 0.19
C GLY A 33 11.18 -1.31 1.38
N GLU A 34 9.99 -1.74 1.80
CA GLU A 34 9.76 -2.61 2.97
C GLU A 34 9.43 -4.06 2.55
N GLU A 35 9.48 -5.00 3.49
CA GLU A 35 9.06 -6.41 3.30
C GLU A 35 8.64 -7.11 4.61
N CYS A 36 7.97 -8.27 4.48
CA CYS A 36 7.56 -9.12 5.61
C CYS A 36 7.86 -10.60 5.34
N ARG A 37 8.94 -11.11 5.94
CA ARG A 37 9.42 -12.49 5.81
C ARG A 37 8.40 -13.52 6.32
N ALA A 38 7.63 -13.16 7.35
CA ALA A 38 6.62 -13.99 8.01
C ALA A 38 5.23 -13.98 7.34
N CYS A 39 4.99 -13.15 6.32
CA CYS A 39 3.70 -13.10 5.62
C CYS A 39 3.40 -14.42 4.87
N ALA A 40 2.30 -15.09 5.23
CA ALA A 40 1.93 -16.43 4.74
C ALA A 40 0.64 -16.48 3.90
N GLU A 41 -0.06 -15.34 3.77
CA GLU A 41 -1.30 -15.15 3.03
C GLU A 41 -1.49 -13.67 2.66
N LYS A 42 -2.35 -13.39 1.66
CA LYS A 42 -2.67 -12.03 1.17
C LYS A 42 -3.11 -11.09 2.29
N THR A 43 -3.83 -11.59 3.29
CA THR A 43 -4.31 -10.83 4.46
C THR A 43 -3.17 -10.22 5.29
N ASP A 44 -2.04 -10.92 5.41
CA ASP A 44 -0.91 -10.46 6.22
C ASP A 44 -0.26 -9.20 5.63
N TYR A 45 -0.30 -9.05 4.29
CA TYR A 45 0.09 -7.81 3.59
C TYR A 45 -0.93 -6.70 3.79
N VAL A 46 -2.24 -6.99 3.67
CA VAL A 46 -3.32 -6.01 3.90
C VAL A 46 -3.16 -5.32 5.25
N ASN A 47 -3.03 -6.13 6.32
CA ASN A 47 -2.89 -5.62 7.67
C ASN A 47 -1.65 -4.76 7.88
N LEU A 48 -0.55 -5.09 7.20
CA LEU A 48 0.66 -4.25 7.20
C LEU A 48 0.39 -2.91 6.52
N ILE A 49 -0.07 -2.95 5.27
CA ILE A 49 -0.25 -1.73 4.47
C ILE A 49 -1.17 -0.74 5.20
N GLN A 50 -2.20 -1.24 5.89
CA GLN A 50 -3.15 -0.39 6.57
C GLN A 50 -2.51 0.53 7.63
N GLU A 51 -1.42 0.09 8.27
CA GLU A 51 -0.61 0.89 9.21
C GLU A 51 0.38 1.83 8.50
N LEU A 52 0.89 1.42 7.34
CA LEU A 52 1.87 2.15 6.54
C LEU A 52 1.19 3.23 5.67
N ALA A 53 -0.11 3.11 5.41
CA ALA A 53 -0.89 4.10 4.66
C ALA A 53 -0.84 5.51 5.29
N PRO A 54 -1.20 5.72 6.58
CA PRO A 54 -1.06 7.02 7.22
C PRO A 54 0.42 7.46 7.38
N LYS A 55 1.35 6.50 7.27
CA LYS A 55 2.80 6.69 7.39
C LYS A 55 3.40 7.33 6.13
N TYR A 56 3.05 6.85 4.93
CA TYR A 56 3.63 7.28 3.66
C TYR A 56 2.69 8.12 2.75
N ALA A 57 1.42 8.30 3.12
CA ALA A 57 0.48 9.24 2.48
C ALA A 57 0.35 10.54 3.30
N ALA A 58 -0.50 11.48 2.87
CA ALA A 58 -0.74 12.75 3.57
C ALA A 58 -1.51 12.59 4.89
N THR A 59 -2.50 11.68 4.96
CA THR A 59 -3.35 11.47 6.14
C THR A 59 -4.03 10.08 6.18
N HIS A 60 -4.65 9.72 7.30
CA HIS A 60 -5.31 8.42 7.51
C HIS A 60 -6.48 8.16 6.54
N PRO A 61 -6.55 6.99 5.86
CA PRO A 61 -7.60 6.69 4.88
C PRO A 61 -8.99 6.43 5.49
N LYS A 62 -9.07 5.84 6.70
CA LYS A 62 -10.26 5.67 7.57
C LYS A 62 -11.52 4.97 7.03
N THR A 63 -11.65 4.77 5.72
CA THR A 63 -12.87 4.27 5.05
C THR A 63 -13.06 2.74 5.11
N GLU A 64 -12.06 1.99 5.58
CA GLU A 64 -12.09 0.52 5.69
C GLU A 64 -11.18 0.02 6.85
N LEU A 65 -11.36 0.59 8.05
CA LEU A 65 -10.60 0.28 9.27
C LEU A 65 -11.36 -0.66 10.22
N GLY A 1 11.13 10.80 -12.73
CA GLY A 1 10.92 11.60 -13.94
C GLY A 1 9.96 12.76 -13.70
N SER A 2 9.94 13.72 -14.62
CA SER A 2 9.20 15.00 -14.48
C SER A 2 7.66 14.87 -14.45
N HIS A 3 7.08 13.75 -14.91
CA HIS A 3 5.62 13.61 -15.10
C HIS A 3 4.86 13.11 -13.87
N MET A 4 3.69 13.70 -13.63
CA MET A 4 2.67 13.26 -12.66
C MET A 4 1.68 12.27 -13.30
N LYS A 5 1.41 12.39 -14.61
CA LYS A 5 0.53 11.52 -15.40
C LYS A 5 0.95 10.04 -15.37
N TYR A 6 -0.03 9.13 -15.32
CA TYR A 6 0.14 7.69 -15.05
C TYR A 6 0.86 7.46 -13.71
N GLU A 7 0.12 7.69 -12.63
CA GLU A 7 0.59 7.58 -11.24
C GLU A 7 0.76 6.14 -10.76
N LYS A 8 1.65 5.89 -9.78
CA LYS A 8 1.71 4.59 -9.07
C LYS A 8 0.50 4.48 -8.14
N THR A 9 -0.16 3.32 -8.16
CA THR A 9 -1.34 2.99 -7.34
C THR A 9 -0.98 2.86 -5.86
N LEU A 10 -1.19 3.94 -5.08
CA LEU A 10 -0.78 4.08 -3.67
C LEU A 10 -1.83 4.85 -2.82
N ASP A 11 -3.04 5.06 -3.35
CA ASP A 11 -4.15 5.78 -2.71
C ASP A 11 -5.17 4.81 -2.10
N LEU A 12 -5.02 4.51 -0.81
CA LEU A 12 -5.74 3.42 -0.10
C LEU A 12 -7.25 3.70 0.11
N ALA A 13 -7.68 4.95 -0.06
CA ALA A 13 -9.09 5.32 -0.12
C ALA A 13 -9.72 5.08 -1.51
N SER A 14 -8.91 5.12 -2.58
CA SER A 14 -9.35 4.75 -3.93
C SER A 14 -9.51 3.23 -4.08
N VAL A 15 -8.59 2.43 -3.51
CA VAL A 15 -8.51 0.99 -3.76
C VAL A 15 -8.72 0.17 -2.48
N ASP A 16 -9.60 -0.84 -2.54
CA ASP A 16 -9.81 -1.76 -1.41
C ASP A 16 -8.77 -2.88 -1.42
N LEU A 17 -7.89 -2.86 -0.40
CA LEU A 17 -6.83 -3.82 -0.14
C LEU A 17 -7.34 -5.25 0.02
N ARG A 18 -8.57 -5.44 0.52
CA ARG A 18 -9.19 -6.77 0.70
C ARG A 18 -9.71 -7.39 -0.60
N LYS A 19 -10.06 -6.57 -1.60
CA LYS A 19 -10.49 -7.03 -2.93
C LYS A 19 -9.29 -7.29 -3.85
N MET A 20 -8.22 -6.50 -3.66
CA MET A 20 -6.96 -6.57 -4.39
C MET A 20 -6.28 -7.95 -4.37
N ARG A 21 -5.52 -8.22 -5.43
CA ARG A 21 -4.62 -9.38 -5.56
C ARG A 21 -3.31 -9.13 -4.81
N VAL A 22 -2.66 -10.19 -4.30
CA VAL A 22 -1.40 -10.07 -3.55
C VAL A 22 -0.29 -9.39 -4.38
N ALA A 23 -0.26 -9.64 -5.69
CA ALA A 23 0.67 -9.00 -6.64
C ALA A 23 0.55 -7.47 -6.68
N GLU A 24 -0.69 -6.94 -6.65
CA GLU A 24 -0.96 -5.51 -6.67
C GLU A 24 -0.64 -4.85 -5.32
N LEU A 25 -0.87 -5.56 -4.21
CA LEU A 25 -0.48 -5.13 -2.86
C LEU A 25 1.05 -5.12 -2.66
N LYS A 26 1.75 -6.09 -3.23
CA LYS A 26 3.23 -6.16 -3.21
C LYS A 26 3.88 -4.91 -3.82
N GLN A 27 3.30 -4.33 -4.87
CA GLN A 27 3.80 -3.10 -5.50
C GLN A 27 3.73 -1.88 -4.58
N ILE A 28 2.76 -1.82 -3.65
CA ILE A 28 2.66 -0.76 -2.65
C ILE A 28 3.87 -0.82 -1.72
N LEU A 29 4.14 -2.00 -1.14
CA LEU A 29 5.31 -2.19 -0.27
C LEU A 29 6.65 -2.03 -1.02
N HIS A 30 6.77 -2.56 -2.24
CA HIS A 30 8.00 -2.46 -3.05
C HIS A 30 8.32 -1.02 -3.45
N SER A 31 7.30 -0.19 -3.69
CA SER A 31 7.49 1.26 -3.91
C SER A 31 8.04 1.95 -2.66
N TRP A 32 7.51 1.63 -1.48
CA TRP A 32 8.02 2.10 -0.18
C TRP A 32 9.36 1.46 0.25
N GLY A 33 9.77 0.35 -0.38
CA GLY A 33 10.96 -0.44 -0.03
C GLY A 33 10.76 -1.39 1.15
N GLU A 34 9.51 -1.59 1.59
CA GLU A 34 9.12 -2.33 2.79
C GLU A 34 8.98 -3.85 2.53
N GLU A 35 9.27 -4.64 3.55
CA GLU A 35 9.20 -6.11 3.55
C GLU A 35 7.97 -6.63 4.31
N CYS A 36 7.41 -7.77 3.91
CA CYS A 36 6.32 -8.44 4.63
C CYS A 36 6.74 -8.89 6.05
N ARG A 37 5.79 -8.93 6.99
CA ARG A 37 6.03 -9.39 8.37
C ARG A 37 6.25 -10.90 8.43
N ALA A 38 5.42 -11.66 7.71
CA ALA A 38 5.42 -13.12 7.68
C ALA A 38 5.34 -13.75 6.28
N CYS A 39 4.75 -13.06 5.29
CA CYS A 39 4.44 -13.58 3.93
C CYS A 39 3.59 -14.87 3.93
N ALA A 40 2.86 -15.16 5.02
CA ALA A 40 2.04 -16.37 5.13
C ALA A 40 0.82 -16.37 4.18
N GLU A 41 0.25 -15.20 3.89
CA GLU A 41 -1.00 -15.01 3.16
C GLU A 41 -1.18 -13.57 2.65
N LYS A 42 -2.14 -13.32 1.76
CA LYS A 42 -2.49 -11.99 1.22
C LYS A 42 -2.82 -10.97 2.32
N THR A 43 -3.43 -11.42 3.42
CA THR A 43 -3.78 -10.57 4.59
C THR A 43 -2.54 -9.92 5.22
N ASP A 44 -1.37 -10.57 5.17
CA ASP A 44 -0.14 -10.02 5.78
C ASP A 44 0.25 -8.66 5.16
N TYR A 45 0.10 -8.54 3.83
CA TYR A 45 0.29 -7.28 3.10
C TYR A 45 -0.77 -6.25 3.46
N VAL A 46 -2.06 -6.65 3.48
CA VAL A 46 -3.19 -5.75 3.82
C VAL A 46 -2.96 -5.08 5.17
N ASN A 47 -2.68 -5.88 6.21
CA ASN A 47 -2.43 -5.37 7.57
C ASN A 47 -1.24 -4.41 7.62
N LEU A 48 -0.13 -4.72 6.93
CA LEU A 48 1.04 -3.85 6.89
C LEU A 48 0.69 -2.51 6.27
N ILE A 49 0.11 -2.53 5.07
CA ILE A 49 -0.27 -1.30 4.36
C ILE A 49 -1.20 -0.47 5.23
N GLN A 50 -2.11 -1.08 5.99
CA GLN A 50 -3.03 -0.30 6.79
C GLN A 50 -2.35 0.51 7.93
N GLU A 51 -1.18 0.06 8.43
CA GLU A 51 -0.32 0.79 9.38
C GLU A 51 0.67 1.74 8.69
N LEU A 52 1.14 1.38 7.50
CA LEU A 52 2.09 2.18 6.70
C LEU A 52 1.39 3.26 5.86
N ALA A 53 0.06 3.18 5.68
CA ALA A 53 -0.72 4.22 5.01
C ALA A 53 -0.69 5.58 5.75
N PRO A 54 -1.03 5.69 7.05
CA PRO A 54 -0.94 6.95 7.78
C PRO A 54 0.52 7.40 8.02
N LYS A 55 1.49 6.55 7.67
CA LYS A 55 2.93 6.81 7.68
C LYS A 55 3.38 7.54 6.41
N TYR A 56 3.07 6.99 5.22
CA TYR A 56 3.54 7.48 3.92
C TYR A 56 2.52 8.32 3.11
N ALA A 57 1.24 8.33 3.48
CA ALA A 57 0.26 9.26 2.91
C ALA A 57 0.21 10.58 3.70
N ALA A 58 -0.09 11.67 3.01
CA ALA A 58 -0.40 12.96 3.63
C ALA A 58 -1.55 12.78 4.62
N THR A 59 -1.35 13.21 5.87
CA THR A 59 -2.24 12.91 6.99
C THR A 59 -2.28 14.09 7.96
N HIS A 60 -3.48 14.57 8.29
CA HIS A 60 -3.69 15.66 9.25
C HIS A 60 -4.45 15.16 10.50
N PRO A 61 -4.21 15.73 11.70
CA PRO A 61 -5.04 15.43 12.87
C PRO A 61 -6.45 16.03 12.69
N LYS A 62 -7.49 15.27 13.09
CA LYS A 62 -8.90 15.71 12.97
C LYS A 62 -9.36 16.59 14.14
N THR A 63 -8.69 16.45 15.29
CA THR A 63 -8.83 17.23 16.53
C THR A 63 -7.63 16.95 17.45
N GLU A 64 -7.28 17.84 18.39
CA GLU A 64 -6.15 17.59 19.30
C GLU A 64 -6.52 16.56 20.39
N LEU A 65 -5.99 15.34 20.26
CA LEU A 65 -6.16 14.22 21.22
C LEU A 65 -5.18 14.33 22.38
N GLY A 1 18.13 3.91 -19.00
CA GLY A 1 18.86 4.71 -18.02
C GLY A 1 18.51 4.29 -16.59
N SER A 2 18.78 5.15 -15.62
CA SER A 2 18.47 4.96 -14.19
C SER A 2 16.98 5.12 -13.84
N HIS A 3 16.22 5.87 -14.64
CA HIS A 3 14.77 6.06 -14.47
C HIS A 3 13.96 4.79 -14.78
N MET A 4 12.84 4.61 -14.09
CA MET A 4 11.84 3.56 -14.36
C MET A 4 10.43 3.98 -13.92
N LYS A 5 9.39 3.40 -14.51
CA LYS A 5 8.01 3.50 -14.01
C LYS A 5 7.88 2.75 -12.68
N TYR A 6 6.88 3.12 -11.87
CA TYR A 6 6.52 2.44 -10.60
C TYR A 6 5.01 2.18 -10.56
N GLU A 7 4.59 1.13 -9.86
CA GLU A 7 3.17 0.75 -9.70
C GLU A 7 2.56 1.37 -8.43
N LYS A 8 2.60 2.70 -8.34
CA LYS A 8 2.26 3.47 -7.13
C LYS A 8 0.75 3.60 -6.89
N THR A 9 0.08 2.50 -6.58
CA THR A 9 -1.33 2.49 -6.11
C THR A 9 -1.42 2.97 -4.65
N LEU A 10 -1.09 4.25 -4.42
CA LEU A 10 -0.91 4.88 -3.10
C LEU A 10 -2.05 5.82 -2.67
N ASP A 11 -3.14 5.83 -3.43
CA ASP A 11 -4.41 6.44 -3.05
C ASP A 11 -5.31 5.39 -2.35
N LEU A 12 -4.94 4.99 -1.12
CA LEU A 12 -5.60 3.92 -0.36
C LEU A 12 -7.07 4.20 -0.01
N ALA A 13 -7.53 5.45 -0.11
CA ALA A 13 -8.95 5.82 -0.02
C ALA A 13 -9.74 5.64 -1.35
N SER A 14 -9.04 5.32 -2.44
CA SER A 14 -9.61 4.97 -3.75
C SER A 14 -9.57 3.46 -4.00
N VAL A 15 -8.48 2.77 -3.62
CA VAL A 15 -8.30 1.32 -3.88
C VAL A 15 -8.53 0.47 -2.63
N ASP A 16 -9.28 -0.64 -2.76
CA ASP A 16 -9.65 -1.50 -1.63
C ASP A 16 -8.71 -2.72 -1.47
N LEU A 17 -7.84 -2.67 -0.46
CA LEU A 17 -6.76 -3.64 -0.20
C LEU A 17 -7.24 -5.11 -0.13
N ARG A 18 -8.41 -5.39 0.47
CA ARG A 18 -8.99 -6.74 0.54
C ARG A 18 -9.55 -7.26 -0.80
N LYS A 19 -9.82 -6.38 -1.78
CA LYS A 19 -10.33 -6.73 -3.13
C LYS A 19 -9.20 -6.86 -4.17
N MET A 20 -8.09 -6.14 -3.96
CA MET A 20 -6.82 -6.29 -4.70
C MET A 20 -6.26 -7.71 -4.64
N ARG A 21 -5.41 -8.10 -5.60
CA ARG A 21 -4.64 -9.36 -5.58
C ARG A 21 -3.35 -9.18 -4.77
N VAL A 22 -2.77 -10.25 -4.20
CA VAL A 22 -1.56 -10.14 -3.36
C VAL A 22 -0.35 -9.51 -4.07
N ALA A 23 -0.19 -9.73 -5.37
CA ALA A 23 0.86 -9.09 -6.18
C ALA A 23 0.67 -7.56 -6.27
N GLU A 24 -0.57 -7.11 -6.38
CA GLU A 24 -0.92 -5.69 -6.44
C GLU A 24 -0.66 -5.00 -5.09
N LEU A 25 -0.77 -5.76 -3.98
CA LEU A 25 -0.38 -5.34 -2.63
C LEU A 25 1.15 -5.38 -2.41
N LYS A 26 1.87 -6.39 -2.93
CA LYS A 26 3.34 -6.43 -2.94
C LYS A 26 3.93 -5.22 -3.67
N GLN A 27 3.31 -4.77 -4.76
CA GLN A 27 3.70 -3.56 -5.50
C GLN A 27 3.64 -2.27 -4.65
N ILE A 28 2.76 -2.19 -3.65
CA ILE A 28 2.72 -1.09 -2.67
C ILE A 28 3.97 -1.14 -1.76
N LEU A 29 4.27 -2.30 -1.16
CA LEU A 29 5.46 -2.45 -0.30
C LEU A 29 6.77 -2.21 -1.08
N HIS A 30 6.86 -2.73 -2.30
CA HIS A 30 7.96 -2.50 -3.25
C HIS A 30 8.16 -1.00 -3.54
N SER A 31 7.06 -0.27 -3.76
CA SER A 31 7.11 1.19 -3.97
C SER A 31 7.53 1.98 -2.73
N TRP A 32 7.30 1.45 -1.52
CA TRP A 32 7.82 1.99 -0.25
C TRP A 32 9.22 1.47 0.14
N GLY A 33 9.79 0.50 -0.58
CA GLY A 33 11.08 -0.14 -0.25
C GLY A 33 11.03 -1.05 1.00
N GLU A 34 9.84 -1.54 1.35
CA GLU A 34 9.57 -2.37 2.52
C GLU A 34 9.68 -3.88 2.22
N GLU A 35 9.80 -4.68 3.27
CA GLU A 35 9.71 -6.15 3.23
C GLU A 35 8.93 -6.71 4.43
N CYS A 36 8.44 -7.95 4.31
CA CYS A 36 7.69 -8.67 5.33
C CYS A 36 7.94 -10.19 5.24
N ARG A 37 9.05 -10.67 5.82
CA ARG A 37 9.38 -12.11 5.84
C ARG A 37 8.35 -12.95 6.62
N ALA A 38 7.65 -12.35 7.59
CA ALA A 38 6.54 -12.97 8.33
C ALA A 38 5.25 -13.14 7.51
N CYS A 39 5.01 -12.31 6.49
CA CYS A 39 3.81 -12.36 5.66
C CYS A 39 3.74 -13.70 4.89
N ALA A 40 2.55 -14.30 4.83
CA ALA A 40 2.30 -15.61 4.22
C ALA A 40 0.95 -15.66 3.48
N GLU A 41 -0.10 -15.03 4.01
CA GLU A 41 -1.41 -14.89 3.36
C GLU A 41 -1.71 -13.44 2.95
N LYS A 42 -2.63 -13.23 1.99
CA LYS A 42 -2.97 -11.90 1.45
C LYS A 42 -3.29 -10.88 2.55
N THR A 43 -4.05 -11.27 3.56
CA THR A 43 -4.45 -10.37 4.66
C THR A 43 -3.25 -9.90 5.51
N ASP A 44 -2.13 -10.63 5.55
CA ASP A 44 -0.91 -10.14 6.21
C ASP A 44 -0.38 -8.86 5.55
N TYR A 45 -0.38 -8.80 4.21
CA TYR A 45 -0.01 -7.61 3.45
C TYR A 45 -1.03 -6.48 3.67
N VAL A 46 -2.33 -6.78 3.66
CA VAL A 46 -3.41 -5.80 3.94
C VAL A 46 -3.19 -5.14 5.30
N ASN A 47 -3.04 -5.94 6.36
CA ASN A 47 -2.85 -5.48 7.73
C ASN A 47 -1.63 -4.57 7.88
N LEU A 48 -0.52 -4.90 7.19
CA LEU A 48 0.68 -4.06 7.16
C LEU A 48 0.39 -2.72 6.49
N ILE A 49 -0.09 -2.76 5.25
CA ILE A 49 -0.32 -1.55 4.46
C ILE A 49 -1.26 -0.61 5.20
N GLN A 50 -2.25 -1.13 5.92
CA GLN A 50 -3.19 -0.29 6.63
C GLN A 50 -2.52 0.61 7.70
N GLU A 51 -1.38 0.20 8.26
CA GLU A 51 -0.58 0.97 9.22
C GLU A 51 0.51 1.82 8.55
N LEU A 52 1.09 1.31 7.46
CA LEU A 52 2.12 1.97 6.66
C LEU A 52 1.52 3.08 5.78
N ALA A 53 0.22 3.01 5.46
CA ALA A 53 -0.46 4.00 4.64
C ALA A 53 -0.42 5.41 5.27
N PRO A 54 -0.96 5.66 6.48
CA PRO A 54 -0.88 6.99 7.08
C PRO A 54 0.54 7.34 7.55
N LYS A 55 1.46 6.37 7.59
CA LYS A 55 2.88 6.55 7.90
C LYS A 55 3.63 7.26 6.76
N TYR A 56 3.39 6.83 5.51
CA TYR A 56 4.10 7.30 4.31
C TYR A 56 3.27 8.16 3.35
N ALA A 57 1.95 8.24 3.54
CA ALA A 57 0.99 8.95 2.69
C ALA A 57 0.07 9.90 3.49
N ALA A 58 -0.84 10.60 2.82
CA ALA A 58 -1.86 11.44 3.45
C ALA A 58 -2.92 10.61 4.22
N THR A 59 -3.47 11.18 5.29
CA THR A 59 -4.61 10.59 6.04
C THR A 59 -5.88 10.59 5.18
N HIS A 60 -6.67 9.51 5.25
CA HIS A 60 -7.86 9.28 4.44
C HIS A 60 -8.94 10.38 4.63
N PRO A 61 -9.61 10.85 3.56
CA PRO A 61 -10.57 11.96 3.64
C PRO A 61 -11.80 11.75 4.53
N LYS A 62 -12.26 10.50 4.74
CA LYS A 62 -13.49 10.11 5.48
C LYS A 62 -14.81 10.65 4.87
N THR A 63 -14.77 11.59 3.92
CA THR A 63 -15.94 12.18 3.25
C THR A 63 -16.71 11.16 2.41
N GLU A 64 -18.03 11.16 2.51
CA GLU A 64 -18.95 10.34 1.72
C GLU A 64 -20.20 11.17 1.32
N LEU A 65 -20.85 10.76 0.23
CA LEU A 65 -21.94 11.45 -0.49
C LEU A 65 -23.04 10.49 -0.94
N GLY A 1 0.84 16.32 -21.33
CA GLY A 1 1.04 15.11 -22.14
C GLY A 1 0.79 13.85 -21.33
N SER A 2 1.64 12.84 -21.54
CA SER A 2 1.68 11.59 -20.75
C SER A 2 2.23 11.82 -19.33
N HIS A 3 1.77 11.03 -18.36
CA HIS A 3 2.11 11.18 -16.94
C HIS A 3 2.48 9.86 -16.26
N MET A 4 3.28 9.96 -15.21
CA MET A 4 3.62 8.85 -14.30
C MET A 4 2.57 8.73 -13.20
N LYS A 5 2.35 7.49 -12.70
CA LYS A 5 1.39 7.20 -11.63
C LYS A 5 2.01 6.27 -10.58
N TYR A 6 2.34 5.03 -10.94
CA TYR A 6 3.14 4.18 -10.06
C TYR A 6 4.53 4.82 -9.87
N GLU A 7 5.02 4.85 -8.63
CA GLU A 7 6.20 5.59 -8.20
C GLU A 7 6.05 7.13 -8.26
N LYS A 8 4.81 7.64 -8.32
CA LYS A 8 4.46 9.08 -8.15
C LYS A 8 3.23 9.33 -7.26
N THR A 9 2.19 8.47 -7.34
CA THR A 9 0.91 8.60 -6.61
C THR A 9 0.34 7.24 -6.11
N LEU A 10 -0.43 7.28 -5.00
CA LEU A 10 -1.11 6.14 -4.36
C LEU A 10 -2.40 6.61 -3.66
N ASP A 11 -3.43 5.77 -3.54
CA ASP A 11 -4.71 6.12 -2.92
C ASP A 11 -5.39 4.88 -2.31
N LEU A 12 -5.37 4.73 -0.98
CA LEU A 12 -5.97 3.60 -0.26
C LEU A 12 -7.49 3.78 0.05
N ALA A 13 -8.10 4.88 -0.42
CA ALA A 13 -9.53 5.15 -0.33
C ALA A 13 -10.26 4.92 -1.68
N SER A 14 -9.56 5.09 -2.81
CA SER A 14 -10.07 4.77 -4.16
C SER A 14 -9.99 3.28 -4.52
N VAL A 15 -9.22 2.46 -3.78
CA VAL A 15 -9.20 0.99 -3.87
C VAL A 15 -9.16 0.36 -2.47
N ASP A 16 -9.90 -0.73 -2.27
CA ASP A 16 -9.90 -1.50 -1.02
C ASP A 16 -8.81 -2.57 -1.00
N LEU A 17 -7.89 -2.46 -0.03
CA LEU A 17 -6.78 -3.41 0.21
C LEU A 17 -7.25 -4.87 0.28
N ARG A 18 -8.42 -5.16 0.87
CA ARG A 18 -8.95 -6.54 0.98
C ARG A 18 -9.37 -7.14 -0.38
N LYS A 19 -9.56 -6.32 -1.42
CA LYS A 19 -10.05 -6.70 -2.75
C LYS A 19 -8.93 -6.80 -3.79
N MET A 20 -7.86 -6.03 -3.60
CA MET A 20 -6.64 -6.07 -4.41
C MET A 20 -5.95 -7.44 -4.35
N ARG A 21 -5.28 -7.85 -5.43
CA ARG A 21 -4.47 -9.08 -5.46
C ARG A 21 -3.18 -8.92 -4.65
N VAL A 22 -2.62 -10.03 -4.16
CA VAL A 22 -1.38 -9.98 -3.35
C VAL A 22 -0.21 -9.33 -4.08
N ALA A 23 -0.09 -9.50 -5.40
CA ALA A 23 0.93 -8.83 -6.20
C ALA A 23 0.75 -7.29 -6.26
N GLU A 24 -0.50 -6.82 -6.40
CA GLU A 24 -0.80 -5.38 -6.41
C GLU A 24 -0.40 -4.72 -5.07
N LEU A 25 -0.67 -5.43 -3.98
CA LEU A 25 -0.34 -5.02 -2.61
C LEU A 25 1.17 -5.11 -2.31
N LYS A 26 1.86 -6.17 -2.76
CA LYS A 26 3.32 -6.32 -2.67
C LYS A 26 4.06 -5.16 -3.38
N GLN A 27 3.56 -4.67 -4.52
CA GLN A 27 4.17 -3.53 -5.21
C GLN A 27 4.08 -2.22 -4.42
N ILE A 28 3.06 -2.04 -3.56
CA ILE A 28 2.98 -0.88 -2.65
C ILE A 28 4.17 -0.88 -1.68
N LEU A 29 4.44 -2.04 -1.05
CA LEU A 29 5.60 -2.22 -0.18
C LEU A 29 6.92 -2.05 -0.94
N HIS A 30 7.06 -2.64 -2.13
CA HIS A 30 8.26 -2.56 -2.97
C HIS A 30 8.63 -1.10 -3.33
N SER A 31 7.64 -0.26 -3.66
CA SER A 31 7.86 1.18 -3.87
C SER A 31 8.21 1.93 -2.58
N TRP A 32 7.66 1.56 -1.42
CA TRP A 32 8.07 2.09 -0.10
C TRP A 32 9.44 1.53 0.39
N GLY A 33 10.03 0.54 -0.28
CA GLY A 33 11.26 -0.14 0.13
C GLY A 33 11.07 -1.08 1.33
N GLU A 34 9.85 -1.56 1.57
CA GLU A 34 9.47 -2.43 2.67
C GLU A 34 9.29 -3.90 2.25
N GLU A 35 9.39 -4.80 3.22
CA GLU A 35 9.05 -6.22 3.06
C GLU A 35 8.54 -6.80 4.39
N CYS A 36 7.81 -7.91 4.33
CA CYS A 36 7.42 -8.74 5.47
C CYS A 36 7.70 -10.23 5.18
N ARG A 37 8.79 -10.75 5.75
CA ARG A 37 9.16 -12.17 5.62
C ARG A 37 8.27 -13.09 6.45
N ALA A 38 7.56 -12.56 7.47
CA ALA A 38 6.52 -13.27 8.21
C ALA A 38 5.14 -13.33 7.51
N CYS A 39 4.94 -12.61 6.40
CA CYS A 39 3.70 -12.69 5.62
C CYS A 39 3.58 -14.04 4.90
N ALA A 40 2.39 -14.66 4.96
CA ALA A 40 2.08 -15.95 4.33
C ALA A 40 0.76 -15.95 3.53
N GLU A 41 -0.06 -14.90 3.66
CA GLU A 41 -1.32 -14.72 2.92
C GLU A 41 -1.61 -13.24 2.63
N LYS A 42 -2.50 -12.96 1.67
CA LYS A 42 -2.86 -11.59 1.25
C LYS A 42 -3.25 -10.69 2.43
N THR A 43 -4.02 -11.20 3.39
CA THR A 43 -4.47 -10.42 4.56
C THR A 43 -3.30 -9.97 5.44
N ASP A 44 -2.18 -10.70 5.48
CA ASP A 44 -0.98 -10.23 6.19
C ASP A 44 -0.41 -8.94 5.56
N TYR A 45 -0.36 -8.86 4.23
CA TYR A 45 0.02 -7.63 3.52
C TYR A 45 -0.98 -6.50 3.77
N VAL A 46 -2.29 -6.80 3.78
CA VAL A 46 -3.34 -5.81 4.10
C VAL A 46 -3.15 -5.25 5.51
N ASN A 47 -3.02 -6.12 6.52
CA ASN A 47 -2.79 -5.73 7.91
C ASN A 47 -1.55 -4.84 8.09
N LEU A 48 -0.50 -5.07 7.30
CA LEU A 48 0.69 -4.22 7.24
C LEU A 48 0.37 -2.86 6.62
N ILE A 49 -0.08 -2.85 5.36
CA ILE A 49 -0.30 -1.62 4.59
C ILE A 49 -1.25 -0.70 5.34
N GLN A 50 -2.23 -1.26 6.04
CA GLN A 50 -3.19 -0.47 6.80
C GLN A 50 -2.53 0.48 7.83
N GLU A 51 -1.41 0.06 8.43
CA GLU A 51 -0.61 0.84 9.40
C GLU A 51 0.43 1.74 8.72
N LEU A 52 0.99 1.27 7.60
CA LEU A 52 2.02 1.94 6.80
C LEU A 52 1.42 3.00 5.87
N ALA A 53 0.13 2.93 5.57
CA ALA A 53 -0.57 3.85 4.67
C ALA A 53 -0.55 5.30 5.18
N PRO A 54 -1.13 5.64 6.36
CA PRO A 54 -1.06 7.02 6.85
C PRO A 54 0.37 7.45 7.23
N LYS A 55 1.27 6.48 7.40
CA LYS A 55 2.70 6.64 7.73
C LYS A 55 3.45 7.27 6.55
N TYR A 56 3.41 6.63 5.39
CA TYR A 56 4.15 7.05 4.19
C TYR A 56 3.31 7.87 3.19
N ALA A 57 2.00 7.63 3.10
CA ALA A 57 1.04 8.36 2.26
C ALA A 57 0.30 9.45 3.06
N ALA A 58 -0.72 10.08 2.45
CA ALA A 58 -1.60 11.02 3.13
C ALA A 58 -2.42 10.35 4.25
N THR A 59 -2.54 11.01 5.41
CA THR A 59 -3.32 10.55 6.56
C THR A 59 -4.84 10.57 6.27
N HIS A 60 -5.54 9.51 6.67
CA HIS A 60 -6.99 9.34 6.55
C HIS A 60 -7.77 10.23 7.56
N PRO A 61 -9.03 10.63 7.27
CA PRO A 61 -9.79 11.55 8.11
C PRO A 61 -9.96 11.11 9.59
N LYS A 62 -9.95 9.80 9.86
CA LYS A 62 -9.86 9.25 11.23
C LYS A 62 -9.10 7.92 11.28
N THR A 63 -8.17 7.84 12.22
CA THR A 63 -7.18 6.75 12.42
C THR A 63 -6.94 6.40 13.89
N GLU A 64 -7.30 7.25 14.86
CA GLU A 64 -7.29 6.91 16.29
C GLU A 64 -8.53 6.08 16.66
N LEU A 65 -8.31 4.98 17.39
CA LEU A 65 -9.32 4.03 17.88
C LEU A 65 -9.53 4.16 19.39
N GLY A 1 17.55 8.14 -2.80
CA GLY A 1 17.11 8.41 -4.18
C GLY A 1 16.75 7.11 -4.88
N SER A 2 15.52 7.02 -5.38
CA SER A 2 14.93 5.77 -5.92
C SER A 2 13.82 6.01 -6.96
N HIS A 3 13.55 7.28 -7.28
CA HIS A 3 12.43 7.85 -8.04
C HIS A 3 12.36 7.52 -9.54
N MET A 4 12.66 6.28 -9.94
CA MET A 4 12.45 5.81 -11.33
C MET A 4 10.98 5.50 -11.66
N LYS A 5 10.13 5.37 -10.63
CA LYS A 5 8.69 5.05 -10.72
C LYS A 5 7.80 6.07 -10.00
N TYR A 6 6.51 6.06 -10.39
CA TYR A 6 5.46 6.96 -9.94
C TYR A 6 4.11 6.20 -9.90
N GLU A 7 3.94 5.31 -8.91
CA GLU A 7 2.82 4.34 -8.86
C GLU A 7 1.43 4.98 -8.66
N LYS A 8 0.40 4.46 -9.33
CA LYS A 8 -0.98 5.00 -9.35
C LYS A 8 -1.87 4.53 -8.20
N THR A 9 -1.59 3.36 -7.63
CA THR A 9 -2.47 2.68 -6.66
C THR A 9 -2.38 3.19 -5.23
N LEU A 10 -1.36 4.01 -4.94
CA LEU A 10 -0.97 4.46 -3.59
C LEU A 10 -1.97 5.42 -2.90
N ASP A 11 -3.09 5.73 -3.54
CA ASP A 11 -4.23 6.43 -2.93
C ASP A 11 -5.08 5.42 -2.13
N LEU A 12 -4.63 5.02 -0.94
CA LEU A 12 -5.21 3.88 -0.19
C LEU A 12 -6.71 4.03 0.10
N ALA A 13 -7.19 5.25 0.38
CA ALA A 13 -8.60 5.53 0.64
C ALA A 13 -9.50 5.36 -0.61
N SER A 14 -8.93 5.14 -1.79
CA SER A 14 -9.66 4.94 -3.05
C SER A 14 -9.74 3.47 -3.49
N VAL A 15 -8.79 2.60 -3.12
CA VAL A 15 -8.75 1.18 -3.51
C VAL A 15 -9.02 0.23 -2.33
N ASP A 16 -9.68 -0.91 -2.58
CA ASP A 16 -9.89 -1.94 -1.54
C ASP A 16 -8.78 -3.01 -1.55
N LEU A 17 -7.88 -2.92 -0.58
CA LEU A 17 -6.78 -3.87 -0.34
C LEU A 17 -7.27 -5.32 -0.23
N ARG A 18 -8.49 -5.55 0.27
CA ARG A 18 -9.10 -6.87 0.47
C ARG A 18 -9.57 -7.51 -0.84
N LYS A 19 -9.82 -6.72 -1.90
CA LYS A 19 -10.26 -7.16 -3.24
C LYS A 19 -9.13 -7.24 -4.27
N MET A 20 -8.08 -6.43 -4.08
CA MET A 20 -6.80 -6.48 -4.81
C MET A 20 -6.15 -7.86 -4.79
N ARG A 21 -5.28 -8.17 -5.78
CA ARG A 21 -4.41 -9.35 -5.80
C ARG A 21 -3.20 -9.17 -4.89
N VAL A 22 -2.68 -10.22 -4.23
CA VAL A 22 -1.49 -10.09 -3.36
C VAL A 22 -0.26 -9.59 -4.13
N ALA A 23 -0.14 -9.95 -5.42
CA ALA A 23 0.86 -9.43 -6.33
C ALA A 23 0.85 -7.89 -6.45
N GLU A 24 -0.34 -7.28 -6.46
CA GLU A 24 -0.50 -5.83 -6.59
C GLU A 24 -0.29 -5.12 -5.24
N LEU A 25 -0.72 -5.74 -4.14
CA LEU A 25 -0.40 -5.27 -2.77
C LEU A 25 1.12 -5.20 -2.53
N LYS A 26 1.90 -6.15 -3.05
CA LYS A 26 3.37 -6.16 -2.99
C LYS A 26 4.03 -4.96 -3.69
N GLN A 27 3.41 -4.42 -4.74
CA GLN A 27 3.87 -3.19 -5.41
C GLN A 27 3.63 -1.91 -4.59
N ILE A 28 2.64 -1.90 -3.69
CA ILE A 28 2.47 -0.83 -2.69
C ILE A 28 3.67 -0.82 -1.74
N LEU A 29 4.08 -1.99 -1.23
CA LEU A 29 5.28 -2.10 -0.39
C LEU A 29 6.57 -1.75 -1.13
N HIS A 30 6.72 -2.17 -2.40
CA HIS A 30 7.90 -1.84 -3.22
C HIS A 30 8.05 -0.33 -3.42
N SER A 31 6.93 0.36 -3.65
CA SER A 31 6.84 1.81 -3.75
C SER A 31 7.24 2.58 -2.46
N TRP A 32 7.33 1.87 -1.33
CA TRP A 32 7.78 2.36 -0.02
C TRP A 32 9.11 1.74 0.44
N GLY A 33 9.68 0.80 -0.33
CA GLY A 33 10.87 0.03 0.04
C GLY A 33 10.68 -0.97 1.19
N GLU A 34 9.43 -1.28 1.53
CA GLU A 34 9.04 -2.17 2.62
C GLU A 34 9.06 -3.65 2.20
N GLU A 35 9.37 -4.51 3.16
CA GLU A 35 9.42 -5.97 3.04
C GLU A 35 8.48 -6.63 4.07
N CYS A 36 8.32 -7.96 4.04
CA CYS A 36 7.59 -8.71 5.06
C CYS A 36 8.03 -10.18 5.15
N ARG A 37 8.89 -10.50 6.13
CA ARG A 37 9.47 -11.83 6.32
C ARG A 37 8.50 -12.90 6.82
N ALA A 38 7.31 -12.52 7.31
CA ALA A 38 6.30 -13.44 7.87
C ALA A 38 4.88 -13.30 7.25
N CYS A 39 4.69 -12.60 6.14
CA CYS A 39 3.38 -12.48 5.47
C CYS A 39 3.02 -13.80 4.75
N ALA A 40 2.20 -14.64 5.41
CA ALA A 40 1.88 -16.00 4.94
C ALA A 40 0.63 -16.09 4.04
N GLU A 41 -0.11 -14.98 3.91
CA GLU A 41 -1.37 -14.85 3.16
C GLU A 41 -1.65 -13.38 2.80
N LYS A 42 -2.60 -13.14 1.89
CA LYS A 42 -2.98 -11.79 1.43
C LYS A 42 -3.33 -10.83 2.58
N THR A 43 -4.10 -11.28 3.58
CA THR A 43 -4.52 -10.42 4.71
C THR A 43 -3.35 -9.90 5.53
N ASP A 44 -2.23 -10.63 5.60
CA ASP A 44 -1.05 -10.12 6.32
C ASP A 44 -0.46 -8.87 5.64
N TYR A 45 -0.42 -8.82 4.30
CA TYR A 45 -0.05 -7.61 3.56
C TYR A 45 -1.08 -6.49 3.76
N VAL A 46 -2.39 -6.81 3.74
CA VAL A 46 -3.46 -5.83 3.99
C VAL A 46 -3.28 -5.16 5.36
N ASN A 47 -3.16 -5.96 6.42
CA ASN A 47 -2.94 -5.48 7.79
C ASN A 47 -1.67 -4.63 7.92
N LEU A 48 -0.58 -5.03 7.26
CA LEU A 48 0.65 -4.25 7.19
C LEU A 48 0.39 -2.89 6.55
N ILE A 49 -0.10 -2.88 5.31
CA ILE A 49 -0.31 -1.65 4.55
C ILE A 49 -1.20 -0.69 5.34
N GLN A 50 -2.22 -1.20 6.03
CA GLN A 50 -3.14 -0.32 6.73
C GLN A 50 -2.45 0.53 7.83
N GLU A 51 -1.35 0.04 8.44
CA GLU A 51 -0.48 0.81 9.37
C GLU A 51 0.56 1.69 8.65
N LEU A 52 1.03 1.24 7.49
CA LEU A 52 2.03 1.94 6.67
C LEU A 52 1.40 3.05 5.81
N ALA A 53 0.08 3.02 5.60
CA ALA A 53 -0.66 4.04 4.88
C ALA A 53 -0.49 5.44 5.50
N PRO A 54 -0.82 5.68 6.79
CA PRO A 54 -0.61 6.99 7.40
C PRO A 54 0.88 7.34 7.56
N LYS A 55 1.76 6.33 7.48
CA LYS A 55 3.23 6.44 7.48
C LYS A 55 3.74 7.10 6.20
N TYR A 56 3.32 6.62 5.01
CA TYR A 56 3.88 7.03 3.71
C TYR A 56 2.92 7.80 2.77
N ALA A 57 1.61 7.78 2.99
CA ALA A 57 0.62 8.57 2.25
C ALA A 57 0.31 9.90 2.97
N ALA A 58 -0.38 10.81 2.29
CA ALA A 58 -0.87 12.09 2.83
C ALA A 58 -2.18 11.94 3.66
N THR A 59 -2.31 10.87 4.45
CA THR A 59 -3.53 10.54 5.22
C THR A 59 -3.86 11.58 6.29
N HIS A 60 -2.83 12.19 6.90
CA HIS A 60 -2.93 13.29 7.87
C HIS A 60 -1.81 14.33 7.67
N PRO A 61 -1.99 15.60 8.09
CA PRO A 61 -0.94 16.62 8.00
C PRO A 61 0.17 16.43 9.06
N LYS A 62 1.37 16.95 8.80
CA LYS A 62 2.54 16.94 9.73
C LYS A 62 3.11 18.35 9.97
N THR A 63 3.75 18.52 11.13
CA THR A 63 4.33 19.80 11.62
C THR A 63 5.85 19.73 11.78
N GLU A 64 6.49 20.89 11.96
CA GLU A 64 7.90 21.04 12.36
C GLU A 64 8.06 22.11 13.46
N LEU A 65 8.96 21.90 14.43
CA LEU A 65 9.25 22.77 15.58
C LEU A 65 10.71 23.24 15.61
N GLY A 1 -2.91 17.43 -25.88
CA GLY A 1 -3.57 16.11 -25.91
C GLY A 1 -4.26 15.83 -24.60
N SER A 2 -4.70 14.59 -24.38
CA SER A 2 -5.49 14.18 -23.21
C SER A 2 -4.73 14.38 -21.90
N HIS A 3 -5.35 15.09 -20.96
CA HIS A 3 -4.80 15.30 -19.61
C HIS A 3 -5.13 14.11 -18.70
N MET A 4 -4.20 13.75 -17.83
CA MET A 4 -4.38 12.75 -16.77
C MET A 4 -3.42 12.99 -15.60
N LYS A 5 -3.77 12.48 -14.42
CA LYS A 5 -2.99 12.58 -13.19
C LYS A 5 -1.92 11.47 -13.11
N TYR A 6 -0.66 11.87 -13.00
CA TYR A 6 0.48 10.99 -12.73
C TYR A 6 0.78 11.03 -11.22
N GLU A 7 0.25 10.05 -10.49
CA GLU A 7 0.20 10.05 -9.02
C GLU A 7 1.57 10.21 -8.32
N LYS A 8 1.64 11.15 -7.36
CA LYS A 8 2.78 11.37 -6.44
C LYS A 8 2.63 10.65 -5.10
N THR A 9 1.45 10.04 -4.85
CA THR A 9 1.07 9.37 -3.61
C THR A 9 0.01 8.30 -3.87
N LEU A 10 0.00 7.23 -3.06
CA LEU A 10 -1.00 6.16 -3.10
C LEU A 10 -2.37 6.62 -2.57
N ASP A 11 -3.43 6.28 -3.31
CA ASP A 11 -4.83 6.47 -2.93
C ASP A 11 -5.42 5.23 -2.21
N LEU A 12 -4.85 4.83 -1.05
CA LEU A 12 -5.29 3.64 -0.31
C LEU A 12 -6.78 3.67 0.09
N ALA A 13 -7.36 4.87 0.28
CA ALA A 13 -8.78 5.04 0.54
C ALA A 13 -9.66 4.78 -0.70
N SER A 14 -9.11 4.89 -1.91
CA SER A 14 -9.85 4.73 -3.17
C SER A 14 -10.10 3.26 -3.54
N VAL A 15 -9.08 2.42 -3.38
CA VAL A 15 -9.04 1.01 -3.82
C VAL A 15 -9.06 0.03 -2.64
N ASP A 16 -9.85 -1.03 -2.72
CA ASP A 16 -9.96 -2.02 -1.63
C ASP A 16 -8.83 -3.06 -1.66
N LEU A 17 -7.90 -2.93 -0.69
CA LEU A 17 -6.79 -3.85 -0.43
C LEU A 17 -7.24 -5.32 -0.34
N ARG A 18 -8.44 -5.59 0.20
CA ARG A 18 -8.98 -6.95 0.35
C ARG A 18 -9.45 -7.58 -0.97
N LYS A 19 -9.71 -6.78 -2.01
CA LYS A 19 -10.23 -7.23 -3.33
C LYS A 19 -9.15 -7.27 -4.41
N MET A 20 -8.09 -6.49 -4.21
CA MET A 20 -6.84 -6.54 -5.00
C MET A 20 -6.19 -7.94 -4.96
N ARG A 21 -5.26 -8.21 -5.87
CA ARG A 21 -4.40 -9.41 -5.89
C ARG A 21 -3.21 -9.23 -4.94
N VAL A 22 -2.73 -10.29 -4.28
CA VAL A 22 -1.59 -10.19 -3.33
C VAL A 22 -0.31 -9.69 -3.99
N ALA A 23 -0.09 -10.02 -5.26
CA ALA A 23 1.00 -9.46 -6.07
C ALA A 23 0.94 -7.93 -6.18
N GLU A 24 -0.26 -7.36 -6.34
CA GLU A 24 -0.44 -5.90 -6.43
C GLU A 24 -0.18 -5.22 -5.08
N LEU A 25 -0.57 -5.87 -3.98
CA LEU A 25 -0.25 -5.44 -2.62
C LEU A 25 1.26 -5.51 -2.32
N LYS A 26 1.94 -6.58 -2.78
CA LYS A 26 3.42 -6.66 -2.75
C LYS A 26 4.07 -5.52 -3.55
N GLN A 27 3.48 -5.12 -4.69
CA GLN A 27 3.96 -3.97 -5.46
C GLN A 27 3.69 -2.60 -4.78
N ILE A 28 2.77 -2.50 -3.81
CA ILE A 28 2.65 -1.31 -2.95
C ILE A 28 3.86 -1.27 -1.99
N LEU A 29 4.14 -2.39 -1.30
CA LEU A 29 5.32 -2.50 -0.44
C LEU A 29 6.64 -2.29 -1.19
N HIS A 30 6.73 -2.74 -2.45
CA HIS A 30 7.89 -2.54 -3.32
C HIS A 30 8.14 -1.04 -3.60
N SER A 31 7.09 -0.22 -3.73
CA SER A 31 7.24 1.24 -3.88
C SER A 31 7.87 1.89 -2.64
N TRP A 32 7.43 1.49 -1.44
CA TRP A 32 8.00 1.93 -0.16
C TRP A 32 9.36 1.27 0.19
N GLY A 33 9.79 0.26 -0.57
CA GLY A 33 11.07 -0.44 -0.39
C GLY A 33 11.07 -1.44 0.78
N GLU A 34 9.90 -1.95 1.17
CA GLU A 34 9.70 -2.81 2.33
C GLU A 34 9.82 -4.32 1.99
N GLU A 35 9.95 -5.14 3.03
CA GLU A 35 9.83 -6.60 3.00
C GLU A 35 9.38 -7.13 4.39
N CYS A 36 8.69 -8.28 4.42
CA CYS A 36 8.14 -8.87 5.66
C CYS A 36 8.21 -10.41 5.67
N ARG A 37 9.16 -10.97 6.43
CA ARG A 37 9.37 -12.42 6.58
C ARG A 37 8.16 -13.16 7.16
N ALA A 38 7.36 -12.52 8.01
CA ALA A 38 6.19 -13.13 8.64
C ALA A 38 4.90 -13.08 7.79
N CYS A 39 4.91 -12.39 6.64
CA CYS A 39 3.77 -12.36 5.72
C CYS A 39 3.61 -13.69 4.97
N ALA A 40 2.36 -14.12 4.75
CA ALA A 40 2.02 -15.36 4.02
C ALA A 40 0.68 -15.26 3.27
N GLU A 41 -0.38 -14.82 3.95
CA GLU A 41 -1.70 -14.64 3.34
C GLU A 41 -1.92 -13.18 2.90
N LYS A 42 -2.82 -12.93 1.94
CA LYS A 42 -3.07 -11.60 1.38
C LYS A 42 -3.36 -10.55 2.46
N THR A 43 -4.15 -10.91 3.47
CA THR A 43 -4.52 -9.99 4.57
C THR A 43 -3.32 -9.58 5.42
N ASP A 44 -2.21 -10.34 5.44
CA ASP A 44 -0.97 -9.87 6.09
C ASP A 44 -0.43 -8.59 5.43
N TYR A 45 -0.45 -8.54 4.10
CA TYR A 45 -0.08 -7.36 3.32
C TYR A 45 -1.10 -6.24 3.48
N VAL A 46 -2.41 -6.56 3.49
CA VAL A 46 -3.47 -5.59 3.81
C VAL A 46 -3.21 -4.93 5.17
N ASN A 47 -3.02 -5.73 6.22
CA ASN A 47 -2.74 -5.28 7.59
C ASN A 47 -1.49 -4.40 7.66
N LEU A 48 -0.41 -4.76 6.97
CA LEU A 48 0.81 -3.97 6.89
C LEU A 48 0.53 -2.62 6.23
N ILE A 49 0.01 -2.64 5.01
CA ILE A 49 -0.26 -1.43 4.24
C ILE A 49 -1.14 -0.50 5.05
N GLN A 50 -2.13 -1.02 5.77
CA GLN A 50 -3.05 -0.18 6.53
C GLN A 50 -2.33 0.66 7.61
N GLU A 51 -1.21 0.17 8.18
CA GLU A 51 -0.36 0.92 9.12
C GLU A 51 0.68 1.83 8.43
N LEU A 52 1.14 1.44 7.23
CA LEU A 52 2.09 2.21 6.42
C LEU A 52 1.41 3.32 5.59
N ALA A 53 0.09 3.23 5.38
CA ALA A 53 -0.70 4.24 4.68
C ALA A 53 -0.71 5.61 5.37
N PRO A 54 -1.13 5.75 6.66
CA PRO A 54 -1.10 7.03 7.36
C PRO A 54 0.33 7.52 7.64
N LYS A 55 1.32 6.64 7.41
CA LYS A 55 2.75 6.93 7.43
C LYS A 55 3.17 7.66 6.14
N TYR A 56 3.14 6.99 5.00
CA TYR A 56 3.74 7.48 3.75
C TYR A 56 2.82 8.40 2.93
N ALA A 57 1.49 8.34 3.10
CA ALA A 57 0.58 9.25 2.39
C ALA A 57 0.65 10.71 2.90
N ALA A 58 1.17 10.91 4.12
CA ALA A 58 1.13 12.18 4.85
C ALA A 58 2.17 13.24 4.42
N THR A 59 2.32 13.49 3.11
CA THR A 59 3.11 14.63 2.58
C THR A 59 2.58 15.97 3.13
N HIS A 60 3.48 16.88 3.54
CA HIS A 60 3.08 18.11 4.26
C HIS A 60 2.31 19.10 3.36
N PRO A 61 1.16 19.65 3.79
CA PRO A 61 0.33 20.58 3.02
C PRO A 61 1.08 21.77 2.40
N LYS A 62 1.34 21.66 1.10
CA LYS A 62 1.92 22.69 0.23
C LYS A 62 0.80 23.57 -0.34
N THR A 63 1.10 24.81 -0.72
CA THR A 63 0.19 25.67 -1.50
C THR A 63 -0.11 25.02 -2.87
N GLU A 64 -1.29 25.32 -3.44
CA GLU A 64 -1.79 24.65 -4.66
C GLU A 64 -2.52 25.60 -5.63
N LEU A 65 -2.76 25.08 -6.84
CA LEU A 65 -3.44 25.70 -8.00
C LEU A 65 -3.92 24.63 -9.00
N GLY A 1 -17.35 -0.62 -25.48
CA GLY A 1 -16.16 -0.60 -24.61
C GLY A 1 -16.47 0.00 -23.25
N SER A 2 -15.43 0.42 -22.52
CA SER A 2 -15.52 1.08 -21.20
C SER A 2 -14.39 2.11 -21.01
N HIS A 3 -14.71 3.30 -20.50
CA HIS A 3 -13.78 4.43 -20.39
C HIS A 3 -12.72 4.22 -19.30
N MET A 4 -11.50 4.73 -19.51
CA MET A 4 -10.45 4.75 -18.47
C MET A 4 -9.50 5.96 -18.60
N LYS A 5 -9.09 6.51 -17.45
CA LYS A 5 -8.11 7.59 -17.32
C LYS A 5 -7.11 7.35 -16.18
N TYR A 6 -7.57 6.79 -15.07
CA TYR A 6 -6.77 6.57 -13.86
C TYR A 6 -6.31 5.12 -13.71
N GLU A 7 -5.38 4.88 -12.79
CA GLU A 7 -4.82 3.57 -12.41
C GLU A 7 -4.45 3.54 -10.92
N LYS A 8 -3.92 2.43 -10.40
CA LYS A 8 -3.40 2.33 -9.02
C LYS A 8 -2.14 3.20 -8.82
N THR A 9 -2.17 4.17 -7.91
CA THR A 9 -1.08 5.17 -7.71
C THR A 9 -0.74 5.46 -6.22
N LEU A 10 -0.84 4.44 -5.37
CA LEU A 10 -0.77 4.52 -3.89
C LEU A 10 -1.92 5.32 -3.27
N ASP A 11 -3.04 5.38 -3.98
CA ASP A 11 -4.33 5.92 -3.59
C ASP A 11 -5.16 4.88 -2.81
N LEU A 12 -4.75 4.56 -1.56
CA LEU A 12 -5.37 3.46 -0.77
C LEU A 12 -6.89 3.63 -0.61
N ALA A 13 -7.35 4.86 -0.37
CA ALA A 13 -8.78 5.18 -0.24
C ALA A 13 -9.62 4.90 -1.51
N SER A 14 -8.98 4.70 -2.66
CA SER A 14 -9.62 4.49 -3.96
C SER A 14 -9.90 3.01 -4.30
N VAL A 15 -9.19 2.07 -3.66
CA VAL A 15 -9.19 0.65 -4.04
C VAL A 15 -9.21 -0.28 -2.82
N ASP A 16 -10.08 -1.29 -2.85
CA ASP A 16 -10.28 -2.22 -1.72
C ASP A 16 -9.16 -3.27 -1.65
N LEU A 17 -8.30 -3.11 -0.64
CA LEU A 17 -7.16 -3.97 -0.32
C LEU A 17 -7.54 -5.46 -0.17
N ARG A 18 -8.74 -5.78 0.34
CA ARG A 18 -9.19 -7.17 0.52
C ARG A 18 -9.56 -7.87 -0.79
N LYS A 19 -9.98 -7.13 -1.81
CA LYS A 19 -10.39 -7.67 -3.13
C LYS A 19 -9.25 -7.64 -4.15
N MET A 20 -8.29 -6.73 -3.96
CA MET A 20 -7.02 -6.72 -4.69
C MET A 20 -6.30 -8.09 -4.60
N ARG A 21 -5.49 -8.42 -5.61
CA ARG A 21 -4.57 -9.59 -5.56
C ARG A 21 -3.31 -9.25 -4.77
N VAL A 22 -2.62 -10.24 -4.20
CA VAL A 22 -1.41 -9.99 -3.39
C VAL A 22 -0.31 -9.26 -4.16
N ALA A 23 -0.18 -9.49 -5.47
CA ALA A 23 0.73 -8.74 -6.33
C ALA A 23 0.43 -7.24 -6.36
N GLU A 24 -0.85 -6.85 -6.42
CA GLU A 24 -1.26 -5.43 -6.44
C GLU A 24 -0.91 -4.73 -5.12
N LEU A 25 -1.07 -5.46 -4.01
CA LEU A 25 -0.70 -5.01 -2.67
C LEU A 25 0.82 -4.92 -2.48
N LYS A 26 1.57 -5.88 -3.04
CA LYS A 26 3.05 -5.88 -3.02
C LYS A 26 3.66 -4.70 -3.76
N GLN A 27 3.04 -4.21 -4.84
CA GLN A 27 3.49 -2.96 -5.50
C GLN A 27 3.46 -1.75 -4.55
N ILE A 28 2.57 -1.73 -3.55
CA ILE A 28 2.51 -0.66 -2.53
C ILE A 28 3.75 -0.72 -1.63
N LEU A 29 4.05 -1.88 -1.03
CA LEU A 29 5.25 -2.05 -0.20
C LEU A 29 6.55 -1.84 -0.99
N HIS A 30 6.60 -2.34 -2.23
CA HIS A 30 7.72 -2.12 -3.15
C HIS A 30 7.96 -0.64 -3.41
N SER A 31 6.91 0.16 -3.56
CA SER A 31 7.00 1.62 -3.74
C SER A 31 7.55 2.36 -2.51
N TRP A 32 7.37 1.80 -1.31
CA TRP A 32 7.91 2.29 -0.04
C TRP A 32 9.29 1.72 0.33
N GLY A 33 9.81 0.74 -0.43
CA GLY A 33 11.07 0.05 -0.17
C GLY A 33 10.98 -1.00 0.96
N GLU A 34 9.77 -1.39 1.33
CA GLU A 34 9.43 -2.20 2.49
C GLU A 34 9.19 -3.67 2.11
N GLU A 35 9.24 -4.55 3.12
CA GLU A 35 9.05 -6.01 3.01
C GLU A 35 8.68 -6.64 4.37
N CYS A 36 8.21 -7.89 4.36
CA CYS A 36 7.82 -8.64 5.58
C CYS A 36 8.04 -10.15 5.45
N ARG A 37 9.03 -10.69 6.16
CA ARG A 37 9.36 -12.14 6.20
C ARG A 37 8.30 -12.99 6.92
N ALA A 38 7.56 -12.40 7.86
CA ALA A 38 6.41 -13.02 8.51
C ALA A 38 5.25 -13.33 7.53
N CYS A 39 5.12 -12.54 6.46
CA CYS A 39 3.99 -12.62 5.54
C CYS A 39 3.93 -13.97 4.79
N ALA A 40 2.72 -14.55 4.76
CA ALA A 40 2.42 -15.89 4.25
C ALA A 40 1.02 -15.99 3.60
N GLU A 41 0.11 -15.05 3.89
CA GLU A 41 -1.19 -14.88 3.22
C GLU A 41 -1.42 -13.41 2.83
N LYS A 42 -2.33 -13.15 1.88
CA LYS A 42 -2.67 -11.80 1.41
C LYS A 42 -3.06 -10.86 2.55
N THR A 43 -3.80 -11.37 3.53
CA THR A 43 -4.23 -10.65 4.74
C THR A 43 -3.06 -10.02 5.51
N ASP A 44 -1.89 -10.67 5.53
CA ASP A 44 -0.70 -10.13 6.22
C ASP A 44 -0.23 -8.81 5.60
N TYR A 45 -0.31 -8.69 4.26
CA TYR A 45 -0.02 -7.46 3.52
C TYR A 45 -1.13 -6.41 3.68
N VAL A 46 -2.42 -6.82 3.65
CA VAL A 46 -3.57 -5.91 3.87
C VAL A 46 -3.45 -5.21 5.22
N ASN A 47 -3.25 -5.98 6.29
CA ASN A 47 -3.07 -5.46 7.64
C ASN A 47 -1.84 -4.56 7.77
N LEU A 48 -0.76 -4.83 7.02
CA LEU A 48 0.41 -3.96 7.01
C LEU A 48 0.09 -2.63 6.35
N ILE A 49 -0.37 -2.65 5.10
CA ILE A 49 -0.60 -1.42 4.32
C ILE A 49 -1.54 -0.49 5.08
N GLN A 50 -2.54 -1.04 5.76
CA GLN A 50 -3.49 -0.23 6.50
C GLN A 50 -2.80 0.69 7.54
N GLU A 51 -1.80 0.16 8.25
CA GLU A 51 -0.99 0.88 9.24
C GLU A 51 0.12 1.73 8.61
N LEU A 52 0.69 1.26 7.50
CA LEU A 52 1.81 1.89 6.82
C LEU A 52 1.33 3.05 5.93
N ALA A 53 0.07 3.07 5.52
CA ALA A 53 -0.48 4.17 4.72
C ALA A 53 -0.31 5.55 5.39
N PRO A 54 -0.80 5.80 6.62
CA PRO A 54 -0.61 7.09 7.29
C PRO A 54 0.84 7.33 7.76
N LYS A 55 1.70 6.30 7.69
CA LYS A 55 3.12 6.33 8.06
C LYS A 55 3.96 6.97 6.95
N TYR A 56 3.83 6.47 5.72
CA TYR A 56 4.54 7.00 4.54
C TYR A 56 3.78 8.17 3.89
N ALA A 57 2.50 8.00 3.56
CA ALA A 57 1.67 9.05 2.96
C ALA A 57 1.19 10.06 4.03
N ALA A 58 0.81 11.25 3.58
CA ALA A 58 0.24 12.29 4.42
C ALA A 58 -1.28 12.11 4.57
N THR A 59 -1.82 12.21 5.79
CA THR A 59 -3.26 12.02 6.08
C THR A 59 -3.81 13.08 7.03
N HIS A 60 -5.09 13.44 6.83
CA HIS A 60 -5.86 14.31 7.70
C HIS A 60 -6.26 13.59 8.99
N PRO A 61 -6.21 14.22 10.18
CA PRO A 61 -6.45 13.54 11.47
C PRO A 61 -7.86 12.94 11.68
N LYS A 62 -8.90 13.39 10.98
CA LYS A 62 -10.30 12.93 11.16
C LYS A 62 -10.71 11.99 10.03
N THR A 63 -11.29 10.83 10.40
CA THR A 63 -11.80 9.81 9.46
C THR A 63 -13.30 9.57 9.67
N GLU A 64 -13.99 9.01 8.67
CA GLU A 64 -15.44 8.81 8.68
C GLU A 64 -15.84 7.57 9.49
N LEU A 65 -16.81 7.72 10.40
CA LEU A 65 -17.37 6.64 11.24
C LEU A 65 -18.50 5.89 10.53
N GLY A 1 16.12 -4.08 -9.26
CA GLY A 1 14.70 -4.44 -9.22
C GLY A 1 13.86 -3.19 -9.40
N SER A 2 12.89 -3.23 -10.31
CA SER A 2 12.19 -2.03 -10.81
C SER A 2 10.72 -2.26 -11.15
N HIS A 3 9.95 -1.17 -11.20
CA HIS A 3 8.61 -1.13 -11.80
C HIS A 3 8.74 -1.04 -13.34
N MET A 4 7.69 -1.38 -14.08
CA MET A 4 7.69 -1.24 -15.55
C MET A 4 7.22 0.15 -16.02
N LYS A 5 6.50 0.90 -15.16
CA LYS A 5 6.11 2.30 -15.38
C LYS A 5 6.21 3.12 -14.09
N TYR A 6 6.67 4.36 -14.21
CA TYR A 6 6.80 5.29 -13.10
C TYR A 6 5.44 5.68 -12.49
N GLU A 7 5.43 5.83 -11.17
CA GLU A 7 4.22 5.98 -10.35
C GLU A 7 4.36 7.09 -9.31
N LYS A 8 3.26 7.83 -9.09
CA LYS A 8 3.09 8.94 -8.14
C LYS A 8 1.75 8.77 -7.40
N THR A 9 1.69 9.23 -6.15
CA THR A 9 0.46 9.36 -5.32
C THR A 9 -0.36 8.06 -5.23
N LEU A 10 0.07 7.16 -4.35
CA LEU A 10 -0.72 5.98 -3.96
C LEU A 10 -1.96 6.45 -3.17
N ASP A 11 -3.15 5.97 -3.55
CA ASP A 11 -4.43 6.49 -3.07
C ASP A 11 -5.28 5.37 -2.42
N LEU A 12 -4.96 5.04 -1.16
CA LEU A 12 -5.56 3.91 -0.43
C LEU A 12 -7.06 4.11 -0.11
N ALA A 13 -7.60 5.33 -0.23
CA ALA A 13 -9.03 5.60 -0.16
C ALA A 13 -9.78 5.25 -1.47
N SER A 14 -9.08 5.17 -2.61
CA SER A 14 -9.67 4.88 -3.93
C SER A 14 -9.70 3.41 -4.31
N VAL A 15 -9.09 2.51 -3.53
CA VAL A 15 -9.05 1.06 -3.83
C VAL A 15 -9.05 0.20 -2.57
N ASP A 16 -9.84 -0.89 -2.57
CA ASP A 16 -9.90 -1.85 -1.47
C ASP A 16 -8.75 -2.88 -1.53
N LEU A 17 -7.83 -2.78 -0.57
CA LEU A 17 -6.70 -3.72 -0.36
C LEU A 17 -7.15 -5.19 -0.30
N ARG A 18 -8.38 -5.47 0.18
CA ARG A 18 -8.93 -6.83 0.23
C ARG A 18 -9.46 -7.34 -1.12
N LYS A 19 -9.77 -6.47 -2.08
CA LYS A 19 -10.20 -6.84 -3.44
C LYS A 19 -9.02 -7.10 -4.37
N MET A 20 -7.98 -6.27 -4.25
CA MET A 20 -6.69 -6.37 -4.95
C MET A 20 -6.06 -7.76 -4.82
N ARG A 21 -5.19 -8.16 -5.76
CA ARG A 21 -4.38 -9.40 -5.60
C ARG A 21 -3.14 -9.16 -4.73
N VAL A 22 -2.61 -10.21 -4.09
CA VAL A 22 -1.44 -10.10 -3.19
C VAL A 22 -0.22 -9.52 -3.90
N ALA A 23 -0.02 -9.80 -5.19
CA ALA A 23 1.00 -9.16 -6.02
C ALA A 23 0.84 -7.63 -6.08
N GLU A 24 -0.38 -7.12 -6.26
CA GLU A 24 -0.62 -5.68 -6.30
C GLU A 24 -0.25 -5.01 -4.96
N LEU A 25 -0.50 -5.73 -3.86
CA LEU A 25 -0.14 -5.30 -2.50
C LEU A 25 1.37 -5.40 -2.20
N LYS A 26 2.06 -6.43 -2.71
CA LYS A 26 3.53 -6.52 -2.67
C LYS A 26 4.17 -5.38 -3.46
N GLN A 27 3.59 -4.99 -4.60
CA GLN A 27 4.04 -3.83 -5.38
C GLN A 27 3.83 -2.50 -4.65
N ILE A 28 2.83 -2.36 -3.76
CA ILE A 28 2.70 -1.21 -2.84
C ILE A 28 3.88 -1.21 -1.85
N LEU A 29 4.21 -2.35 -1.22
CA LEU A 29 5.38 -2.43 -0.34
C LEU A 29 6.69 -2.12 -1.08
N HIS A 30 6.85 -2.56 -2.33
CA HIS A 30 8.00 -2.19 -3.19
C HIS A 30 8.03 -0.69 -3.50
N SER A 31 6.86 -0.03 -3.62
CA SER A 31 6.75 1.41 -3.77
C SER A 31 7.20 2.19 -2.51
N TRP A 32 7.10 1.57 -1.33
CA TRP A 32 7.64 2.08 -0.05
C TRP A 32 9.02 1.53 0.33
N GLY A 33 9.55 0.55 -0.40
CA GLY A 33 10.85 -0.12 -0.14
C GLY A 33 10.82 -1.16 0.98
N GLU A 34 9.63 -1.59 1.42
CA GLU A 34 9.42 -2.47 2.58
C GLU A 34 9.36 -3.97 2.23
N GLU A 35 9.66 -4.79 3.24
CA GLU A 35 9.70 -6.25 3.22
C GLU A 35 8.91 -6.87 4.40
N CYS A 36 8.53 -8.15 4.30
CA CYS A 36 7.83 -8.89 5.36
C CYS A 36 8.16 -10.40 5.32
N ARG A 37 9.01 -10.89 6.23
CA ARG A 37 9.42 -12.31 6.30
C ARG A 37 8.32 -13.23 6.85
N ALA A 38 7.52 -12.75 7.81
CA ALA A 38 6.47 -13.53 8.48
C ALA A 38 5.12 -13.58 7.72
N CYS A 39 4.94 -12.79 6.66
CA CYS A 39 3.74 -12.79 5.82
C CYS A 39 3.60 -14.12 5.05
N ALA A 40 2.36 -14.58 4.87
CA ALA A 40 2.03 -15.81 4.11
C ALA A 40 0.70 -15.75 3.34
N GLU A 41 -0.32 -15.07 3.89
CA GLU A 41 -1.62 -14.84 3.26
C GLU A 41 -1.86 -13.35 2.96
N LYS A 42 -2.76 -13.02 2.02
CA LYS A 42 -2.98 -11.63 1.57
C LYS A 42 -3.32 -10.68 2.71
N THR A 43 -4.14 -11.11 3.67
CA THR A 43 -4.53 -10.29 4.83
C THR A 43 -3.33 -9.88 5.68
N ASP A 44 -2.23 -10.66 5.69
CA ASP A 44 -1.00 -10.24 6.36
C ASP A 44 -0.42 -8.95 5.76
N TYR A 45 -0.41 -8.84 4.44
CA TYR A 45 0.02 -7.64 3.71
C TYR A 45 -0.99 -6.50 3.86
N VAL A 46 -2.30 -6.78 3.82
CA VAL A 46 -3.37 -5.78 4.04
C VAL A 46 -3.21 -5.11 5.42
N ASN A 47 -3.12 -5.90 6.49
CA ASN A 47 -2.92 -5.42 7.86
C ASN A 47 -1.61 -4.64 8.05
N LEU A 48 -0.58 -4.95 7.26
CA LEU A 48 0.65 -4.16 7.21
C LEU A 48 0.39 -2.82 6.55
N ILE A 49 -0.06 -2.84 5.30
CA ILE A 49 -0.24 -1.62 4.50
C ILE A 49 -1.12 -0.62 5.22
N GLN A 50 -2.15 -1.10 5.92
CA GLN A 50 -3.10 -0.23 6.59
C GLN A 50 -2.42 0.68 7.64
N GLU A 51 -1.34 0.23 8.28
CA GLU A 51 -0.48 1.00 9.20
C GLU A 51 0.56 1.88 8.48
N LEU A 52 1.08 1.40 7.35
CA LEU A 52 2.09 2.09 6.54
C LEU A 52 1.46 3.22 5.70
N ALA A 53 0.17 3.13 5.38
CA ALA A 53 -0.54 4.16 4.61
C ALA A 53 -0.46 5.55 5.26
N PRO A 54 -0.89 5.76 6.52
CA PRO A 54 -0.79 7.06 7.17
C PRO A 54 0.67 7.45 7.53
N LYS A 55 1.62 6.51 7.36
CA LYS A 55 3.07 6.71 7.51
C LYS A 55 3.66 7.42 6.29
N TYR A 56 3.43 6.89 5.09
CA TYR A 56 4.00 7.42 3.84
C TYR A 56 3.07 8.37 3.05
N ALA A 57 1.76 8.15 3.11
CA ALA A 57 0.73 8.90 2.36
C ALA A 57 0.03 10.02 3.16
N ALA A 58 0.38 10.21 4.44
CA ALA A 58 -0.14 11.25 5.33
C ALA A 58 -1.70 11.31 5.48
N THR A 59 -2.40 10.22 5.15
CA THR A 59 -3.87 10.14 5.01
C THR A 59 -4.67 10.42 6.29
N HIS A 60 -4.13 10.06 7.45
CA HIS A 60 -4.81 10.08 8.75
C HIS A 60 -3.80 10.21 9.91
N PRO A 61 -4.13 10.90 11.02
CA PRO A 61 -3.27 10.98 12.20
C PRO A 61 -3.53 9.83 13.20
N LYS A 62 -2.49 9.07 13.57
CA LYS A 62 -2.54 8.04 14.66
C LYS A 62 -2.53 8.64 16.08
N THR A 63 -3.08 9.84 16.24
CA THR A 63 -3.38 10.45 17.53
C THR A 63 -4.52 9.69 18.21
N GLU A 64 -4.39 9.41 19.51
CA GLU A 64 -5.40 8.70 20.29
C GLU A 64 -5.17 8.88 21.80
N LEU A 65 -6.25 8.93 22.60
CA LEU A 65 -6.29 9.29 24.03
C LEU A 65 -5.71 10.68 24.32
#